data_6G7C
#
_entry.id   6G7C
#
_cell.length_a   70.034
_cell.length_b   202.076
_cell.length_c   139.013
_cell.angle_alpha   90.00
_cell.angle_beta   90.72
_cell.angle_gamma   90.00
#
_symmetry.space_group_name_H-M   'P 1 21 1'
#
_entity_poly.entity_id   1
_entity_poly.type   'polypeptide(L)'
_entity_poly.pdbx_seq_one_letter_code
;MGSSHHHHHHSGAPGVDVDSSNDRAWRQTQLKVAELLIERQPEVAVGYRLRRHAVWAGITAVPMSGAGNKTPLAPMSADM
VDEYRAAMNAPDQGLWQRIEQSLTLAPYWFEGHRLSAEVAEKLGFGAVAQAIAEELGTFLQRLPALRELAFSDGSPFLSP
ECSRWLQPAKGGSAGIGEAGLAEEVAQRHGEQGIAAALALLDERIAQLKEPRDRFHALLVQAELLAQEGMEALARQHYQH
LWQEASRLGLSHWEPGLVNRLESLAAPLSK
;
_entity_poly.pdbx_strand_id   A,B,G,H,C,D,I,J,E,F
#
# COMPACT_ATOMS: atom_id res chain seq x y z
N SER A 21 46.65 26.94 -20.45
CA SER A 21 48.08 26.99 -20.89
C SER A 21 49.05 27.62 -19.87
N ASN A 22 48.56 28.32 -18.84
CA ASN A 22 49.48 28.89 -17.84
C ASN A 22 49.95 27.80 -16.87
N ASP A 23 49.05 26.87 -16.52
CA ASP A 23 49.42 25.74 -15.66
C ASP A 23 50.39 24.78 -16.37
N ARG A 24 50.90 25.19 -17.54
CA ARG A 24 51.97 24.49 -18.22
C ARG A 24 53.18 24.79 -17.37
N ALA A 25 53.56 26.08 -17.32
CA ALA A 25 54.73 26.53 -16.56
C ALA A 25 54.63 26.04 -15.11
N TRP A 26 53.41 26.05 -14.57
CA TRP A 26 53.23 25.56 -13.21
C TRP A 26 53.59 24.09 -13.08
N ARG A 27 53.28 23.28 -14.08
CA ARG A 27 53.64 21.88 -14.01
C ARG A 27 55.16 21.75 -14.14
N GLN A 28 55.76 22.52 -15.06
CA GLN A 28 57.21 22.46 -15.28
C GLN A 28 57.96 22.89 -14.04
N THR A 29 57.47 23.95 -13.45
CA THR A 29 57.98 24.42 -12.19
C THR A 29 58.05 23.27 -11.18
N GLN A 30 56.92 22.57 -11.00
CA GLN A 30 56.83 21.46 -10.07
C GLN A 30 57.83 20.38 -10.43
N LEU A 31 58.27 20.35 -11.69
CA LEU A 31 59.22 19.32 -12.11
C LEU A 31 60.63 19.73 -11.84
N LYS A 32 60.97 20.95 -12.22
CA LYS A 32 62.32 21.45 -11.99
C LYS A 32 62.69 21.24 -10.55
N VAL A 33 61.79 21.65 -9.66
CA VAL A 33 62.01 21.51 -8.23
C VAL A 33 62.17 20.03 -7.82
N ALA A 34 61.44 19.16 -8.51
CA ALA A 34 61.54 17.73 -8.28
C ALA A 34 62.91 17.27 -8.73
N GLU A 35 63.27 17.63 -9.95
CA GLU A 35 64.60 17.32 -10.48
C GLU A 35 65.66 17.65 -9.41
N LEU A 36 65.61 18.89 -8.93
CA LEU A 36 66.53 19.42 -7.93
C LEU A 36 66.47 18.66 -6.63
N LEU A 37 65.30 18.60 -6.01
CA LEU A 37 65.12 17.88 -4.74
C LEU A 37 65.69 16.45 -4.69
N ILE A 38 65.87 15.87 -5.88
CA ILE A 38 66.40 14.51 -6.10
C ILE A 38 67.92 14.56 -6.39
N GLU A 39 68.32 15.57 -7.14
CA GLU A 39 69.73 15.83 -7.45
C GLU A 39 70.39 16.05 -6.11
N ARG A 40 69.85 16.98 -5.35
CA ARG A 40 70.39 17.28 -4.03
C ARG A 40 70.28 16.06 -3.09
N GLN A 41 69.22 15.29 -3.22
CA GLN A 41 69.03 14.13 -2.35
C GLN A 41 68.23 13.00 -3.04
N PRO A 42 68.92 12.12 -3.76
CA PRO A 42 68.26 10.99 -4.37
C PRO A 42 67.67 10.01 -3.35
N GLU A 43 68.16 10.02 -2.12
CA GLU A 43 67.63 9.15 -1.07
C GLU A 43 66.39 9.71 -0.31
N VAL A 44 65.80 10.81 -0.79
CA VAL A 44 64.67 11.43 -0.09
C VAL A 44 63.47 11.61 -0.99
N ALA A 45 62.36 11.09 -0.47
CA ALA A 45 61.08 10.98 -1.15
C ALA A 45 60.53 12.22 -1.83
N VAL A 46 60.21 13.23 -1.02
CA VAL A 46 59.53 14.41 -1.53
C VAL A 46 59.86 14.82 -2.98
N GLY A 47 61.12 14.79 -3.36
CA GLY A 47 61.47 15.24 -4.71
C GLY A 47 60.62 14.50 -5.72
N TYR A 48 60.68 13.17 -5.59
CA TYR A 48 59.97 12.23 -6.42
C TYR A 48 58.49 12.41 -6.27
N ARG A 49 58.06 12.70 -5.04
CA ARG A 49 56.64 12.89 -4.75
C ARG A 49 56.06 14.06 -5.45
N LEU A 50 56.83 15.14 -5.59
CA LEU A 50 56.37 16.33 -6.28
C LEU A 50 56.24 16.04 -7.78
N ARG A 51 57.18 15.25 -8.29
CA ARG A 51 57.18 14.84 -9.70
C ARG A 51 55.89 14.17 -10.12
N ARG A 52 55.30 13.44 -9.18
CA ARG A 52 54.02 12.82 -9.37
C ARG A 52 52.97 13.90 -9.51
N HIS A 53 52.85 14.78 -8.52
CA HIS A 53 51.82 15.80 -8.60
C HIS A 53 51.90 16.61 -9.92
N ALA A 54 53.07 16.73 -10.50
CA ALA A 54 53.22 17.47 -11.75
C ALA A 54 52.55 16.76 -12.91
N VAL A 55 52.44 15.44 -12.80
CA VAL A 55 51.93 14.54 -13.85
C VAL A 55 50.50 14.00 -13.70
N TRP A 56 50.04 13.83 -12.48
CA TRP A 56 48.72 13.25 -12.26
C TRP A 56 47.64 14.18 -11.72
N ALA A 57 48.01 15.35 -11.25
CA ALA A 57 47.01 16.26 -10.75
C ALA A 57 46.09 16.76 -11.87
N GLY A 58 46.64 17.07 -13.05
CA GLY A 58 45.82 17.52 -14.20
C GLY A 58 44.79 16.48 -14.67
N ILE A 59 45.09 15.22 -14.38
CA ILE A 59 44.21 14.09 -14.70
C ILE A 59 43.08 14.01 -13.70
N THR A 60 41.90 14.47 -14.14
CA THR A 60 40.63 14.52 -13.37
C THR A 60 39.68 13.28 -13.52
N ALA A 61 39.62 12.69 -14.72
CA ALA A 61 38.83 11.47 -15.00
C ALA A 61 39.46 10.65 -16.16
N VAL A 62 39.28 9.33 -16.09
CA VAL A 62 39.88 8.37 -17.05
C VAL A 62 39.61 8.63 -18.55
N PRO A 63 40.40 8.00 -19.45
CA PRO A 63 40.22 8.19 -20.91
C PRO A 63 39.23 7.22 -21.60
N MET A 64 38.66 7.68 -22.71
CA MET A 64 37.63 6.90 -23.38
C MET A 64 38.03 5.51 -23.86
N SER A 65 37.54 4.46 -23.21
CA SER A 65 37.88 3.10 -23.66
C SER A 65 37.07 2.68 -24.89
N GLY A 66 37.62 1.74 -25.64
CA GLY A 66 36.96 1.16 -26.80
C GLY A 66 37.01 -0.36 -26.76
N ALA A 67 36.97 -0.94 -27.96
CA ALA A 67 37.10 -2.39 -28.14
C ALA A 67 38.01 -3.09 -27.06
N GLY A 68 37.42 -3.56 -25.97
CA GLY A 68 38.20 -4.23 -24.96
C GLY A 68 39.11 -3.29 -24.19
N ASN A 69 38.53 -2.20 -23.67
CA ASN A 69 39.20 -1.21 -22.80
C ASN A 69 40.41 -0.51 -23.41
N LYS A 70 40.62 -0.67 -24.71
CA LYS A 70 41.72 -0.02 -25.36
C LYS A 70 41.40 1.47 -25.48
N THR A 71 42.25 2.26 -24.83
CA THR A 71 42.18 3.70 -24.82
C THR A 71 43.01 4.09 -25.99
N PRO A 72 42.65 5.16 -26.69
CA PRO A 72 43.35 5.54 -27.93
C PRO A 72 44.79 6.00 -27.78
N LEU A 73 45.37 5.80 -26.59
CA LEU A 73 46.73 6.20 -26.30
C LEU A 73 47.76 5.12 -26.61
N ALA A 74 48.85 5.55 -27.25
CA ALA A 74 49.98 4.67 -27.56
C ALA A 74 50.72 4.26 -26.24
N PRO A 75 51.59 3.23 -26.30
CA PRO A 75 52.31 2.78 -25.11
C PRO A 75 53.80 3.01 -25.21
N MET A 76 54.52 2.54 -24.21
CA MET A 76 55.97 2.70 -24.23
C MET A 76 56.61 1.73 -25.20
N SER A 77 57.30 2.26 -26.23
CA SER A 77 57.98 1.41 -27.26
C SER A 77 58.66 0.24 -26.57
N ALA A 78 58.10 -0.96 -26.76
CA ALA A 78 58.62 -2.18 -26.12
C ALA A 78 60.15 -2.29 -26.18
N ASP A 79 60.78 -1.83 -27.28
CA ASP A 79 62.25 -1.85 -27.40
C ASP A 79 62.85 -0.95 -26.32
N MET A 80 62.32 0.26 -26.24
CA MET A 80 62.79 1.22 -25.25
C MET A 80 62.63 0.59 -23.84
N VAL A 81 61.58 -0.21 -23.63
CA VAL A 81 61.37 -0.87 -22.34
C VAL A 81 62.29 -2.05 -22.15
N ASP A 82 62.47 -2.84 -23.20
CA ASP A 82 63.38 -3.99 -23.14
C ASP A 82 64.71 -3.49 -22.58
N GLU A 83 65.19 -2.41 -23.20
CA GLU A 83 66.44 -1.77 -22.80
C GLU A 83 66.51 -1.60 -21.26
N TYR A 84 65.42 -1.06 -20.66
CA TYR A 84 65.36 -0.84 -19.20
C TYR A 84 65.34 -2.14 -18.43
N ARG A 85 64.71 -3.15 -19.02
CA ARG A 85 64.66 -4.48 -18.45
C ARG A 85 66.05 -5.09 -18.54
N ALA A 86 66.77 -4.72 -19.60
CA ALA A 86 68.13 -5.21 -19.80
C ALA A 86 68.95 -4.79 -18.61
N ALA A 87 69.05 -3.47 -18.46
CA ALA A 87 69.87 -2.89 -17.44
C ALA A 87 69.55 -3.28 -16.00
N MET A 88 68.36 -3.78 -15.74
CA MET A 88 67.94 -4.08 -14.38
C MET A 88 68.89 -4.85 -13.45
N ASN A 89 69.69 -5.78 -13.96
CA ASN A 89 70.59 -6.53 -13.07
C ASN A 89 71.72 -5.64 -12.53
N ALA A 90 72.32 -4.82 -13.39
CA ALA A 90 73.39 -3.88 -13.02
C ALA A 90 72.80 -2.47 -13.11
N PRO A 91 72.23 -1.98 -11.98
CA PRO A 91 71.52 -0.71 -12.03
C PRO A 91 72.31 0.51 -11.51
N ASP A 92 72.26 1.59 -12.28
CA ASP A 92 72.94 2.80 -11.91
C ASP A 92 71.92 3.93 -11.75
N GLN A 93 72.42 5.06 -11.29
CA GLN A 93 71.65 6.27 -11.06
C GLN A 93 71.20 6.91 -12.39
N GLY A 94 71.97 6.66 -13.45
CA GLY A 94 71.67 7.21 -14.77
C GLY A 94 70.53 6.49 -15.43
N LEU A 95 70.38 5.22 -15.11
CA LEU A 95 69.27 4.40 -15.59
C LEU A 95 67.99 4.99 -15.00
N TRP A 96 67.97 4.99 -13.66
CA TRP A 96 66.88 5.48 -12.85
C TRP A 96 66.35 6.79 -13.34
N GLN A 97 67.21 7.67 -13.81
CA GLN A 97 66.78 8.97 -14.32
C GLN A 97 66.01 8.87 -15.62
N ARG A 98 66.37 7.91 -16.45
CA ARG A 98 65.70 7.78 -17.72
C ARG A 98 64.34 7.07 -17.56
N ILE A 99 64.23 6.12 -16.61
CA ILE A 99 62.95 5.45 -16.27
C ILE A 99 61.99 6.56 -15.86
N GLU A 100 62.37 7.27 -14.80
CA GLU A 100 61.60 8.38 -14.26
C GLU A 100 61.34 9.42 -15.30
N GLN A 101 62.34 9.84 -16.08
CA GLN A 101 62.02 10.85 -17.07
C GLN A 101 61.06 10.31 -18.13
N SER A 102 61.07 8.99 -18.37
CA SER A 102 60.11 8.39 -19.31
C SER A 102 58.75 8.42 -18.66
N LEU A 103 58.68 8.01 -17.39
CA LEU A 103 57.39 7.91 -16.72
C LEU A 103 56.80 9.25 -16.41
N THR A 104 57.54 10.25 -16.87
CA THR A 104 57.07 11.61 -16.84
C THR A 104 56.35 11.97 -18.10
N LEU A 105 56.74 11.35 -19.21
CA LEU A 105 56.08 11.61 -20.48
C LEU A 105 54.97 10.61 -20.86
N ALA A 106 54.90 9.50 -20.12
CA ALA A 106 53.90 8.43 -20.33
C ALA A 106 53.11 8.28 -19.04
N PRO A 107 52.23 9.24 -18.77
CA PRO A 107 51.56 9.32 -17.49
C PRO A 107 51.03 8.03 -16.91
N TYR A 108 50.33 7.22 -17.73
CA TYR A 108 49.66 6.02 -17.19
C TYR A 108 50.54 4.76 -17.17
N TRP A 109 51.75 4.83 -17.74
CA TRP A 109 52.67 3.69 -17.81
C TRP A 109 53.09 3.19 -16.45
N PHE A 110 52.20 2.52 -15.75
CA PHE A 110 52.51 2.19 -14.39
C PHE A 110 53.65 1.21 -14.28
N GLU A 111 53.99 0.48 -15.35
CA GLU A 111 55.10 -0.46 -15.20
C GLU A 111 56.38 0.32 -14.86
N GLY A 112 56.52 1.53 -15.40
CA GLY A 112 57.68 2.35 -15.10
C GLY A 112 57.81 2.61 -13.61
N HIS A 113 56.68 2.90 -12.97
CA HIS A 113 56.67 3.14 -11.53
C HIS A 113 57.04 1.83 -10.72
N ARG A 114 56.95 0.64 -11.32
CA ARG A 114 57.42 -0.55 -10.63
C ARG A 114 58.92 -0.61 -10.86
N LEU A 115 59.34 -0.35 -12.10
CA LEU A 115 60.76 -0.39 -12.46
C LEU A 115 61.58 0.62 -11.66
N SER A 116 60.96 1.74 -11.29
CA SER A 116 61.66 2.77 -10.54
C SER A 116 61.81 2.26 -9.12
N ALA A 117 60.75 1.71 -8.59
CA ALA A 117 60.83 1.18 -7.26
C ALA A 117 61.81 0.03 -7.16
N GLU A 118 61.92 -0.78 -8.21
CA GLU A 118 62.87 -1.91 -8.21
C GLU A 118 64.29 -1.32 -8.24
N VAL A 119 64.55 -0.43 -9.20
CA VAL A 119 65.83 0.27 -9.28
C VAL A 119 66.13 0.82 -7.90
N ALA A 120 65.25 1.65 -7.36
CA ALA A 120 65.47 2.21 -6.04
C ALA A 120 65.63 1.14 -4.93
N GLU A 121 64.90 0.03 -4.97
CA GLU A 121 65.02 -0.96 -3.89
C GLU A 121 66.38 -1.66 -3.85
N LYS A 122 66.99 -1.84 -5.03
CA LYS A 122 68.32 -2.47 -5.09
C LYS A 122 69.37 -1.45 -4.68
N LEU A 123 69.30 -0.24 -5.22
CA LEU A 123 70.27 0.84 -4.87
C LEU A 123 70.22 1.34 -3.39
N GLY A 124 69.58 0.59 -2.51
CA GLY A 124 69.50 0.95 -1.10
C GLY A 124 68.58 2.11 -0.73
N PHE A 125 67.79 2.62 -1.65
CA PHE A 125 66.86 3.71 -1.35
C PHE A 125 65.48 3.16 -1.01
N GLY A 126 65.46 2.41 0.11
CA GLY A 126 64.27 1.69 0.61
C GLY A 126 62.99 2.46 0.94
N ALA A 127 63.13 3.65 1.52
CA ALA A 127 61.96 4.43 1.80
C ALA A 127 61.49 5.20 0.55
N VAL A 128 62.34 5.36 -0.48
CA VAL A 128 61.93 6.02 -1.73
C VAL A 128 61.01 5.09 -2.52
N ALA A 129 61.38 3.83 -2.60
CA ALA A 129 60.56 2.89 -3.32
C ALA A 129 59.18 2.88 -2.70
N GLN A 130 59.17 2.82 -1.38
CA GLN A 130 57.92 2.79 -0.63
C GLN A 130 57.02 3.94 -1.06
N ALA A 131 57.61 5.12 -1.08
CA ALA A 131 56.93 6.31 -1.51
C ALA A 131 56.46 6.19 -2.96
N ILE A 132 57.39 5.91 -3.86
CA ILE A 132 57.05 5.73 -5.28
C ILE A 132 55.77 4.90 -5.50
N ALA A 133 55.57 3.93 -4.58
CA ALA A 133 54.43 3.05 -4.50
C ALA A 133 53.19 3.70 -3.87
N GLU A 134 53.37 4.26 -2.70
CA GLU A 134 52.24 4.86 -2.02
C GLU A 134 51.58 5.84 -3.00
N GLU A 135 52.39 6.68 -3.66
CA GLU A 135 51.87 7.73 -4.59
C GLU A 135 51.06 7.22 -5.77
N LEU A 136 51.47 6.08 -6.32
CA LEU A 136 50.67 5.40 -7.36
C LEU A 136 49.33 4.94 -6.69
N GLY A 137 49.48 4.17 -5.59
CA GLY A 137 48.35 3.65 -4.81
C GLY A 137 47.35 4.75 -4.59
N THR A 138 47.86 5.94 -4.33
CA THR A 138 47.02 7.08 -4.15
C THR A 138 46.27 7.34 -5.44
N PHE A 139 47.00 7.51 -6.54
CA PHE A 139 46.36 7.83 -7.82
C PHE A 139 45.34 6.83 -8.25
N LEU A 140 45.66 5.55 -8.07
CA LEU A 140 44.71 4.48 -8.41
C LEU A 140 43.47 4.56 -7.51
N GLN A 141 43.66 4.76 -6.21
CA GLN A 141 42.50 4.84 -5.36
C GLN A 141 41.62 6.03 -5.77
N ARG A 142 42.22 7.09 -6.30
CA ARG A 142 41.46 8.24 -6.77
C ARG A 142 40.60 7.90 -7.95
N LEU A 143 41.19 7.51 -9.07
CA LEU A 143 40.42 7.11 -10.25
C LEU A 143 40.61 5.62 -10.46
N PRO A 144 39.89 4.76 -9.69
CA PRO A 144 40.10 3.29 -9.76
C PRO A 144 39.80 2.66 -11.12
N ALA A 145 39.09 3.42 -11.96
CA ALA A 145 38.77 3.02 -13.34
C ALA A 145 40.01 2.69 -14.15
N LEU A 146 41.16 3.22 -13.74
CA LEU A 146 42.40 3.01 -14.47
C LEU A 146 42.86 1.57 -14.39
N ARG A 147 42.72 0.94 -13.22
CA ARG A 147 43.19 -0.43 -13.05
C ARG A 147 42.88 -1.34 -14.24
N GLU A 148 41.70 -1.17 -14.83
CA GLU A 148 41.24 -2.08 -15.88
C GLU A 148 41.55 -1.64 -17.29
N LEU A 149 41.84 -0.36 -17.52
CA LEU A 149 42.08 0.02 -18.91
C LEU A 149 43.40 -0.51 -19.48
N ALA A 150 43.62 -0.17 -20.74
CA ALA A 150 44.86 -0.50 -21.45
C ALA A 150 45.06 0.42 -22.69
N PHE A 151 46.27 0.35 -23.28
CA PHE A 151 46.69 1.24 -24.35
C PHE A 151 46.15 0.76 -25.63
N SER A 152 46.34 1.54 -26.71
CA SER A 152 45.82 1.22 -28.08
C SER A 152 46.17 -0.22 -28.46
N ASP A 153 47.43 -0.62 -28.27
CA ASP A 153 47.82 -1.98 -28.53
C ASP A 153 47.42 -2.96 -27.41
N GLY A 154 46.43 -2.67 -26.59
CA GLY A 154 45.99 -3.63 -25.57
C GLY A 154 46.94 -4.07 -24.44
N SER A 155 48.11 -3.43 -24.34
CA SER A 155 49.01 -3.68 -23.23
C SER A 155 48.41 -2.94 -22.03
N PRO A 156 48.32 -3.61 -20.87
CA PRO A 156 47.64 -3.06 -19.67
C PRO A 156 48.22 -1.82 -18.96
N PHE A 157 47.34 -0.96 -18.45
CA PHE A 157 47.79 0.20 -17.68
C PHE A 157 48.35 -0.40 -16.42
N LEU A 158 47.50 -0.98 -15.57
CA LEU A 158 48.01 -1.69 -14.42
C LEU A 158 48.27 -3.08 -14.97
N SER A 159 49.54 -3.44 -15.08
CA SER A 159 49.96 -4.72 -15.63
C SER A 159 49.94 -5.85 -14.59
N PRO A 160 50.16 -7.09 -15.06
CA PRO A 160 50.09 -8.22 -14.17
C PRO A 160 50.97 -8.09 -12.94
N GLU A 161 52.28 -8.01 -13.16
CA GLU A 161 53.24 -7.99 -12.05
C GLU A 161 53.16 -6.67 -11.24
N CYS A 162 52.56 -5.63 -11.82
CA CYS A 162 52.44 -4.34 -11.17
C CYS A 162 51.33 -4.31 -10.12
N SER A 163 50.26 -5.06 -10.35
CA SER A 163 49.19 -5.10 -9.36
C SER A 163 49.61 -6.00 -8.17
N ARG A 164 50.52 -6.93 -8.44
CA ARG A 164 51.06 -7.85 -7.42
C ARG A 164 51.95 -7.05 -6.49
N TRP A 165 52.70 -6.14 -7.12
CA TRP A 165 53.60 -5.16 -6.44
C TRP A 165 52.89 -4.31 -5.38
N LEU A 166 51.66 -3.87 -5.70
CA LEU A 166 50.86 -3.02 -4.82
C LEU A 166 49.80 -3.75 -3.94
N GLN A 167 49.96 -5.06 -3.68
CA GLN A 167 49.01 -5.84 -2.84
C GLN A 167 49.59 -6.11 -1.45
N GLY A 180 39.16 -8.01 4.90
CA GLY A 180 39.19 -9.37 5.45
C GLY A 180 38.66 -10.47 4.53
N LEU A 181 37.77 -10.15 3.58
CA LEU A 181 37.29 -11.17 2.67
C LEU A 181 37.76 -10.82 1.28
N ALA A 182 37.16 -9.86 0.57
CA ALA A 182 37.68 -9.51 -0.78
C ALA A 182 39.17 -9.22 -0.67
N GLU A 183 39.60 -8.96 0.57
CA GLU A 183 41.00 -8.84 0.95
C GLU A 183 41.61 -10.23 0.76
N GLU A 184 41.14 -11.19 1.55
CA GLU A 184 41.63 -12.56 1.57
C GLU A 184 41.36 -13.40 0.33
N VAL A 185 40.29 -13.10 -0.39
CA VAL A 185 39.88 -13.90 -1.53
C VAL A 185 40.56 -13.48 -2.81
N ALA A 186 40.54 -12.19 -3.16
CA ALA A 186 41.23 -11.76 -4.38
C ALA A 186 42.75 -11.89 -4.17
N GLN A 187 43.17 -12.06 -2.92
CA GLN A 187 44.56 -12.40 -2.59
C GLN A 187 44.81 -13.85 -3.08
N ARG A 188 43.91 -14.76 -2.70
CA ARG A 188 43.96 -16.16 -3.11
C ARG A 188 43.73 -16.34 -4.62
N HIS A 189 42.96 -15.46 -5.25
CA HIS A 189 42.73 -15.46 -6.71
C HIS A 189 44.01 -15.19 -7.51
N GLY A 190 44.91 -14.37 -6.98
CA GLY A 190 46.16 -14.10 -7.67
C GLY A 190 47.22 -15.17 -7.42
N GLU A 191 47.37 -15.60 -6.15
CA GLU A 191 48.35 -16.64 -5.75
C GLU A 191 48.02 -18.01 -6.36
N GLN A 192 46.91 -18.62 -5.95
CA GLN A 192 46.41 -19.82 -6.62
C GLN A 192 45.51 -19.27 -7.72
N GLY A 193 44.96 -20.14 -8.55
CA GLY A 193 44.07 -19.66 -9.62
C GLY A 193 42.69 -19.19 -9.14
N ILE A 194 41.76 -19.09 -10.09
CA ILE A 194 40.41 -18.70 -9.73
C ILE A 194 39.69 -19.77 -8.90
N ALA A 195 39.77 -21.02 -9.31
CA ALA A 195 39.07 -22.05 -8.58
C ALA A 195 39.45 -22.07 -7.08
N ALA A 196 40.71 -21.87 -6.76
CA ALA A 196 41.09 -21.89 -5.34
C ALA A 196 40.36 -20.82 -4.53
N ALA A 197 40.11 -19.70 -5.20
CA ALA A 197 39.40 -18.58 -4.61
C ALA A 197 37.94 -18.94 -4.41
N LEU A 198 37.31 -19.42 -5.47
CA LEU A 198 35.92 -19.88 -5.40
C LEU A 198 35.81 -20.96 -4.35
N ALA A 199 36.84 -21.77 -4.25
CA ALA A 199 36.85 -22.81 -3.25
C ALA A 199 36.80 -22.24 -1.86
N LEU A 200 37.56 -21.16 -1.63
CA LEU A 200 37.60 -20.50 -0.32
C LEU A 200 36.29 -19.80 -0.05
N LEU A 201 35.90 -18.94 -0.99
CA LEU A 201 34.67 -18.20 -0.86
C LEU A 201 33.64 -19.18 -0.31
N ASP A 202 33.58 -20.35 -0.92
CA ASP A 202 32.72 -21.43 -0.44
C ASP A 202 32.87 -21.69 1.07
N GLU A 203 34.05 -22.07 1.54
CA GLU A 203 34.21 -22.42 2.95
C GLU A 203 34.03 -21.24 3.92
N ARG A 204 33.96 -20.02 3.40
CA ARG A 204 33.66 -18.83 4.24
C ARG A 204 32.14 -18.76 4.48
N ILE A 205 31.38 -18.84 3.40
CA ILE A 205 29.94 -18.85 3.48
C ILE A 205 29.50 -19.87 4.52
N ALA A 206 30.10 -21.05 4.50
CA ALA A 206 29.83 -22.10 5.50
C ALA A 206 29.52 -21.53 6.90
N GLN A 207 30.15 -20.42 7.30
CA GLN A 207 29.78 -19.71 8.55
C GLN A 207 29.52 -18.22 8.27
N LEU A 208 28.30 -17.89 7.90
CA LEU A 208 27.91 -16.49 7.68
C LEU A 208 26.41 -16.45 7.92
N LYS A 209 26.09 -16.39 9.20
CA LYS A 209 24.73 -16.43 9.68
C LYS A 209 23.87 -15.27 9.14
N GLU A 210 24.27 -14.04 9.47
CA GLU A 210 23.50 -12.84 9.12
C GLU A 210 23.51 -12.49 7.64
N PRO A 211 22.32 -12.39 7.01
CA PRO A 211 22.17 -12.05 5.59
C PRO A 211 23.05 -10.93 5.05
N ARG A 212 23.42 -9.97 5.89
CA ARG A 212 24.36 -8.95 5.48
C ARG A 212 25.69 -9.63 5.04
N ASP A 213 26.22 -10.51 5.88
CA ASP A 213 27.47 -11.24 5.64
C ASP A 213 27.37 -11.99 4.32
N ARG A 214 26.29 -12.78 4.19
CA ARG A 214 26.00 -13.57 3.00
C ARG A 214 25.88 -12.70 1.78
N PHE A 215 25.19 -11.57 1.92
CA PHE A 215 25.02 -10.68 0.79
C PHE A 215 26.40 -10.24 0.29
N HIS A 216 27.28 -9.87 1.22
CA HIS A 216 28.65 -9.47 0.86
C HIS A 216 29.35 -10.63 0.18
N ALA A 217 29.26 -11.82 0.78
CA ALA A 217 29.89 -13.01 0.21
C ALA A 217 29.52 -13.21 -1.26
N LEU A 218 28.25 -13.03 -1.61
CA LEU A 218 27.85 -13.15 -3.03
C LEU A 218 28.33 -11.97 -3.85
N LEU A 219 28.54 -10.86 -3.15
CA LEU A 219 29.02 -9.66 -3.76
C LEU A 219 30.47 -9.85 -4.17
N VAL A 220 31.22 -10.58 -3.36
CA VAL A 220 32.61 -10.90 -3.67
C VAL A 220 32.62 -11.82 -4.88
N GLN A 221 31.85 -12.90 -4.80
CA GLN A 221 31.74 -13.86 -5.89
C GLN A 221 31.60 -13.11 -7.19
N ALA A 222 30.85 -12.02 -7.19
CA ALA A 222 30.67 -11.27 -8.41
C ALA A 222 31.95 -10.55 -8.81
N GLU A 223 32.55 -9.81 -7.87
CA GLU A 223 33.79 -9.05 -8.13
C GLU A 223 34.80 -10.00 -8.81
N LEU A 224 35.04 -11.10 -8.11
CA LEU A 224 35.96 -12.14 -8.54
C LEU A 224 35.69 -12.64 -9.97
N LEU A 225 34.43 -12.70 -10.38
CA LEU A 225 34.11 -13.16 -11.73
C LEU A 225 34.41 -12.08 -12.73
N ALA A 226 34.47 -10.83 -12.30
CA ALA A 226 34.84 -9.78 -13.24
C ALA A 226 36.37 -9.77 -13.31
N GLN A 227 37.02 -10.02 -12.16
CA GLN A 227 38.50 -10.12 -12.07
C GLN A 227 39.10 -11.30 -12.86
N GLU A 228 38.27 -12.27 -13.23
CA GLU A 228 38.69 -13.39 -14.04
C GLU A 228 38.35 -13.11 -15.50
N GLY A 229 37.54 -12.09 -15.78
CA GLY A 229 37.27 -11.70 -17.16
C GLY A 229 35.90 -11.96 -17.74
N MET A 230 35.00 -12.56 -16.96
CA MET A 230 33.62 -12.75 -17.41
C MET A 230 32.79 -11.60 -16.81
N GLU A 231 32.63 -10.59 -17.64
CA GLU A 231 31.96 -9.34 -17.30
C GLU A 231 30.45 -9.51 -17.17
N ALA A 232 29.84 -10.02 -18.23
CA ALA A 232 28.39 -10.22 -18.28
C ALA A 232 27.86 -11.18 -17.21
N LEU A 233 28.65 -12.18 -16.80
CA LEU A 233 28.17 -13.07 -15.75
C LEU A 233 28.14 -12.32 -14.42
N ALA A 234 29.12 -11.42 -14.21
CA ALA A 234 29.16 -10.62 -12.98
C ALA A 234 28.05 -9.54 -12.99
N ARG A 235 27.83 -8.92 -14.16
CA ARG A 235 26.77 -7.92 -14.36
C ARG A 235 25.46 -8.54 -13.92
N GLN A 236 25.16 -9.73 -14.46
CA GLN A 236 23.93 -10.47 -14.13
C GLN A 236 23.86 -10.74 -12.63
N HIS A 237 25.00 -10.98 -11.99
CA HIS A 237 25.02 -11.15 -10.54
C HIS A 237 24.82 -9.82 -9.84
N TYR A 238 25.32 -8.74 -10.38
CA TYR A 238 25.11 -7.41 -9.79
C TYR A 238 23.66 -6.93 -9.91
N GLN A 239 23.02 -7.25 -11.03
CA GLN A 239 21.63 -6.84 -11.31
C GLN A 239 20.74 -7.35 -10.20
N HIS A 240 20.76 -8.67 -9.97
CA HIS A 240 20.00 -9.33 -8.88
C HIS A 240 20.43 -8.89 -7.46
N LEU A 241 21.62 -8.31 -7.30
CA LEU A 241 22.12 -7.84 -6.00
C LEU A 241 21.59 -6.45 -5.56
N TRP A 242 21.44 -5.55 -6.52
CA TRP A 242 20.95 -4.20 -6.26
C TRP A 242 19.44 -4.20 -6.14
N GLN A 243 18.82 -5.00 -6.99
CA GLN A 243 17.38 -5.22 -6.98
C GLN A 243 17.00 -5.94 -5.68
N GLU A 244 17.95 -6.64 -5.07
CA GLU A 244 17.72 -7.32 -3.78
C GLU A 244 17.92 -6.34 -2.64
N ALA A 245 18.88 -5.43 -2.79
CA ALA A 245 19.13 -4.41 -1.78
C ALA A 245 17.96 -3.45 -1.76
N SER A 246 17.70 -2.80 -2.89
CA SER A 246 16.56 -1.90 -3.07
C SER A 246 15.28 -2.41 -2.40
N ARG A 247 14.96 -3.69 -2.60
CA ARG A 247 13.81 -4.37 -1.99
C ARG A 247 13.93 -4.62 -0.45
N LEU A 248 15.14 -4.63 0.09
CA LEU A 248 15.34 -4.76 1.55
C LEU A 248 15.35 -3.38 2.22
N GLY A 249 15.34 -2.34 1.36
CA GLY A 249 15.31 -0.91 1.75
C GLY A 249 16.63 -0.37 2.26
N LEU A 250 17.75 -0.90 1.77
CA LEU A 250 19.08 -0.51 2.24
C LEU A 250 19.45 0.90 1.84
N SER A 251 18.74 1.46 0.87
CA SER A 251 19.01 2.83 0.45
C SER A 251 19.01 3.80 1.64
N HIS A 252 18.20 3.55 2.68
CA HIS A 252 18.18 4.38 3.91
C HIS A 252 19.07 3.77 5.02
N TRP A 253 20.19 3.14 4.67
CA TRP A 253 20.99 2.46 5.70
C TRP A 253 22.45 2.13 5.31
N GLU A 254 22.67 1.74 4.07
CA GLU A 254 24.01 1.56 3.57
C GLU A 254 23.93 2.03 2.13
N PRO A 255 23.53 3.28 1.95
CA PRO A 255 23.33 3.87 0.63
C PRO A 255 24.58 3.88 -0.22
N GLY A 256 25.75 3.82 0.42
CA GLY A 256 27.00 3.77 -0.32
C GLY A 256 27.06 2.52 -1.16
N LEU A 257 26.84 1.40 -0.48
CA LEU A 257 26.86 0.07 -1.07
C LEU A 257 25.83 -0.10 -2.18
N VAL A 258 24.68 0.54 -2.02
CA VAL A 258 23.59 0.43 -2.99
C VAL A 258 23.84 1.30 -4.20
N ASN A 259 24.59 2.39 -4.03
CA ASN A 259 24.90 3.23 -5.18
C ASN A 259 26.13 2.70 -5.91
N ARG A 260 26.99 1.92 -5.24
CA ARG A 260 28.10 1.26 -5.94
C ARG A 260 27.43 0.19 -6.78
N LEU A 261 26.72 -0.72 -6.11
CA LEU A 261 25.99 -1.79 -6.77
C LEU A 261 25.20 -1.34 -7.99
N GLU A 262 24.62 -0.13 -7.91
CA GLU A 262 23.78 0.40 -8.98
C GLU A 262 24.56 0.60 -10.29
N SER A 263 25.70 1.28 -10.22
CA SER A 263 26.51 1.54 -11.41
C SER A 263 27.18 0.27 -11.96
N LEU A 264 27.73 -0.57 -11.07
CA LEU A 264 28.37 -1.84 -11.49
C LEU A 264 27.45 -2.67 -12.39
N ALA A 265 26.13 -2.40 -12.32
CA ALA A 265 25.16 -3.09 -13.15
C ALA A 265 24.77 -2.31 -14.44
N ALA A 266 25.60 -1.36 -14.87
CA ALA A 266 25.33 -0.61 -16.10
C ALA A 266 25.77 -1.43 -17.32
N ASP B 17 57.07 32.63 -9.95
CA ASP B 17 58.30 32.50 -9.09
C ASP B 17 59.45 31.96 -9.89
N VAL B 18 60.61 31.89 -9.25
CA VAL B 18 61.84 31.40 -9.87
C VAL B 18 62.47 30.33 -8.95
N ASP B 19 63.29 29.49 -9.54
CA ASP B 19 64.00 28.49 -8.77
C ASP B 19 65.39 29.01 -8.53
N SER B 20 65.98 28.62 -7.41
CA SER B 20 67.29 29.11 -7.11
C SER B 20 68.20 28.06 -6.46
N SER B 21 69.48 28.24 -6.73
CA SER B 21 70.56 27.45 -6.14
C SER B 21 71.50 28.51 -5.46
N ASN B 22 71.63 28.29 -4.16
CA ASN B 22 72.22 29.19 -3.13
C ASN B 22 71.32 28.90 -1.86
N ASP B 23 71.80 28.01 -1.01
CA ASP B 23 71.00 27.48 0.10
C ASP B 23 69.94 28.40 0.79
N ARG B 24 69.99 29.71 0.61
CA ARG B 24 68.98 30.62 1.20
C ARG B 24 67.80 30.62 0.25
N ALA B 25 68.04 31.12 -0.95
CA ALA B 25 66.99 31.22 -1.96
C ALA B 25 66.32 29.89 -2.31
N TRP B 26 67.01 28.78 -2.09
CA TRP B 26 66.43 27.46 -2.33
C TRP B 26 65.46 27.11 -1.19
N ARG B 27 65.76 27.54 0.05
CA ARG B 27 64.83 27.31 1.16
C ARG B 27 63.55 28.06 0.87
N GLN B 28 63.67 29.21 0.20
CA GLN B 28 62.50 29.99 -0.19
C GLN B 28 61.83 29.42 -1.38
N THR B 29 62.59 29.06 -2.40
CA THR B 29 61.99 28.52 -3.61
C THR B 29 61.05 27.41 -3.18
N GLN B 30 61.56 26.46 -2.39
CA GLN B 30 60.75 25.37 -1.85
C GLN B 30 59.47 25.87 -1.18
N LEU B 31 59.55 26.94 -0.40
CA LEU B 31 58.37 27.49 0.30
C LEU B 31 57.37 28.28 -0.56
N LYS B 32 57.82 29.08 -1.53
CA LYS B 32 56.87 29.79 -2.42
C LYS B 32 56.19 28.80 -3.40
N VAL B 33 56.57 27.52 -3.32
CA VAL B 33 55.92 26.44 -4.06
C VAL B 33 54.92 25.75 -3.13
N ALA B 34 55.44 25.18 -2.03
CA ALA B 34 54.65 24.46 -1.02
C ALA B 34 53.43 25.24 -0.55
N GLU B 35 53.56 26.57 -0.55
CA GLU B 35 52.44 27.41 -0.17
C GLU B 35 51.50 27.34 -1.33
N LEU B 36 51.97 27.61 -2.54
CA LEU B 36 51.12 27.56 -3.73
C LEU B 36 50.41 26.25 -3.97
N LEU B 37 51.05 25.15 -3.60
CA LEU B 37 50.42 23.82 -3.72
C LEU B 37 49.25 23.67 -2.78
N ILE B 38 49.49 24.02 -1.51
CA ILE B 38 48.51 23.91 -0.41
C ILE B 38 47.39 24.92 -0.53
N GLU B 39 47.70 26.01 -1.21
CA GLU B 39 46.74 26.99 -1.49
C GLU B 39 45.87 26.40 -2.57
N ARG B 40 46.44 25.98 -3.72
CA ARG B 40 45.61 25.44 -4.83
C ARG B 40 44.80 24.16 -4.54
N GLN B 41 45.36 23.19 -3.81
CA GLN B 41 44.66 21.92 -3.47
C GLN B 41 44.88 21.52 -2.01
N PRO B 42 44.28 22.22 -1.08
CA PRO B 42 44.49 21.99 0.35
C PRO B 42 44.21 20.58 0.89
N GLU B 43 43.49 19.75 0.15
CA GLU B 43 43.23 18.39 0.60
C GLU B 43 44.42 17.45 0.32
N VAL B 44 45.35 17.95 -0.50
CA VAL B 44 46.53 17.22 -1.00
C VAL B 44 47.77 17.32 -0.12
N ALA B 45 48.34 16.16 0.21
CA ALA B 45 49.46 16.09 1.14
C ALA B 45 50.80 16.62 0.63
N VAL B 46 51.17 16.34 -0.62
CA VAL B 46 52.51 16.77 -1.19
C VAL B 46 53.00 18.20 -0.87
N GLY B 47 52.15 19.24 -0.99
CA GLY B 47 52.55 20.61 -0.62
C GLY B 47 53.04 20.72 0.83
N TYR B 48 52.38 20.04 1.74
CA TYR B 48 52.75 20.05 3.15
C TYR B 48 54.09 19.37 3.39
N ARG B 49 54.34 18.28 2.68
CA ARG B 49 55.60 17.56 2.90
C ARG B 49 56.74 18.49 2.42
N LEU B 50 56.51 19.13 1.26
CA LEU B 50 57.49 20.03 0.66
C LEU B 50 57.80 21.12 1.62
N ARG B 51 56.82 21.52 2.41
CA ARG B 51 57.04 22.52 3.47
C ARG B 51 57.89 21.92 4.56
N ARG B 52 57.52 20.72 5.02
CA ARG B 52 58.32 20.05 6.06
C ARG B 52 59.79 19.92 5.66
N HIS B 53 60.07 19.76 4.37
CA HIS B 53 61.45 19.62 3.87
C HIS B 53 62.17 20.97 3.67
N ALA B 54 61.41 22.02 3.45
CA ALA B 54 61.99 23.35 3.30
C ALA B 54 62.56 23.79 4.64
N VAL B 55 61.99 23.25 5.71
CA VAL B 55 62.41 23.55 7.06
C VAL B 55 63.49 22.63 7.55
N TRP B 56 63.17 21.37 7.77
CA TRP B 56 64.10 20.42 8.41
C TRP B 56 65.30 19.83 7.61
N ALA B 57 65.35 20.05 6.29
CA ALA B 57 66.47 19.54 5.50
C ALA B 57 67.74 20.33 5.82
N GLY B 58 67.63 21.60 6.18
CA GLY B 58 68.81 22.36 6.57
C GLY B 58 69.49 21.69 7.77
N ILE B 59 68.68 21.39 8.77
CA ILE B 59 69.13 20.76 10.01
C ILE B 59 69.82 19.40 9.82
N THR B 60 71.14 19.43 9.90
CA THR B 60 71.97 18.25 9.71
C THR B 60 72.31 17.58 11.05
N ALA B 61 72.46 18.38 12.11
CA ALA B 61 72.76 17.84 13.45
C ALA B 61 72.00 18.60 14.55
N VAL B 62 71.56 17.83 15.54
CA VAL B 62 70.78 18.35 16.67
C VAL B 62 71.39 19.58 17.31
N PRO B 63 70.56 20.54 17.74
CA PRO B 63 71.16 21.69 18.39
C PRO B 63 71.74 21.28 19.74
N MET B 64 72.92 21.84 20.06
CA MET B 64 73.65 21.52 21.29
C MET B 64 72.82 21.78 22.53
N SER B 65 72.92 20.89 23.49
CA SER B 65 72.18 21.03 24.72
C SER B 65 73.16 21.45 25.82
N GLY B 66 72.66 21.52 27.05
CA GLY B 66 73.45 21.85 28.23
C GLY B 66 73.12 20.89 29.38
N ALA B 67 72.60 21.44 30.47
CA ALA B 67 72.21 20.67 31.67
C ALA B 67 70.70 20.51 31.74
N GLY B 68 70.25 19.29 32.06
CA GLY B 68 68.81 18.95 32.08
C GLY B 68 68.29 18.72 30.66
N ASN B 69 69.21 18.55 29.71
CA ASN B 69 68.94 18.35 28.29
C ASN B 69 68.12 19.50 27.69
N LYS B 70 68.55 20.72 27.96
CA LYS B 70 67.87 21.92 27.44
C LYS B 70 68.76 22.55 26.41
N THR B 71 68.18 23.45 25.66
CA THR B 71 68.90 24.09 24.59
C THR B 71 68.91 25.58 24.78
N PRO B 72 69.70 26.30 23.99
CA PRO B 72 69.72 27.76 24.04
C PRO B 72 68.61 28.38 23.20
N LEU B 73 67.45 27.72 23.16
CA LEU B 73 66.37 28.10 22.27
C LEU B 73 65.08 28.57 22.94
N ALA B 74 64.30 29.30 22.15
CA ALA B 74 63.04 29.90 22.56
C ALA B 74 61.86 28.95 22.47
N PRO B 75 61.17 28.65 23.61
CA PRO B 75 59.93 27.84 23.53
C PRO B 75 58.80 28.67 22.95
N MET B 76 57.78 28.02 22.39
CA MET B 76 56.67 28.78 21.80
C MET B 76 55.85 29.49 22.87
N SER B 77 55.60 30.79 22.58
CA SER B 77 54.80 31.71 23.40
C SER B 77 53.53 31.07 24.00
N ALA B 78 53.64 30.58 25.23
CA ALA B 78 52.52 29.93 25.92
C ALA B 78 51.19 30.62 25.66
N ASP B 79 51.20 31.96 25.66
CA ASP B 79 49.98 32.73 25.38
C ASP B 79 49.52 32.57 23.91
N MET B 80 50.47 32.50 22.97
CA MET B 80 50.15 32.26 21.56
C MET B 80 49.85 30.77 21.29
N VAL B 81 50.28 29.91 22.22
CA VAL B 81 49.99 28.47 22.17
C VAL B 81 48.62 28.18 22.76
N ASP B 82 48.30 28.86 23.85
CA ASP B 82 47.01 28.71 24.51
C ASP B 82 45.93 29.19 23.56
N GLU B 83 46.20 30.32 22.90
CA GLU B 83 45.28 30.96 21.97
C GLU B 83 44.81 30.01 20.89
N TYR B 84 45.69 29.13 20.44
CA TYR B 84 45.31 28.12 19.46
C TYR B 84 44.41 27.02 20.05
N ARG B 85 44.78 26.41 21.20
CA ARG B 85 43.91 25.37 21.81
C ARG B 85 42.48 25.82 22.08
N ALA B 86 42.31 27.12 22.24
CA ALA B 86 41.00 27.71 22.39
C ALA B 86 40.27 27.53 21.08
N ALA B 87 40.90 27.94 19.99
CA ALA B 87 40.30 27.83 18.66
C ALA B 87 40.14 26.40 18.12
N MET B 88 40.66 25.39 18.81
CA MET B 88 40.56 23.97 18.36
C MET B 88 39.13 23.44 18.19
N ASN B 89 38.31 23.62 19.22
CA ASN B 89 36.93 23.13 19.19
C ASN B 89 36.22 23.56 17.90
N ALA B 90 36.44 24.82 17.47
CA ALA B 90 35.82 25.39 16.27
C ALA B 90 36.91 25.82 15.28
N PRO B 91 37.36 24.90 14.38
CA PRO B 91 38.47 25.19 13.48
C PRO B 91 38.14 25.66 12.05
N ASP B 92 39.05 26.45 11.46
CA ASP B 92 38.92 26.90 10.06
C ASP B 92 40.29 26.96 9.33
N GLN B 93 40.20 27.24 8.01
CA GLN B 93 41.38 27.40 7.12
C GLN B 93 42.16 28.66 7.55
N GLY B 94 41.46 29.64 8.13
CA GLY B 94 42.12 30.77 8.73
C GLY B 94 43.11 30.29 9.79
N LEU B 95 42.61 29.58 10.82
CA LEU B 95 43.43 29.01 11.92
C LEU B 95 44.54 28.12 11.42
N TRP B 96 44.18 27.10 10.66
CA TRP B 96 45.20 26.20 10.14
C TRP B 96 46.32 26.97 9.41
N GLN B 97 45.96 27.93 8.55
CA GLN B 97 46.94 28.72 7.80
C GLN B 97 47.98 29.42 8.68
N ARG B 98 47.56 29.90 9.84
CA ARG B 98 48.44 30.59 10.78
C ARG B 98 49.00 29.64 11.87
N ILE B 99 48.62 28.37 11.88
CA ILE B 99 49.30 27.40 12.72
C ILE B 99 50.50 27.03 11.87
N GLU B 100 50.26 26.77 10.58
CA GLU B 100 51.35 26.47 9.64
C GLU B 100 52.47 27.52 9.65
N GLN B 101 52.12 28.81 9.67
CA GLN B 101 53.13 29.86 9.69
C GLN B 101 53.95 29.76 10.97
N SER B 102 53.35 29.26 12.06
CA SER B 102 54.09 29.04 13.34
C SER B 102 54.90 27.72 13.43
N LEU B 103 54.56 26.71 12.64
CA LEU B 103 55.32 25.44 12.59
C LEU B 103 56.65 25.67 11.87
N THR B 104 56.55 26.60 10.93
CA THR B 104 57.64 27.07 10.12
C THR B 104 58.69 27.72 11.00
N LEU B 105 58.41 28.93 11.46
CA LEU B 105 59.44 29.70 12.15
C LEU B 105 60.00 29.04 13.41
N ALA B 106 59.27 28.09 14.02
CA ALA B 106 59.73 27.41 15.22
C ALA B 106 59.85 25.90 14.99
N PRO B 107 60.81 25.51 14.16
CA PRO B 107 61.07 24.14 13.77
C PRO B 107 60.76 23.07 14.80
N TYR B 108 61.16 23.27 16.05
CA TYR B 108 61.02 22.22 17.04
C TYR B 108 59.73 22.23 17.84
N TRP B 109 58.78 23.06 17.40
CA TRP B 109 57.48 23.09 18.03
C TRP B 109 56.66 21.91 17.52
N PHE B 110 56.97 20.72 18.06
CA PHE B 110 56.33 19.49 17.61
C PHE B 110 54.88 19.34 18.04
N GLU B 111 54.51 19.95 19.18
CA GLU B 111 53.14 19.87 19.65
C GLU B 111 52.24 20.46 18.57
N GLY B 112 52.72 21.54 17.93
CA GLY B 112 52.01 22.25 16.86
C GLY B 112 51.65 21.38 15.67
N HIS B 113 52.54 20.46 15.35
CA HIS B 113 52.26 19.50 14.30
C HIS B 113 51.02 18.69 14.70
N ARG B 114 50.99 18.13 15.91
CA ARG B 114 49.79 17.42 16.34
C ARG B 114 48.60 18.36 16.13
N LEU B 115 48.70 19.61 16.56
CA LEU B 115 47.58 20.57 16.38
C LEU B 115 47.23 20.87 14.91
N SER B 116 48.22 21.01 14.05
CA SER B 116 47.96 21.26 12.63
C SER B 116 47.25 20.08 11.98
N ALA B 117 47.58 18.87 12.46
CA ALA B 117 46.98 17.61 11.99
C ALA B 117 45.60 17.36 12.59
N GLU B 118 45.42 17.72 13.84
CA GLU B 118 44.15 17.59 14.50
C GLU B 118 43.18 18.52 13.74
N VAL B 119 43.63 19.70 13.34
CA VAL B 119 42.82 20.62 12.54
C VAL B 119 42.54 20.06 11.16
N ALA B 120 43.54 19.44 10.54
CA ALA B 120 43.36 18.85 9.20
C ALA B 120 42.41 17.66 9.23
N GLU B 121 42.41 16.93 10.36
CA GLU B 121 41.54 15.77 10.57
C GLU B 121 40.09 16.28 10.77
N LYS B 122 39.90 17.27 11.63
CA LYS B 122 38.57 17.86 11.82
C LYS B 122 38.05 18.57 10.54
N LEU B 123 38.86 19.41 9.91
CA LEU B 123 38.44 20.05 8.65
C LEU B 123 38.08 19.07 7.57
N GLY B 124 38.56 17.84 7.69
CA GLY B 124 38.21 16.75 6.77
C GLY B 124 39.26 16.34 5.75
N PHE B 125 40.54 16.44 6.07
CA PHE B 125 41.57 15.96 5.15
C PHE B 125 42.47 15.07 5.99
N GLY B 126 41.92 13.94 6.41
CA GLY B 126 42.65 12.95 7.19
C GLY B 126 43.84 12.36 6.42
N ALA B 127 43.82 12.60 5.10
CA ALA B 127 44.92 12.26 4.23
C ALA B 127 46.15 13.04 4.73
N VAL B 128 45.94 14.35 4.85
CA VAL B 128 47.00 15.24 5.29
C VAL B 128 47.39 14.89 6.70
N ALA B 129 46.44 14.84 7.58
CA ALA B 129 46.74 14.52 8.97
C ALA B 129 47.67 13.31 9.16
N GLN B 130 47.46 12.26 8.39
CA GLN B 130 48.32 11.08 8.51
C GLN B 130 49.71 11.39 7.93
N ALA B 131 49.75 12.21 6.86
CA ALA B 131 51.02 12.63 6.22
C ALA B 131 51.88 13.39 7.24
N ILE B 132 51.32 14.45 7.79
CA ILE B 132 52.03 15.21 8.82
C ILE B 132 52.80 14.31 9.79
N ALA B 133 52.07 13.43 10.47
CA ALA B 133 52.62 12.48 11.45
C ALA B 133 53.75 11.64 10.93
N GLU B 134 53.66 11.23 9.67
CA GLU B 134 54.72 10.44 9.09
C GLU B 134 55.97 11.33 8.81
N GLU B 135 55.75 12.52 8.25
CA GLU B 135 56.85 13.43 7.94
C GLU B 135 57.62 13.76 9.17
N LEU B 136 56.89 13.93 10.28
CA LEU B 136 57.51 14.22 11.56
C LEU B 136 58.30 13.01 12.06
N GLY B 137 57.76 11.82 11.85
CA GLY B 137 58.45 10.59 12.24
C GLY B 137 59.76 10.42 11.49
N THR B 138 59.79 10.90 10.24
CA THR B 138 60.99 10.87 9.38
C THR B 138 62.09 11.74 9.99
N PHE B 139 61.75 12.98 10.25
CA PHE B 139 62.66 13.91 10.87
C PHE B 139 63.08 13.45 12.28
N LEU B 140 62.30 12.60 12.94
CA LEU B 140 62.70 12.04 14.23
C LEU B 140 63.67 10.89 14.00
N GLN B 141 63.27 9.97 13.12
CA GLN B 141 64.09 8.80 12.75
C GLN B 141 65.50 9.24 12.30
N ARG B 142 65.57 10.37 11.60
CA ARG B 142 66.86 10.93 11.17
C ARG B 142 67.76 11.38 12.36
N LEU B 143 67.25 12.21 13.25
CA LEU B 143 68.03 12.74 14.38
C LEU B 143 67.29 12.35 15.66
N PRO B 144 67.33 11.06 16.03
CA PRO B 144 66.60 10.47 17.17
C PRO B 144 66.70 11.21 18.50
N ALA B 145 67.83 11.87 18.73
CA ALA B 145 68.05 12.62 19.96
C ALA B 145 67.03 13.74 20.23
N LEU B 146 66.34 14.22 19.20
CA LEU B 146 65.35 15.27 19.38
C LEU B 146 64.21 14.85 20.33
N ARG B 147 64.04 13.55 20.56
CA ARG B 147 63.03 13.01 21.49
C ARG B 147 63.35 13.25 22.97
N GLU B 148 64.62 13.54 23.25
CA GLU B 148 65.10 13.77 24.60
C GLU B 148 65.44 15.22 24.90
N LEU B 149 65.37 16.12 23.91
CA LEU B 149 65.73 17.52 24.16
C LEU B 149 64.54 18.37 24.62
N ALA B 150 64.86 19.59 25.07
CA ALA B 150 63.88 20.58 25.58
C ALA B 150 64.34 22.04 25.37
N PHE B 151 63.39 22.96 25.32
CA PHE B 151 63.70 24.39 25.11
C PHE B 151 64.26 24.99 26.39
N SER B 152 64.80 26.21 26.29
CA SER B 152 65.44 26.90 27.43
C SER B 152 64.66 26.71 28.73
N ASP B 153 63.37 27.07 28.71
CA ASP B 153 62.52 26.97 29.93
C ASP B 153 62.21 25.54 30.41
N GLY B 154 62.74 24.51 29.76
CA GLY B 154 62.49 23.13 30.16
C GLY B 154 61.28 22.47 29.48
N SER B 155 60.42 23.25 28.83
CA SER B 155 59.24 22.70 28.13
C SER B 155 59.77 21.84 26.98
N PRO B 156 59.53 20.51 27.02
CA PRO B 156 60.13 19.61 26.00
C PRO B 156 59.77 19.86 24.52
N PHE B 157 60.58 19.23 23.64
CA PHE B 157 60.40 19.27 22.18
C PHE B 157 59.26 18.34 21.85
N LEU B 158 59.39 17.12 22.35
CA LEU B 158 58.42 16.08 22.14
C LEU B 158 57.87 15.62 23.48
N SER B 159 56.58 15.86 23.72
CA SER B 159 55.91 15.46 24.97
C SER B 159 55.29 14.05 24.88
N PRO B 160 54.96 13.42 26.03
CA PRO B 160 54.28 12.12 25.95
C PRO B 160 53.01 12.22 25.11
N GLU B 161 52.26 13.31 25.33
CA GLU B 161 51.02 13.66 24.58
C GLU B 161 51.23 13.59 23.05
N CYS B 162 52.26 14.28 22.61
CA CYS B 162 52.62 14.39 21.21
C CYS B 162 53.37 13.15 20.71
N SER B 163 53.57 12.16 21.56
CA SER B 163 54.36 11.02 21.17
C SER B 163 53.46 9.83 20.92
N ARG B 164 52.42 9.65 21.74
CA ARG B 164 51.54 8.47 21.60
C ARG B 164 50.91 8.28 20.20
N TRP B 165 50.50 9.40 19.58
CA TRP B 165 49.87 9.39 18.25
C TRP B 165 50.88 8.96 17.16
N LEU B 166 52.16 8.81 17.53
CA LEU B 166 53.22 8.33 16.64
C LEU B 166 53.74 6.93 17.08
N GLY B 180 36.14 -0.67 16.48
CA GLY B 180 36.64 0.55 15.82
C GLY B 180 36.41 1.82 16.64
N LEU B 181 35.17 1.98 17.14
CA LEU B 181 34.74 3.15 17.93
C LEU B 181 34.36 2.84 19.39
N ALA B 182 33.63 1.75 19.64
CA ALA B 182 33.32 1.29 21.02
C ALA B 182 34.63 0.76 21.62
N GLU B 183 35.53 0.40 20.70
CA GLU B 183 36.91 0.02 20.99
C GLU B 183 37.61 1.29 21.50
N GLU B 184 37.66 2.28 20.62
CA GLU B 184 38.32 3.56 20.88
C GLU B 184 37.77 4.34 22.07
N VAL B 185 36.52 4.76 21.96
CA VAL B 185 35.87 5.59 22.97
C VAL B 185 35.79 4.96 24.37
N ALA B 186 35.39 3.69 24.47
CA ALA B 186 35.25 3.04 25.78
C ALA B 186 36.47 3.25 26.69
N GLN B 187 37.66 3.32 26.10
CA GLN B 187 38.86 3.59 26.89
C GLN B 187 39.06 5.09 27.17
N ARG B 188 38.69 5.95 26.23
CA ARG B 188 38.75 7.40 26.43
C ARG B 188 37.94 7.84 27.68
N HIS B 189 36.91 7.05 28.04
CA HIS B 189 36.12 7.25 29.29
C HIS B 189 36.94 6.76 30.50
N GLY B 190 37.66 5.65 30.34
CA GLY B 190 38.50 5.08 31.40
C GLY B 190 39.70 5.93 31.84
N GLU B 191 40.13 6.87 30.98
CA GLU B 191 41.28 7.76 31.26
C GLU B 191 40.88 9.21 31.61
N GLN B 192 39.77 9.70 31.05
CA GLN B 192 39.18 10.99 31.48
C GLN B 192 37.85 10.60 32.17
N GLY B 193 36.88 11.51 32.16
CA GLY B 193 35.54 11.20 32.64
C GLY B 193 34.66 10.95 31.43
N ILE B 194 33.39 10.75 31.70
CA ILE B 194 32.44 10.56 30.64
C ILE B 194 32.41 11.71 29.61
N ALA B 195 32.61 12.94 30.10
CA ALA B 195 32.57 14.15 29.27
C ALA B 195 33.54 14.16 28.09
N ALA B 196 34.71 13.56 28.28
CA ALA B 196 35.74 13.50 27.24
C ALA B 196 35.40 12.45 26.20
N ALA B 197 34.76 11.37 26.64
CA ALA B 197 34.32 10.32 25.75
C ALA B 197 33.30 10.91 24.76
N LEU B 198 32.30 11.59 25.30
CA LEU B 198 31.26 12.26 24.51
C LEU B 198 31.87 13.26 23.52
N ALA B 199 32.83 14.03 24.01
CA ALA B 199 33.52 15.01 23.20
C ALA B 199 34.20 14.30 22.05
N LEU B 200 34.84 13.16 22.34
CA LEU B 200 35.52 12.37 21.31
C LEU B 200 34.51 12.06 20.22
N LEU B 201 33.40 11.49 20.64
CA LEU B 201 32.37 11.07 19.73
C LEU B 201 31.87 12.20 18.79
N ASP B 202 31.90 13.46 19.24
CA ASP B 202 31.47 14.58 18.38
C ASP B 202 32.31 14.72 17.12
N GLU B 203 33.66 14.69 17.26
CA GLU B 203 34.54 14.83 16.09
C GLU B 203 34.44 13.60 15.17
N ARG B 204 34.00 12.46 15.72
CA ARG B 204 33.79 11.23 14.94
C ARG B 204 32.52 11.29 14.08
N ILE B 205 31.36 11.46 14.71
CA ILE B 205 30.10 11.53 13.97
C ILE B 205 30.09 12.72 13.04
N ALA B 206 30.91 13.71 13.36
CA ALA B 206 31.04 14.86 12.50
C ALA B 206 31.47 14.41 11.12
N GLN B 207 32.31 13.38 11.08
CA GLN B 207 32.87 12.91 9.82
C GLN B 207 32.38 11.50 9.41
N LEU B 208 31.06 11.28 9.40
CA LEU B 208 30.46 9.99 8.99
C LEU B 208 29.22 10.23 8.15
N LYS B 209 29.27 10.01 6.83
CA LYS B 209 28.08 10.26 5.95
C LYS B 209 27.07 9.10 5.85
N GLU B 210 27.52 7.87 6.17
CA GLU B 210 26.65 6.69 6.12
C GLU B 210 25.85 6.55 7.42
N PRO B 211 24.52 6.44 7.27
CA PRO B 211 23.58 6.33 8.40
C PRO B 211 23.73 5.11 9.29
N ARG B 212 24.35 4.05 8.81
CA ARG B 212 24.56 2.90 9.66
C ARG B 212 25.76 3.15 10.60
N ASP B 213 26.71 3.98 10.17
CA ASP B 213 27.86 4.30 11.00
C ASP B 213 27.39 5.29 12.08
N ARG B 214 26.59 6.27 11.66
CA ARG B 214 26.02 7.25 12.58
C ARG B 214 25.21 6.50 13.62
N PHE B 215 24.33 5.61 13.16
CA PHE B 215 23.51 4.77 14.04
C PHE B 215 24.40 4.03 15.05
N HIS B 216 25.49 3.42 14.56
CA HIS B 216 26.40 2.70 15.45
C HIS B 216 26.98 3.67 16.46
N ALA B 217 27.29 4.88 16.00
CA ALA B 217 27.83 5.91 16.88
C ALA B 217 26.84 6.29 17.97
N LEU B 218 25.60 6.54 17.56
CA LEU B 218 24.52 6.89 18.48
C LEU B 218 24.34 5.75 19.47
N LEU B 219 24.50 4.54 18.97
CA LEU B 219 24.42 3.37 19.81
C LEU B 219 25.47 3.49 20.89
N VAL B 220 26.71 3.74 20.48
CA VAL B 220 27.82 3.84 21.42
C VAL B 220 27.57 4.87 22.51
N GLN B 221 26.95 5.99 22.14
CA GLN B 221 26.63 7.01 23.13
C GLN B 221 25.79 6.36 24.23
N ALA B 222 24.89 5.47 23.83
CA ALA B 222 24.03 4.79 24.78
C ALA B 222 24.81 3.83 25.66
N GLU B 223 25.64 3.02 25.01
CA GLU B 223 26.48 2.03 25.68
C GLU B 223 27.31 2.73 26.76
N LEU B 224 27.73 3.95 26.42
CA LEU B 224 28.53 4.80 27.30
C LEU B 224 27.77 5.22 28.59
N LEU B 225 26.58 5.78 28.43
CA LEU B 225 25.77 6.25 29.57
C LEU B 225 25.49 5.11 30.56
N ALA B 226 25.15 3.94 30.03
CA ALA B 226 24.84 2.79 30.88
C ALA B 226 26.04 2.38 31.71
N GLN B 227 27.22 2.38 31.06
CA GLN B 227 28.49 2.03 31.71
C GLN B 227 28.83 3.05 32.79
N GLU B 228 28.53 4.34 32.54
CA GLU B 228 28.76 5.41 33.52
C GLU B 228 27.87 5.18 34.76
N GLY B 229 26.70 4.60 34.52
CA GLY B 229 25.73 4.28 35.59
C GLY B 229 24.34 4.90 35.39
N MET B 230 24.17 5.70 34.33
CA MET B 230 22.89 6.35 34.03
C MET B 230 21.98 5.36 33.28
N GLU B 231 21.56 4.30 33.97
CA GLU B 231 20.80 3.16 33.39
C GLU B 231 19.38 3.46 32.89
N ALA B 232 18.79 4.55 33.37
CA ALA B 232 17.45 4.95 32.96
C ALA B 232 17.47 5.76 31.67
N LEU B 233 18.43 6.68 31.55
CA LEU B 233 18.51 7.55 30.36
C LEU B 233 19.03 6.84 29.09
N ALA B 234 19.51 5.60 29.27
CA ALA B 234 19.99 4.80 28.15
C ALA B 234 18.85 3.99 27.53
N ARG B 235 18.04 3.32 28.35
CA ARG B 235 16.89 2.56 27.84
C ARG B 235 16.12 3.37 26.83
N GLN B 236 15.84 4.63 27.14
CA GLN B 236 15.11 5.53 26.23
C GLN B 236 15.85 5.70 24.89
N HIS B 237 17.19 5.64 24.92
CA HIS B 237 17.97 5.66 23.69
C HIS B 237 17.88 4.29 23.01
N TYR B 238 18.16 3.23 23.76
CA TYR B 238 18.03 1.87 23.24
C TYR B 238 16.64 1.64 22.62
N GLN B 239 15.61 2.25 23.21
CA GLN B 239 14.22 2.12 22.74
C GLN B 239 14.04 2.88 21.43
N HIS B 240 14.51 4.12 21.36
CA HIS B 240 14.44 4.89 20.11
C HIS B 240 15.27 4.21 19.01
N LEU B 241 16.16 3.28 19.38
CA LEU B 241 16.93 2.47 18.41
C LEU B 241 16.14 1.21 17.96
N TRP B 242 15.79 0.35 18.92
CA TRP B 242 14.97 -0.83 18.64
C TRP B 242 13.76 -0.46 17.75
N GLN B 243 13.12 0.66 18.06
CA GLN B 243 11.92 1.20 17.34
C GLN B 243 12.29 2.02 16.07
N GLU B 244 13.58 2.06 15.75
CA GLU B 244 14.12 2.72 14.58
C GLU B 244 14.77 1.68 13.66
N ALA B 245 15.26 0.61 14.27
CA ALA B 245 15.84 -0.49 13.51
C ALA B 245 14.65 -1.23 12.95
N SER B 246 13.86 -1.79 13.86
CA SER B 246 12.66 -2.51 13.50
C SER B 246 12.00 -1.83 12.30
N ARG B 247 11.83 -0.51 12.38
CA ARG B 247 11.26 0.32 11.32
C ARG B 247 11.91 0.08 9.93
N LEU B 248 13.23 0.03 9.86
CA LEU B 248 13.97 -0.11 8.58
C LEU B 248 14.08 -1.52 7.96
N GLY B 249 13.73 -2.53 8.73
CA GLY B 249 13.76 -3.93 8.29
C GLY B 249 15.06 -4.62 8.59
N LEU B 250 15.78 -4.12 9.59
CA LEU B 250 17.07 -4.68 10.01
C LEU B 250 16.85 -5.91 10.87
N SER B 251 15.64 -6.43 10.73
CA SER B 251 15.27 -7.70 11.27
C SER B 251 15.53 -8.71 10.14
N HIS B 252 15.35 -8.28 8.88
CA HIS B 252 15.59 -9.14 7.69
C HIS B 252 17.02 -8.99 7.16
N TRP B 253 18.01 -8.87 8.05
CA TRP B 253 19.40 -8.53 7.67
C TRP B 253 20.09 -8.03 8.94
N GLU B 254 21.25 -8.54 9.27
CA GLU B 254 21.91 -8.06 10.48
C GLU B 254 20.95 -8.09 11.70
N PRO B 255 20.25 -9.23 11.91
CA PRO B 255 19.32 -9.32 13.01
C PRO B 255 19.94 -9.73 14.36
N GLY B 256 21.27 -9.82 14.43
CA GLY B 256 21.91 -10.06 15.71
C GLY B 256 21.81 -8.77 16.51
N LEU B 257 21.71 -7.66 15.78
CA LEU B 257 21.57 -6.32 16.35
C LEU B 257 20.17 -6.17 17.00
N VAL B 258 19.15 -6.41 16.18
CA VAL B 258 17.76 -6.31 16.62
C VAL B 258 17.53 -7.15 17.89
N ASN B 259 17.90 -8.44 17.86
CA ASN B 259 17.71 -9.30 19.02
C ASN B 259 18.43 -8.89 20.30
N ARG B 260 19.54 -8.18 20.17
CA ARG B 260 20.27 -7.69 21.35
C ARG B 260 19.73 -6.33 21.80
N LEU B 261 19.28 -5.49 20.87
CA LEU B 261 18.66 -4.23 21.26
C LEU B 261 17.43 -4.52 22.13
N GLU B 262 16.61 -5.45 21.67
CA GLU B 262 15.38 -5.83 22.37
C GLU B 262 15.65 -6.12 23.84
N SER B 263 16.66 -6.94 24.14
CA SER B 263 16.98 -7.25 25.52
C SER B 263 17.54 -6.04 26.31
N LEU B 264 17.26 -4.82 25.83
CA LEU B 264 17.59 -3.57 26.51
C LEU B 264 16.34 -2.67 26.44
N ALA B 265 15.34 -3.00 27.27
CA ALA B 265 14.06 -2.26 27.31
C ALA B 265 13.31 -2.20 28.67
N ALA B 266 12.94 -3.39 29.18
CA ALA B 266 12.16 -3.52 30.43
C ALA B 266 12.87 -2.93 31.65
N ARG C 24 30.70 63.72 35.76
CA ARG C 24 30.65 63.82 34.26
C ARG C 24 31.74 62.97 33.60
N ALA C 25 33.02 63.25 33.89
CA ALA C 25 34.14 62.47 33.34
C ALA C 25 34.19 61.08 33.95
N TRP C 26 33.96 60.97 35.26
CA TRP C 26 33.91 59.67 35.97
C TRP C 26 32.70 58.82 35.56
N ARG C 27 31.63 59.50 35.12
CA ARG C 27 30.44 58.82 34.62
C ARG C 27 30.78 58.33 33.21
N GLN C 28 31.33 59.23 32.39
CA GLN C 28 31.70 58.96 30.97
C GLN C 28 33.02 58.21 30.76
N THR C 29 33.75 57.99 31.85
CA THR C 29 34.93 57.12 31.84
C THR C 29 34.40 55.69 31.93
N GLN C 30 33.41 55.49 32.81
CA GLN C 30 32.76 54.19 33.00
C GLN C 30 32.10 53.72 31.71
N LEU C 31 31.62 54.66 30.88
CA LEU C 31 30.95 54.38 29.61
C LEU C 31 31.88 54.00 28.47
N LYS C 32 33.09 54.57 28.45
CA LYS C 32 34.06 54.21 27.41
C LYS C 32 34.69 52.87 27.73
N VAL C 33 34.87 52.57 29.01
CA VAL C 33 35.39 51.25 29.45
C VAL C 33 34.29 50.17 29.21
N ALA C 34 33.02 50.58 29.26
CA ALA C 34 31.90 49.69 29.01
C ALA C 34 31.75 49.44 27.53
N GLU C 35 31.99 50.47 26.71
CA GLU C 35 31.88 50.32 25.25
C GLU C 35 32.95 49.38 24.72
N LEU C 36 34.15 49.41 25.30
CA LEU C 36 35.25 48.52 24.90
C LEU C 36 34.98 47.08 25.35
N LEU C 37 34.63 46.87 26.62
CA LEU C 37 34.30 45.51 27.07
C LEU C 37 33.14 44.88 26.27
N ILE C 38 32.46 45.67 25.43
CA ILE C 38 31.38 45.23 24.53
C ILE C 38 31.82 45.20 23.05
N GLU C 39 32.73 46.11 22.67
CA GLU C 39 33.23 46.17 21.29
C GLU C 39 34.12 44.97 21.03
N ARG C 40 35.12 44.80 21.89
CA ARG C 40 36.07 43.69 21.81
C ARG C 40 35.51 42.38 22.44
N GLN C 41 34.32 42.43 23.05
CA GLN C 41 33.67 41.23 23.64
C GLN C 41 32.14 41.35 23.88
N PRO C 42 31.32 41.31 22.82
CA PRO C 42 29.88 41.45 23.02
C PRO C 42 29.22 40.30 23.78
N GLU C 43 29.78 39.10 23.72
CA GLU C 43 29.18 37.96 24.42
C GLU C 43 29.35 38.07 25.93
N VAL C 44 30.20 39.00 26.37
CA VAL C 44 30.55 39.18 27.79
C VAL C 44 29.59 40.01 28.65
N ALA C 45 29.21 39.40 29.77
CA ALA C 45 28.25 39.95 30.72
C ALA C 45 28.69 41.24 31.44
N VAL C 46 29.81 41.17 32.15
CA VAL C 46 30.36 42.27 33.00
C VAL C 46 30.54 43.68 32.34
N GLY C 47 30.73 43.75 31.03
CA GLY C 47 30.87 45.04 30.37
C GLY C 47 29.55 45.77 30.29
N TYR C 48 28.44 45.02 30.27
CA TYR C 48 27.09 45.62 30.19
C TYR C 48 26.72 46.13 31.55
N ARG C 49 27.05 45.36 32.58
CA ARG C 49 26.80 45.77 33.95
C ARG C 49 27.37 47.14 34.28
N LEU C 50 28.54 47.45 33.72
CA LEU C 50 29.20 48.73 33.96
C LEU C 50 28.41 49.90 33.35
N ARG C 51 27.83 49.68 32.17
CA ARG C 51 27.04 50.70 31.48
C ARG C 51 25.83 51.17 32.31
N ARG C 52 25.22 50.22 33.05
CA ARG C 52 24.10 50.48 33.96
C ARG C 52 24.55 51.39 35.11
N HIS C 53 25.59 50.96 35.81
CA HIS C 53 26.14 51.72 36.94
C HIS C 53 26.56 53.12 36.49
N ALA C 54 26.85 53.30 35.20
CA ALA C 54 27.17 54.63 34.70
C ALA C 54 25.88 55.44 34.55
N VAL C 55 24.87 54.76 34.03
CA VAL C 55 23.56 55.37 33.75
C VAL C 55 22.68 55.59 35.02
N TRP C 56 22.69 54.62 35.95
CA TRP C 56 21.79 54.70 37.13
C TRP C 56 22.35 54.98 38.53
N ALA C 57 23.64 54.81 38.78
CA ALA C 57 24.17 55.03 40.15
C ALA C 57 24.07 56.49 40.67
N GLY C 58 24.14 57.47 39.76
CA GLY C 58 24.02 58.91 40.08
C GLY C 58 22.58 59.42 39.98
N ILE C 59 21.68 58.58 40.50
CA ILE C 59 20.22 58.79 40.59
C ILE C 59 19.80 58.05 41.86
N THR C 60 19.68 58.81 42.96
CA THR C 60 19.24 58.30 44.27
C THR C 60 17.80 58.73 44.60
N ALA C 61 17.39 59.91 44.11
CA ALA C 61 16.03 60.42 44.31
C ALA C 61 15.20 60.27 43.02
N VAL C 62 14.14 59.47 43.09
CA VAL C 62 13.26 59.29 41.94
C VAL C 62 12.62 60.63 41.56
N PRO C 63 12.24 60.81 40.29
CA PRO C 63 11.70 62.11 39.79
C PRO C 63 10.40 62.66 40.44
N MET C 64 10.19 63.97 40.30
CA MET C 64 9.00 64.67 40.83
C MET C 64 7.78 64.24 39.99
N SER C 65 6.69 63.83 40.66
CA SER C 65 5.48 63.35 39.96
C SER C 65 4.19 64.09 40.36
N GLY C 66 3.07 63.74 39.71
CA GLY C 66 1.76 64.36 39.95
C GLY C 66 0.57 63.41 39.91
N ALA C 67 -0.59 63.91 39.48
CA ALA C 67 -1.82 63.13 39.43
C ALA C 67 -1.74 61.95 38.45
N GLY C 68 -1.65 60.75 39.01
CA GLY C 68 -1.49 59.51 38.23
C GLY C 68 -0.02 59.07 38.22
N ASN C 69 0.76 59.55 39.19
CA ASN C 69 2.20 59.30 39.31
C ASN C 69 3.00 59.64 38.01
N LYS C 70 2.59 60.72 37.33
CA LYS C 70 3.22 61.16 36.08
C LYS C 70 4.33 62.20 36.30
N THR C 71 5.52 61.92 35.75
CA THR C 71 6.67 62.81 35.85
C THR C 71 6.71 63.74 34.64
N PRO C 72 7.45 64.86 34.73
CA PRO C 72 7.53 65.79 33.60
C PRO C 72 8.54 65.32 32.54
N LEU C 73 9.27 64.25 32.85
CA LEU C 73 10.28 63.67 31.95
C LEU C 73 9.62 63.07 30.70
N ALA C 74 9.88 63.66 29.53
CA ALA C 74 9.33 63.16 28.27
C ALA C 74 9.82 61.72 28.02
N PRO C 75 8.96 60.84 27.47
CA PRO C 75 9.30 59.43 27.17
C PRO C 75 10.04 59.28 25.84
N MET C 76 10.46 58.06 25.52
CA MET C 76 11.13 57.83 24.23
C MET C 76 10.17 58.14 23.07
N SER C 77 10.71 58.74 22.00
CA SER C 77 9.94 59.10 20.80
C SER C 77 8.97 57.98 20.39
N ALA C 78 7.74 58.34 20.04
CA ALA C 78 6.74 57.34 19.62
C ALA C 78 7.13 56.68 18.30
N ASP C 79 7.69 57.49 17.38
CA ASP C 79 8.14 57.01 16.06
C ASP C 79 9.38 56.07 16.16
N MET C 80 10.21 56.27 17.18
CA MET C 80 11.47 55.50 17.34
C MET C 80 11.31 54.12 18.00
N VAL C 81 10.35 53.96 18.92
CA VAL C 81 10.09 52.66 19.59
C VAL C 81 9.44 51.69 18.60
N ASP C 82 8.75 52.22 17.58
CA ASP C 82 8.16 51.41 16.51
C ASP C 82 9.30 50.85 15.62
N GLU C 83 10.22 51.73 15.24
CA GLU C 83 11.37 51.39 14.40
C GLU C 83 12.12 50.18 14.97
N TYR C 84 12.50 50.26 16.25
CA TYR C 84 13.20 49.17 16.92
C TYR C 84 12.30 47.93 16.97
N ARG C 85 11.05 48.12 17.39
CA ARG C 85 10.06 47.03 17.45
C ARG C 85 9.87 46.38 16.09
N ALA C 86 10.13 47.15 15.02
CA ALA C 86 10.02 46.65 13.66
C ALA C 86 11.18 45.75 13.26
N ALA C 87 12.40 46.03 13.71
CA ALA C 87 13.55 45.21 13.30
C ALA C 87 13.81 43.94 14.14
N MET C 88 12.81 43.43 14.87
CA MET C 88 13.01 42.27 15.77
C MET C 88 13.17 40.89 15.09
N ASN C 89 12.41 40.62 14.02
CA ASN C 89 12.57 39.35 13.30
C ASN C 89 13.76 39.40 12.31
N ALA C 90 14.41 40.57 12.22
CA ALA C 90 15.62 40.78 11.42
C ALA C 90 16.62 41.65 12.22
N PRO C 91 17.20 41.08 13.34
CA PRO C 91 18.11 41.78 14.25
C PRO C 91 19.60 41.55 14.03
N ASP C 92 20.41 42.58 14.26
CA ASP C 92 21.88 42.50 14.14
C ASP C 92 22.58 43.20 15.33
N GLN C 93 23.91 43.29 15.27
CA GLN C 93 24.69 43.99 16.28
C GLN C 93 24.45 45.51 16.13
N GLY C 94 24.42 46.00 14.88
CA GLY C 94 24.15 47.41 14.62
C GLY C 94 22.90 47.90 15.33
N LEU C 95 21.83 47.09 15.27
CA LEU C 95 20.56 47.39 15.95
C LEU C 95 20.83 47.46 17.43
N TRP C 96 21.32 46.35 17.98
CA TRP C 96 21.57 46.23 19.40
C TRP C 96 22.42 47.34 20.00
N GLN C 97 23.12 48.10 19.16
CA GLN C 97 23.98 49.20 19.62
C GLN C 97 23.27 50.57 19.70
N ARG C 98 22.00 50.65 19.25
CA ARG C 98 21.18 51.89 19.39
C ARG C 98 20.04 51.74 20.42
N ILE C 99 19.60 50.50 20.69
CA ILE C 99 18.68 50.20 21.80
C ILE C 99 19.52 50.48 23.06
N GLU C 100 20.76 49.98 23.03
CA GLU C 100 21.70 50.17 24.12
C GLU C 100 22.14 51.60 24.28
N GLN C 101 22.18 52.38 23.20
CA GLN C 101 22.54 53.79 23.33
C GLN C 101 21.34 54.57 23.86
N SER C 102 20.12 54.17 23.47
CA SER C 102 18.90 54.83 23.91
C SER C 102 18.72 54.69 25.41
N LEU C 103 18.76 53.46 25.94
CA LEU C 103 18.61 53.27 27.39
C LEU C 103 19.79 53.83 28.23
N THR C 104 20.71 54.52 27.53
CA THR C 104 21.82 55.28 28.10
C THR C 104 21.46 56.76 28.16
N LEU C 105 20.77 57.24 27.13
CA LEU C 105 20.34 58.64 27.09
C LEU C 105 19.07 58.89 27.94
N ALA C 106 17.99 58.17 27.66
CA ALA C 106 16.73 58.24 28.46
C ALA C 106 16.84 57.12 29.48
N PRO C 107 17.34 57.42 30.68
CA PRO C 107 17.68 56.34 31.61
C PRO C 107 16.54 55.51 32.15
N TYR C 108 15.33 56.08 32.12
CA TYR C 108 14.15 55.46 32.74
C TYR C 108 13.33 54.54 31.84
N TRP C 109 13.33 54.77 30.53
CA TRP C 109 12.60 53.90 29.57
C TRP C 109 13.03 52.41 29.70
N PHE C 110 12.50 51.72 30.71
CA PHE C 110 12.86 50.30 30.98
C PHE C 110 12.43 49.32 29.90
N GLU C 111 11.67 49.79 28.91
CA GLU C 111 11.25 48.91 27.84
C GLU C 111 12.48 48.51 27.03
N GLY C 112 13.41 49.45 26.84
CA GLY C 112 14.67 49.17 26.15
C GLY C 112 15.47 48.00 26.72
N HIS C 113 15.37 47.77 28.03
CA HIS C 113 16.06 46.66 28.72
C HIS C 113 15.41 45.27 28.48
N ARG C 114 14.15 45.25 28.06
CA ARG C 114 13.53 44.00 27.62
C ARG C 114 14.02 43.86 26.18
N LEU C 115 13.82 44.92 25.38
CA LEU C 115 14.22 44.97 23.96
C LEU C 115 15.68 44.61 23.74
N SER C 116 16.54 45.14 24.59
CA SER C 116 17.96 44.84 24.52
C SER C 116 18.23 43.38 24.92
N ALA C 117 17.40 42.84 25.82
CA ALA C 117 17.57 41.47 26.27
C ALA C 117 16.93 40.43 25.35
N GLU C 118 15.96 40.85 24.52
CA GLU C 118 15.36 39.93 23.55
C GLU C 118 16.35 39.79 22.39
N VAL C 119 16.94 40.91 21.96
CA VAL C 119 17.94 40.89 20.92
C VAL C 119 19.17 40.06 21.36
N ALA C 120 19.58 40.21 22.62
CA ALA C 120 20.71 39.45 23.19
C ALA C 120 20.41 37.95 23.30
N GLU C 121 19.14 37.60 23.53
CA GLU C 121 18.69 36.20 23.59
C GLU C 121 18.64 35.63 22.16
N LYS C 122 18.12 36.43 21.22
CA LYS C 122 18.06 36.02 19.82
C LYS C 122 19.44 35.91 19.23
N LEU C 123 20.31 36.90 19.43
CA LEU C 123 21.66 36.83 18.84
C LEU C 123 22.64 35.80 19.47
N GLY C 124 22.11 34.89 20.29
CA GLY C 124 22.90 33.79 20.85
C GLY C 124 23.63 34.09 22.14
N PHE C 125 23.77 35.37 22.47
CA PHE C 125 24.46 35.80 23.70
C PHE C 125 23.47 35.71 24.86
N GLY C 126 23.13 34.48 25.24
CA GLY C 126 22.12 34.21 26.27
C GLY C 126 22.58 34.52 27.67
N ALA C 127 23.90 34.57 27.83
CA ALA C 127 24.50 34.90 29.09
C ALA C 127 24.12 36.34 29.49
N VAL C 128 24.23 37.25 28.54
CA VAL C 128 23.89 38.67 28.72
C VAL C 128 22.41 38.89 29.01
N ALA C 129 21.54 38.06 28.44
CA ALA C 129 20.08 38.18 28.61
C ALA C 129 19.62 38.04 30.08
N GLN C 130 20.08 36.98 30.74
CA GLN C 130 19.78 36.72 32.15
C GLN C 130 20.36 37.82 33.02
N ALA C 131 21.43 38.47 32.55
CA ALA C 131 22.08 39.55 33.26
C ALA C 131 21.28 40.84 33.17
N ILE C 132 21.11 41.36 31.96
CA ILE C 132 20.38 42.63 31.71
C ILE C 132 19.11 42.77 32.54
N ALA C 133 18.40 41.65 32.71
CA ALA C 133 17.19 41.60 33.55
C ALA C 133 17.58 41.68 35.02
N GLU C 134 18.66 41.01 35.41
CA GLU C 134 19.18 41.08 36.78
C GLU C 134 19.73 42.47 37.17
N GLU C 135 20.33 43.22 36.23
CA GLU C 135 20.83 44.58 36.55
C GLU C 135 19.68 45.56 36.69
N LEU C 136 18.65 45.41 35.86
CA LEU C 136 17.44 46.22 36.02
C LEU C 136 16.80 45.81 37.35
N GLY C 137 16.79 44.49 37.60
CA GLY C 137 16.26 43.91 38.85
C GLY C 137 16.94 44.38 40.13
N THR C 138 18.23 44.68 40.03
CA THR C 138 19.01 45.18 41.16
C THR C 138 18.64 46.63 41.45
N PHE C 139 18.56 47.43 40.38
CA PHE C 139 18.19 48.84 40.44
C PHE C 139 16.78 49.06 40.95
N LEU C 140 15.86 48.15 40.65
CA LEU C 140 14.46 48.27 41.11
C LEU C 140 14.25 47.84 42.56
N GLN C 141 15.19 47.09 43.14
CA GLN C 141 15.04 46.74 44.55
C GLN C 141 15.54 47.87 45.42
N ARG C 142 16.46 48.67 44.89
CA ARG C 142 17.01 49.83 45.60
C ARG C 142 16.00 50.99 45.58
N LEU C 143 15.61 51.47 44.39
CA LEU C 143 14.59 52.55 44.24
C LEU C 143 13.22 51.99 43.77
N PRO C 144 12.47 51.33 44.68
CA PRO C 144 11.18 50.74 44.29
C PRO C 144 10.19 51.76 43.73
N ALA C 145 10.35 53.02 44.12
CA ALA C 145 9.46 54.09 43.66
C ALA C 145 9.30 54.18 42.12
N LEU C 146 10.26 53.66 41.37
CA LEU C 146 10.18 53.72 39.90
C LEU C 146 9.14 52.78 39.31
N ARG C 147 8.73 51.75 40.05
CA ARG C 147 7.75 50.80 39.53
C ARG C 147 6.43 51.48 39.24
N GLU C 148 5.93 52.20 40.24
CA GLU C 148 4.65 52.91 40.17
C GLU C 148 4.61 53.97 39.04
N LEU C 149 5.69 54.76 38.91
CA LEU C 149 5.76 55.92 37.99
C LEU C 149 5.50 55.72 36.49
N ALA C 150 5.24 56.85 35.82
CA ALA C 150 4.96 56.96 34.39
C ALA C 150 5.51 58.26 33.83
N PHE C 151 5.45 58.40 32.52
CA PHE C 151 5.99 59.57 31.80
C PHE C 151 4.94 60.69 31.62
N SER C 152 5.34 61.82 31.03
CA SER C 152 4.46 62.98 30.82
C SER C 152 3.28 62.69 29.91
N ASP C 153 3.52 62.07 28.74
CA ASP C 153 2.43 61.73 27.81
C ASP C 153 1.39 60.80 28.49
N GLY C 154 1.86 59.98 29.44
CA GLY C 154 1.01 59.06 30.21
C GLY C 154 1.58 57.66 30.31
N SER C 155 2.44 57.31 29.35
CA SER C 155 3.05 55.97 29.28
C SER C 155 3.86 55.60 30.52
N PRO C 156 3.62 54.39 31.07
CA PRO C 156 4.36 54.01 32.27
C PRO C 156 5.86 53.82 32.07
N PHE C 157 6.60 53.81 33.17
CA PHE C 157 8.03 53.52 33.16
C PHE C 157 8.14 52.03 32.82
N LEU C 158 7.49 51.22 33.66
CA LEU C 158 7.43 49.77 33.53
C LEU C 158 6.05 49.39 32.94
N SER C 159 6.02 48.77 31.74
CA SER C 159 4.75 48.33 31.12
C SER C 159 4.44 46.88 31.55
N PRO C 160 3.15 46.56 31.77
CA PRO C 160 2.80 45.21 32.27
C PRO C 160 3.62 44.08 31.65
N GLU C 161 3.91 44.20 30.35
CA GLU C 161 4.68 43.23 29.57
C GLU C 161 6.15 43.06 30.00
N CYS C 162 6.67 44.04 30.72
CA CYS C 162 8.05 44.01 31.22
C CYS C 162 8.09 43.52 32.69
N SER C 163 6.95 43.53 33.36
CA SER C 163 6.91 43.06 34.74
C SER C 163 6.85 41.54 34.76
N ARG C 164 6.28 40.96 33.70
CA ARG C 164 6.21 39.50 33.56
C ARG C 164 7.60 38.99 33.21
N TRP C 165 8.33 39.81 32.45
CA TRP C 165 9.74 39.57 32.13
C TRP C 165 10.57 39.34 33.43
N LEU C 166 10.07 39.85 34.57
CA LEU C 166 10.70 39.68 35.89
C LEU C 166 9.80 38.82 36.79
N GLY C 180 -3.46 28.21 34.79
CA GLY C 180 -3.01 28.97 33.64
C GLY C 180 -4.18 29.70 33.00
N LEU C 181 -4.54 29.32 31.77
CA LEU C 181 -5.70 29.92 31.06
C LEU C 181 -7.00 29.40 31.64
N ALA C 182 -6.92 28.24 32.31
CA ALA C 182 -8.09 27.69 33.01
C ALA C 182 -8.41 28.58 34.19
N GLU C 183 -7.46 28.65 35.10
CA GLU C 183 -7.60 29.40 36.33
C GLU C 183 -7.89 30.89 36.05
N GLU C 184 -7.29 31.44 34.99
CA GLU C 184 -7.52 32.84 34.60
C GLU C 184 -8.96 33.10 34.22
N VAL C 185 -9.51 32.21 33.38
CA VAL C 185 -10.91 32.28 32.94
C VAL C 185 -11.88 31.84 34.06
N ALA C 186 -11.53 30.82 34.83
CA ALA C 186 -12.38 30.39 35.97
C ALA C 186 -12.58 31.52 36.97
N GLN C 187 -11.52 32.32 37.12
CA GLN C 187 -11.55 33.45 37.99
C GLN C 187 -12.49 34.49 37.41
N ARG C 188 -12.39 34.75 36.12
CA ARG C 188 -13.25 35.76 35.51
C ARG C 188 -14.70 35.36 35.58
N HIS C 189 -14.99 34.11 35.28
CA HIS C 189 -16.38 33.56 35.36
C HIS C 189 -16.99 33.72 36.79
N GLY C 190 -16.14 33.62 37.82
CA GLY C 190 -16.54 33.75 39.20
C GLY C 190 -16.76 35.20 39.57
N GLU C 191 -15.79 36.06 39.23
CA GLU C 191 -15.88 37.51 39.49
C GLU C 191 -16.98 38.09 38.62
N GLN C 192 -16.73 38.30 37.32
CA GLN C 192 -17.81 38.71 36.38
C GLN C 192 -18.50 37.42 36.01
N GLY C 193 -19.30 37.38 34.94
CA GLY C 193 -20.00 36.15 34.61
C GLY C 193 -19.49 35.32 33.43
N ILE C 194 -20.21 34.26 33.13
CA ILE C 194 -19.91 33.45 31.96
C ILE C 194 -20.03 34.30 30.72
N ALA C 195 -20.86 35.32 30.75
CA ALA C 195 -20.98 36.17 29.59
C ALA C 195 -19.63 36.77 29.21
N ALA C 196 -18.93 37.30 30.21
CA ALA C 196 -17.66 37.96 29.99
C ALA C 196 -16.46 37.04 30.08
N ALA C 197 -16.68 35.83 30.58
CA ALA C 197 -15.64 34.81 30.67
C ALA C 197 -15.44 34.38 29.24
N LEU C 198 -16.56 34.12 28.56
CA LEU C 198 -16.55 33.77 27.15
C LEU C 198 -15.91 34.91 26.34
N ALA C 199 -16.22 36.14 26.71
CA ALA C 199 -15.67 37.28 26.01
C ALA C 199 -14.13 37.24 26.13
N LEU C 200 -13.61 36.90 27.31
CA LEU C 200 -12.16 36.84 27.55
C LEU C 200 -11.52 35.84 26.64
N LEU C 201 -12.10 34.66 26.66
CA LEU C 201 -11.67 33.51 25.87
C LEU C 201 -11.70 33.76 24.36
N ASP C 202 -12.61 34.62 23.90
CA ASP C 202 -12.63 35.04 22.51
C ASP C 202 -11.31 35.72 22.18
N GLU C 203 -10.82 36.63 23.04
CA GLU C 203 -9.57 37.37 22.73
C GLU C 203 -8.29 36.55 22.90
N ARG C 204 -8.24 35.63 23.86
CA ARG C 204 -7.06 34.79 24.03
C ARG C 204 -6.82 34.02 22.74
N ILE C 205 -7.87 33.30 22.33
CA ILE C 205 -7.87 32.47 21.13
C ILE C 205 -7.47 33.24 19.88
N ALA C 206 -7.86 34.50 19.76
CA ALA C 206 -7.48 35.31 18.59
C ALA C 206 -5.96 35.27 18.36
N GLN C 207 -5.20 35.16 19.46
CA GLN C 207 -3.74 35.09 19.42
C GLN C 207 -3.14 33.72 19.77
N LEU C 208 -3.75 32.63 19.31
CA LEU C 208 -3.19 31.27 19.48
C LEU C 208 -3.12 30.64 18.07
N LYS C 209 -1.92 30.32 17.59
CA LYS C 209 -1.74 29.74 16.25
C LYS C 209 -1.64 28.25 16.29
N GLU C 210 -0.99 27.76 17.34
CA GLU C 210 -0.78 26.32 17.49
C GLU C 210 -2.06 25.57 17.89
N PRO C 211 -2.39 24.50 17.13
CA PRO C 211 -3.54 23.63 17.41
C PRO C 211 -3.56 23.01 18.82
N ARG C 212 -2.42 22.61 19.35
CA ARG C 212 -2.42 22.11 20.70
C ARG C 212 -3.00 23.17 21.68
N ASP C 213 -2.65 24.42 21.43
CA ASP C 213 -3.09 25.54 22.25
C ASP C 213 -4.61 25.68 22.13
N ARG C 214 -5.09 25.90 20.89
CA ARG C 214 -6.51 26.11 20.56
C ARG C 214 -7.41 25.01 21.09
N PHE C 215 -6.99 23.76 20.92
CA PHE C 215 -7.74 22.61 21.44
C PHE C 215 -7.87 22.73 22.98
N HIS C 216 -6.80 23.11 23.69
CA HIS C 216 -6.88 23.31 25.16
C HIS C 216 -7.84 24.45 25.50
N ALA C 217 -7.96 25.43 24.59
CA ALA C 217 -8.86 26.58 24.78
C ALA C 217 -10.30 26.14 24.76
N LEU C 218 -10.67 25.30 23.79
CA LEU C 218 -12.05 24.74 23.68
C LEU C 218 -12.26 23.79 24.83
N LEU C 219 -11.22 23.04 25.19
CA LEU C 219 -11.28 22.18 26.34
C LEU C 219 -11.74 23.02 27.52
N VAL C 220 -11.06 24.13 27.77
CA VAL C 220 -11.48 25.03 28.84
C VAL C 220 -12.99 25.31 28.79
N GLN C 221 -13.43 25.92 27.69
CA GLN C 221 -14.82 26.27 27.44
C GLN C 221 -15.81 25.18 27.86
N ALA C 222 -15.44 23.93 27.71
CA ALA C 222 -16.29 22.82 28.19
C ALA C 222 -16.47 22.87 29.72
N GLU C 223 -15.39 23.18 30.41
CA GLU C 223 -15.40 23.27 31.86
C GLU C 223 -16.21 24.53 32.26
N LEU C 224 -16.00 25.64 31.53
CA LEU C 224 -16.73 26.88 31.81
C LEU C 224 -18.23 26.52 31.71
N LEU C 225 -18.58 25.83 30.63
CA LEU C 225 -19.96 25.43 30.43
C LEU C 225 -20.45 24.49 31.50
N ALA C 226 -19.60 23.64 32.06
CA ALA C 226 -20.05 22.71 33.11
C ALA C 226 -20.09 23.34 34.47
N GLN C 227 -19.20 24.29 34.74
CA GLN C 227 -19.22 24.95 36.03
C GLN C 227 -20.43 25.85 36.09
N GLU C 228 -20.71 26.57 34.99
CA GLU C 228 -21.89 27.45 34.88
C GLU C 228 -23.18 26.63 35.11
N GLY C 229 -23.11 25.30 34.99
CA GLY C 229 -24.25 24.40 35.27
C GLY C 229 -24.79 23.59 34.09
N MET C 230 -24.51 24.04 32.87
CA MET C 230 -24.99 23.41 31.64
C MET C 230 -24.21 22.13 31.32
N GLU C 231 -24.18 21.24 32.32
CA GLU C 231 -23.37 20.03 32.34
C GLU C 231 -23.58 19.12 31.10
N ALA C 232 -24.81 18.99 30.61
CA ALA C 232 -25.07 18.16 29.42
C ALA C 232 -24.44 18.66 28.12
N LEU C 233 -24.57 19.97 27.81
CA LEU C 233 -24.00 20.57 26.59
C LEU C 233 -22.46 20.55 26.65
N ALA C 234 -21.91 20.31 27.83
CA ALA C 234 -20.50 20.17 27.96
C ALA C 234 -20.15 18.77 27.52
N ARG C 235 -20.78 17.75 28.13
CA ARG C 235 -20.53 16.34 27.74
C ARG C 235 -20.36 16.22 26.23
N GLN C 236 -21.21 16.92 25.50
CA GLN C 236 -21.19 16.94 24.05
C GLN C 236 -19.83 17.47 23.57
N HIS C 237 -19.45 18.63 24.07
CA HIS C 237 -18.17 19.21 23.74
C HIS C 237 -17.03 18.31 24.14
N TYR C 238 -17.11 17.69 25.31
CA TYR C 238 -16.07 16.75 25.77
C TYR C 238 -15.87 15.58 24.79
N GLN C 239 -16.96 15.07 24.24
CA GLN C 239 -16.84 13.99 23.27
C GLN C 239 -16.10 14.50 22.02
N HIS C 240 -16.69 15.41 21.25
CA HIS C 240 -16.03 15.91 20.06
C HIS C 240 -14.54 16.16 20.28
N LEU C 241 -14.12 16.39 21.52
CA LEU C 241 -12.68 16.58 21.82
C LEU C 241 -11.98 15.23 21.92
N TRP C 242 -12.59 14.29 22.64
CA TRP C 242 -12.04 12.95 22.75
C TRP C 242 -12.03 12.22 21.40
N GLN C 243 -12.94 12.57 20.49
CA GLN C 243 -12.91 12.04 19.11
C GLN C 243 -11.80 12.74 18.31
N GLU C 244 -11.67 14.05 18.49
CA GLU C 244 -10.64 14.78 17.80
C GLU C 244 -9.26 14.34 18.28
N ALA C 245 -9.16 13.94 19.55
CA ALA C 245 -7.86 13.55 20.13
C ALA C 245 -7.36 12.23 19.58
N SER C 246 -8.18 11.20 19.67
CA SER C 246 -7.82 9.87 19.16
C SER C 246 -7.51 9.93 17.67
N ARG C 247 -8.32 10.69 16.93
CA ARG C 247 -8.15 10.95 15.48
C ARG C 247 -6.77 11.49 15.11
N LEU C 248 -6.07 12.13 16.06
CA LEU C 248 -4.69 12.62 15.86
C LEU C 248 -3.70 11.74 16.63
N GLY C 249 -4.20 10.64 17.22
CA GLY C 249 -3.45 9.64 17.98
C GLY C 249 -2.70 10.16 19.18
N LEU C 250 -3.31 11.12 19.86
CA LEU C 250 -2.66 11.74 21.00
C LEU C 250 -2.54 10.81 22.21
N SER C 251 -2.94 9.55 22.03
CA SER C 251 -2.79 8.56 23.08
C SER C 251 -1.30 8.30 23.19
N HIS C 252 -0.60 8.31 22.06
CA HIS C 252 0.86 8.11 22.03
C HIS C 252 1.65 9.41 22.32
N TRP C 253 0.98 10.44 22.84
CA TRP C 253 1.56 11.78 23.05
C TRP C 253 0.59 12.55 23.95
N GLU C 254 0.65 12.23 25.24
CA GLU C 254 -0.30 12.70 26.23
C GLU C 254 -1.48 11.74 26.24
N PRO C 255 -1.25 10.50 26.68
CA PRO C 255 -2.35 9.58 26.89
C PRO C 255 -3.20 10.07 28.05
N GLY C 256 -2.58 10.67 29.06
CA GLY C 256 -3.33 11.22 30.17
C GLY C 256 -4.45 12.13 29.68
N LEU C 257 -4.14 12.98 28.68
CA LEU C 257 -5.12 13.90 28.09
C LEU C 257 -6.29 13.12 27.54
N VAL C 258 -5.98 12.16 26.68
CA VAL C 258 -6.99 11.28 26.14
C VAL C 258 -7.60 10.44 27.27
N ASN C 259 -6.80 9.75 28.08
CA ASN C 259 -7.34 9.05 29.25
C ASN C 259 -8.39 9.87 30.00
N ARG C 260 -8.10 11.13 30.27
CA ARG C 260 -9.06 11.94 30.98
C ARG C 260 -10.18 12.47 30.04
N LEU C 261 -9.84 12.81 28.80
CA LEU C 261 -10.87 13.27 27.85
C LEU C 261 -12.00 12.29 27.64
N GLU C 262 -11.74 11.02 27.88
CA GLU C 262 -12.77 9.99 27.71
C GLU C 262 -13.72 10.08 28.91
N SER C 263 -13.18 9.93 30.11
CA SER C 263 -13.98 10.01 31.32
C SER C 263 -14.98 11.19 31.34
N LEU C 264 -14.62 12.31 30.72
CA LEU C 264 -15.54 13.45 30.66
C LEU C 264 -16.77 13.23 29.78
N ALA C 265 -16.68 12.46 28.71
CA ALA C 265 -17.90 12.24 27.88
C ALA C 265 -18.97 11.39 28.60
N ALA C 266 -18.53 10.35 29.33
CA ALA C 266 -19.45 9.48 30.11
C ALA C 266 -20.66 8.95 29.31
N ASP D 23 47.20 46.37 25.10
CA ASP D 23 46.45 45.11 25.45
C ASP D 23 46.71 44.61 26.89
N ARG D 24 47.83 45.00 27.48
CA ARG D 24 48.12 44.74 28.91
C ARG D 24 48.07 46.09 29.64
N ALA D 25 47.93 47.18 28.85
CA ALA D 25 47.71 48.54 29.34
C ALA D 25 46.22 48.66 29.60
N TRP D 26 45.46 47.87 28.87
CA TRP D 26 44.02 47.76 29.03
C TRP D 26 43.67 47.00 30.34
N ARG D 27 44.40 45.91 30.59
CA ARG D 27 44.26 45.10 31.82
C ARG D 27 44.40 45.98 33.05
N GLN D 28 45.34 46.92 32.99
CA GLN D 28 45.56 47.83 34.09
C GLN D 28 44.37 48.79 34.14
N THR D 29 44.05 49.42 33.00
CA THR D 29 42.93 50.39 32.94
C THR D 29 41.68 49.83 33.66
N GLN D 30 41.36 48.56 33.44
CA GLN D 30 40.24 47.89 34.12
C GLN D 30 40.47 47.79 35.62
N LEU D 31 41.67 47.39 36.04
CA LEU D 31 42.00 47.24 37.46
C LEU D 31 42.02 48.55 38.26
N LYS D 32 42.29 49.66 37.55
CA LYS D 32 42.30 50.98 38.15
C LYS D 32 40.86 51.40 38.35
N VAL D 33 40.06 51.29 37.28
CA VAL D 33 38.60 51.60 37.31
C VAL D 33 37.83 50.69 38.29
N ALA D 34 38.27 49.45 38.44
CA ALA D 34 37.66 48.52 39.39
C ALA D 34 37.89 48.96 40.83
N GLU D 35 39.12 49.38 41.12
CA GLU D 35 39.46 49.86 42.46
C GLU D 35 38.78 51.23 42.75
N LEU D 36 38.58 52.09 41.75
CA LEU D 36 37.87 53.38 41.94
C LEU D 36 36.36 53.20 42.17
N LEU D 37 35.73 52.24 41.49
CA LEU D 37 34.32 51.93 41.72
C LEU D 37 34.12 51.33 43.09
N ILE D 38 35.07 50.50 43.54
CA ILE D 38 34.94 49.87 44.84
C ILE D 38 35.22 50.82 45.97
N GLU D 39 36.24 51.67 45.80
CA GLU D 39 36.64 52.62 46.85
C GLU D 39 35.46 53.53 47.17
N ARG D 40 34.74 53.98 46.14
CA ARG D 40 33.61 54.90 46.31
C ARG D 40 32.29 54.24 46.75
N GLN D 41 32.23 52.90 46.81
CA GLN D 41 31.00 52.12 47.18
C GLN D 41 31.31 50.63 47.43
N PRO D 42 31.75 50.26 48.63
CA PRO D 42 32.05 48.85 48.89
C PRO D 42 30.85 47.87 48.93
N GLU D 43 29.63 48.39 49.05
CA GLU D 43 28.39 47.54 49.05
C GLU D 43 27.97 47.13 47.61
N VAL D 44 28.33 47.99 46.65
CA VAL D 44 28.05 47.83 45.22
C VAL D 44 29.07 46.88 44.56
N ALA D 45 28.62 45.72 44.11
CA ALA D 45 29.52 44.71 43.52
C ALA D 45 29.92 44.90 42.05
N VAL D 46 29.30 45.83 41.32
CA VAL D 46 29.64 46.00 39.89
C VAL D 46 31.11 46.35 39.64
N GLY D 47 31.79 46.90 40.65
CA GLY D 47 33.24 47.15 40.56
C GLY D 47 33.97 45.85 40.87
N TYR D 48 33.54 45.15 41.92
CA TYR D 48 34.11 43.87 42.38
C TYR D 48 34.13 42.83 41.26
N ARG D 49 33.19 42.94 40.32
CA ARG D 49 33.11 42.03 39.16
C ARG D 49 34.14 42.42 38.10
N LEU D 50 34.20 43.71 37.78
CA LEU D 50 35.11 44.26 36.77
C LEU D 50 36.53 43.82 37.03
N ARG D 51 36.87 43.62 38.30
CA ARG D 51 38.17 43.09 38.71
C ARG D 51 38.38 41.66 38.18
N ARG D 52 37.43 40.78 38.47
CA ARG D 52 37.56 39.40 38.02
C ARG D 52 37.84 39.29 36.51
N HIS D 53 37.31 40.22 35.71
CA HIS D 53 37.51 40.20 34.24
C HIS D 53 38.93 40.59 33.85
N ALA D 54 39.40 41.70 34.40
CA ALA D 54 40.77 42.17 34.18
C ALA D 54 41.80 41.08 34.57
N VAL D 55 41.41 40.27 35.55
CA VAL D 55 42.24 39.17 36.01
C VAL D 55 42.04 37.90 35.15
N TRP D 56 40.80 37.48 34.95
CA TRP D 56 40.50 36.21 34.24
C TRP D 56 40.22 36.23 32.73
N ALA D 57 39.88 37.39 32.17
CA ALA D 57 39.56 37.47 30.72
C ALA D 57 40.78 37.32 29.80
N GLY D 58 41.97 37.26 30.38
CA GLY D 58 43.19 37.04 29.62
C GLY D 58 43.47 35.55 29.50
N ILE D 59 42.91 34.77 30.42
CA ILE D 59 43.11 33.33 30.42
C ILE D 59 42.21 32.69 29.36
N THR D 60 42.82 32.26 28.25
CA THR D 60 42.09 31.63 27.13
C THR D 60 42.02 30.08 27.15
N ALA D 61 42.68 29.43 28.11
CA ALA D 61 42.63 27.98 28.26
C ALA D 61 43.37 27.60 29.54
N VAL D 62 43.00 26.47 30.13
CA VAL D 62 43.58 26.05 31.42
C VAL D 62 45.10 25.87 31.40
N PRO D 63 45.72 25.79 32.60
CA PRO D 63 47.15 25.45 32.66
C PRO D 63 47.32 23.95 32.35
N MET D 64 48.46 23.58 31.77
CA MET D 64 48.71 22.18 31.39
C MET D 64 48.87 21.26 32.62
N SER D 65 48.63 19.96 32.45
CA SER D 65 48.76 18.99 33.56
C SER D 65 49.36 17.67 33.06
N GLY D 66 49.16 16.59 33.82
CA GLY D 66 49.68 15.27 33.43
C GLY D 66 49.59 14.24 34.55
N ALA D 67 50.34 14.48 35.62
CA ALA D 67 50.36 13.58 36.79
C ALA D 67 49.08 13.69 37.64
N GLY D 68 48.08 12.86 37.32
CA GLY D 68 46.79 12.82 38.02
C GLY D 68 46.12 14.17 38.14
N ASN D 69 46.27 14.99 37.10
CA ASN D 69 45.77 16.36 37.08
C ASN D 69 46.42 17.23 38.17
N LYS D 70 47.63 17.70 37.86
CA LYS D 70 48.38 18.65 38.69
C LYS D 70 48.94 19.67 37.70
N THR D 71 49.15 20.90 38.15
CA THR D 71 49.65 21.97 37.28
C THR D 71 51.04 22.46 37.69
N PRO D 72 51.72 23.23 36.80
CA PRO D 72 53.05 23.79 37.10
C PRO D 72 52.99 25.16 37.84
N LEU D 73 52.08 25.28 38.81
CA LEU D 73 51.85 26.52 39.55
C LEU D 73 51.57 26.18 41.01
N ALA D 74 52.48 26.63 41.88
CA ALA D 74 52.39 26.37 43.33
C ALA D 74 51.21 27.04 44.06
N PRO D 75 50.81 26.46 45.21
CA PRO D 75 49.69 27.02 45.98
C PRO D 75 50.05 28.31 46.73
N MET D 76 49.12 28.79 47.54
CA MET D 76 49.38 29.94 48.38
C MET D 76 50.24 29.52 49.55
N SER D 77 51.43 30.11 49.62
CA SER D 77 52.42 29.82 50.64
C SER D 77 51.73 29.61 51.99
N ALA D 78 51.84 28.36 52.49
CA ALA D 78 51.25 27.88 53.75
C ALA D 78 50.85 28.96 54.75
N ASP D 79 51.83 29.73 55.23
CA ASP D 79 51.63 30.78 56.23
C ASP D 79 50.67 31.87 55.80
N MET D 80 50.88 32.43 54.60
CA MET D 80 50.07 33.55 54.10
C MET D 80 48.56 33.31 54.23
N VAL D 81 48.15 32.04 54.10
CA VAL D 81 46.75 31.63 54.23
C VAL D 81 46.31 31.76 55.70
N ASP D 82 47.17 31.33 56.63
CA ASP D 82 46.83 31.33 58.05
C ASP D 82 46.49 32.66 58.73
N GLU D 83 47.18 33.76 58.42
CA GLU D 83 46.81 35.04 59.06
C GLU D 83 45.41 35.37 58.59
N TYR D 84 45.17 35.17 57.29
CA TYR D 84 43.85 35.41 56.73
C TYR D 84 42.81 34.62 57.52
N ARG D 85 43.01 33.31 57.63
CA ARG D 85 42.08 32.41 58.34
C ARG D 85 41.89 32.85 59.79
N ALA D 86 42.98 33.29 60.42
CA ALA D 86 42.94 33.78 61.79
C ALA D 86 42.15 35.10 61.90
N ALA D 87 42.44 36.03 60.98
CA ALA D 87 41.80 37.35 60.96
C ALA D 87 40.29 37.34 60.62
N MET D 88 39.76 36.23 60.11
CA MET D 88 38.33 36.16 59.73
C MET D 88 37.34 36.34 60.90
N ASN D 89 37.69 35.83 62.08
CA ASN D 89 36.81 35.96 63.26
C ASN D 89 36.81 37.39 63.84
N ALA D 90 37.72 38.24 63.33
CA ALA D 90 37.80 39.67 63.70
C ALA D 90 38.18 40.51 62.46
N PRO D 91 37.23 40.66 61.50
CA PRO D 91 37.50 41.37 60.26
C PRO D 91 37.09 42.82 60.21
N ASP D 92 37.75 43.57 59.35
CA ASP D 92 37.44 44.98 59.12
C ASP D 92 37.60 45.23 57.62
N GLN D 93 37.39 46.46 57.19
CA GLN D 93 37.54 46.84 55.77
C GLN D 93 38.99 46.60 55.26
N GLY D 94 39.96 46.69 56.16
CA GLY D 94 41.37 46.47 55.83
C GLY D 94 41.64 45.05 55.35
N LEU D 95 41.26 44.06 56.15
CA LEU D 95 41.49 42.65 55.82
C LEU D 95 41.10 42.30 54.39
N TRP D 96 39.92 42.77 54.00
CA TRP D 96 39.34 42.50 52.68
C TRP D 96 40.16 43.15 51.56
N GLN D 97 40.57 44.40 51.76
CA GLN D 97 41.39 45.09 50.77
C GLN D 97 42.73 44.36 50.56
N ARG D 98 43.17 43.59 51.56
CA ARG D 98 44.39 42.80 51.44
C ARG D 98 44.08 41.40 50.89
N ILE D 99 42.86 40.91 51.11
CA ILE D 99 42.46 39.61 50.53
C ILE D 99 42.13 39.75 49.05
N GLU D 100 41.59 40.89 48.65
CA GLU D 100 41.26 41.14 47.24
C GLU D 100 42.51 41.30 46.40
N GLN D 101 43.50 41.99 46.95
CA GLN D 101 44.79 42.17 46.28
C GLN D 101 45.38 40.79 45.91
N SER D 102 45.51 39.93 46.92
CA SER D 102 46.08 38.57 46.79
C SER D 102 45.58 37.74 45.59
N LEU D 103 44.30 37.86 45.28
CA LEU D 103 43.73 37.09 44.17
C LEU D 103 43.85 37.80 42.81
N THR D 104 44.35 39.04 42.79
CA THR D 104 44.62 39.73 41.52
C THR D 104 45.99 39.26 41.04
N LEU D 105 46.70 38.58 41.94
CA LEU D 105 48.02 38.06 41.68
C LEU D 105 48.04 36.53 41.72
N ALA D 106 47.18 35.92 42.53
CA ALA D 106 47.05 34.45 42.62
C ALA D 106 45.65 34.07 42.11
N PRO D 107 45.51 33.86 40.77
CA PRO D 107 44.14 33.70 40.23
C PRO D 107 43.44 32.37 40.50
N TYR D 108 44.16 31.27 40.32
CA TYR D 108 43.58 29.95 40.53
C TYR D 108 43.40 29.57 42.01
N TRP D 109 43.67 30.50 42.91
CA TRP D 109 43.43 30.31 44.34
C TRP D 109 41.95 30.60 44.54
N PHE D 110 41.14 29.58 44.28
CA PHE D 110 39.71 29.74 44.42
C PHE D 110 39.34 29.76 45.91
N GLU D 111 40.16 29.12 46.75
CA GLU D 111 39.97 29.14 48.20
C GLU D 111 39.87 30.59 48.68
N GLY D 112 40.66 31.46 48.05
CA GLY D 112 40.67 32.88 48.36
C GLY D 112 39.31 33.52 48.22
N HIS D 113 38.64 33.24 47.11
CA HIS D 113 37.30 33.79 46.88
C HIS D 113 36.29 33.35 47.97
N ARG D 114 36.50 32.16 48.54
CA ARG D 114 35.63 31.69 49.61
C ARG D 114 35.80 32.60 50.82
N LEU D 115 37.07 32.94 51.11
CA LEU D 115 37.42 33.82 52.24
C LEU D 115 37.15 35.29 51.91
N SER D 116 37.33 35.68 50.65
CA SER D 116 37.07 37.05 50.23
C SER D 116 35.57 37.32 50.29
N ALA D 117 34.78 36.26 50.26
CA ALA D 117 33.32 36.34 50.36
C ALA D 117 32.86 36.29 51.82
N GLU D 118 33.45 35.42 52.62
CA GLU D 118 33.10 35.30 54.04
C GLU D 118 33.28 36.64 54.76
N VAL D 119 34.11 37.53 54.18
CA VAL D 119 34.34 38.91 54.70
C VAL D 119 33.13 39.81 54.38
N ALA D 120 32.64 39.75 53.15
CA ALA D 120 31.47 40.56 52.76
C ALA D 120 30.23 40.16 53.57
N GLU D 121 30.20 38.90 54.00
CA GLU D 121 29.11 38.34 54.81
C GLU D 121 29.06 39.08 56.16
N LYS D 122 30.12 38.91 56.96
CA LYS D 122 30.21 39.52 58.29
C LYS D 122 30.17 41.05 58.23
N LEU D 123 30.90 41.67 57.31
CA LEU D 123 30.91 43.14 57.18
C LEU D 123 29.59 43.68 56.61
N GLY D 124 28.64 42.81 56.29
CA GLY D 124 27.32 43.22 55.83
C GLY D 124 27.18 43.79 54.43
N PHE D 125 27.88 43.17 53.48
CA PHE D 125 27.77 43.57 52.08
C PHE D 125 27.38 42.31 51.31
N GLY D 126 26.33 41.64 51.77
CA GLY D 126 25.82 40.43 51.12
C GLY D 126 25.58 40.60 49.63
N ALA D 127 25.32 41.84 49.19
CA ALA D 127 25.16 42.17 47.79
C ALA D 127 26.41 41.76 46.99
N VAL D 128 27.57 41.84 47.64
CA VAL D 128 28.87 41.45 47.05
C VAL D 128 29.19 39.97 47.33
N ALA D 129 28.77 39.44 48.49
CA ALA D 129 28.97 38.01 48.88
C ALA D 129 28.48 36.98 47.85
N GLN D 130 27.41 37.33 47.12
CA GLN D 130 26.89 36.47 46.08
C GLN D 130 27.47 36.87 44.73
N ALA D 131 27.72 38.16 44.50
CA ALA D 131 28.34 38.61 43.24
C ALA D 131 29.74 38.03 43.03
N ILE D 132 30.38 37.59 44.13
CA ILE D 132 31.70 36.93 44.09
C ILE D 132 31.51 35.47 43.72
N ALA D 133 30.57 34.79 44.36
CA ALA D 133 30.27 33.39 44.05
C ALA D 133 29.76 33.24 42.61
N GLU D 134 28.93 34.21 42.20
CA GLU D 134 28.35 34.26 40.86
C GLU D 134 29.42 34.56 39.78
N GLU D 135 30.39 35.43 40.08
CA GLU D 135 31.48 35.70 39.10
C GLU D 135 32.48 34.54 38.95
N LEU D 136 32.75 33.82 40.05
CA LEU D 136 33.65 32.64 40.08
C LEU D 136 32.99 31.49 39.35
N GLY D 137 31.67 31.38 39.52
CA GLY D 137 30.85 30.38 38.83
C GLY D 137 30.85 30.55 37.33
N THR D 138 30.94 31.81 36.86
CA THR D 138 31.06 32.16 35.44
C THR D 138 32.47 31.97 34.84
N PHE D 139 33.46 31.71 35.70
CA PHE D 139 34.81 31.40 35.27
C PHE D 139 34.92 29.88 35.22
N LEU D 140 34.52 29.17 36.29
CA LEU D 140 34.57 27.71 36.29
C LEU D 140 33.71 27.09 35.17
N GLN D 141 32.63 27.77 34.81
CA GLN D 141 31.71 27.31 33.75
C GLN D 141 32.27 27.54 32.32
N ARG D 142 33.19 28.50 32.18
CA ARG D 142 33.83 28.82 30.89
C ARG D 142 35.09 27.96 30.66
N LEU D 143 35.53 27.24 31.67
CA LEU D 143 36.69 26.36 31.59
C LEU D 143 36.47 25.27 32.62
N PRO D 144 35.45 24.43 32.42
CA PRO D 144 35.07 23.43 33.42
C PRO D 144 36.17 22.45 33.81
N ALA D 145 37.29 22.45 33.09
CA ALA D 145 38.42 21.57 33.40
C ALA D 145 39.11 21.98 34.71
N LEU D 146 38.96 23.26 35.09
CA LEU D 146 39.53 23.82 36.33
C LEU D 146 38.98 23.16 37.58
N ARG D 147 37.76 22.64 37.51
CA ARG D 147 37.16 21.96 38.66
C ARG D 147 38.02 20.77 39.03
N GLU D 148 38.63 20.15 38.02
CA GLU D 148 39.43 18.93 38.17
C GLU D 148 40.87 19.20 38.58
N LEU D 149 41.48 20.24 37.99
CA LEU D 149 42.90 20.58 38.19
C LEU D 149 43.35 20.84 39.64
N ALA D 150 44.66 20.69 39.87
CA ALA D 150 45.28 20.88 41.19
C ALA D 150 46.64 21.52 41.05
N PHE D 151 47.10 22.16 42.13
CA PHE D 151 48.40 22.82 42.14
C PHE D 151 49.48 21.75 42.08
N SER D 152 50.75 22.17 41.96
CA SER D 152 51.87 21.24 41.86
C SER D 152 52.03 20.35 43.11
N ASP D 153 51.67 20.88 44.29
CA ASP D 153 51.76 20.07 45.52
C ASP D 153 50.63 19.04 45.65
N GLY D 154 49.57 19.18 44.85
CA GLY D 154 48.46 18.23 44.84
C GLY D 154 47.09 18.77 45.18
N SER D 155 46.99 19.70 46.15
CA SER D 155 45.69 20.26 46.56
C SER D 155 44.91 20.79 45.36
N PRO D 156 43.58 20.71 45.39
CA PRO D 156 42.77 21.08 44.23
C PRO D 156 42.45 22.56 44.08
N PHE D 157 42.43 23.08 42.84
CA PHE D 157 42.03 24.47 42.57
C PHE D 157 40.72 24.72 43.32
N LEU D 158 39.79 23.78 43.18
CA LEU D 158 38.52 23.87 43.86
C LEU D 158 38.55 22.91 45.04
N SER D 159 38.39 23.45 46.23
CA SER D 159 38.42 22.67 47.46
C SER D 159 37.04 22.14 47.84
N PRO D 160 36.99 20.99 48.53
CA PRO D 160 35.72 20.44 49.01
C PRO D 160 34.86 21.53 49.61
N GLU D 161 35.41 22.33 50.53
CA GLU D 161 34.68 23.46 51.11
C GLU D 161 34.18 24.46 50.07
N CYS D 162 35.01 24.79 49.08
CA CYS D 162 34.66 25.82 48.08
C CYS D 162 33.62 25.36 47.03
N SER D 163 33.46 24.05 46.87
CA SER D 163 32.48 23.53 45.91
C SER D 163 31.10 23.74 46.55
N ARG D 164 30.98 23.36 47.82
CA ARG D 164 29.75 23.56 48.60
C ARG D 164 29.34 25.03 48.69
N TRP D 165 30.32 25.93 48.63
CA TRP D 165 30.06 27.37 48.65
C TRP D 165 29.26 27.85 47.40
N LEU D 166 29.51 27.23 46.25
CA LEU D 166 28.85 27.62 44.97
C LEU D 166 27.52 26.93 44.63
N GLN D 167 26.92 26.24 45.61
CA GLN D 167 25.70 25.44 45.41
C GLN D 167 24.64 25.62 46.52
N PRO D 168 23.37 25.87 46.14
CA PRO D 168 22.32 25.93 47.18
C PRO D 168 22.14 24.56 47.86
N GLY D 180 11.03 25.24 33.75
CA GLY D 180 10.69 23.96 34.36
C GLY D 180 11.90 23.05 34.36
N LEU D 181 11.82 21.93 33.65
CA LEU D 181 12.96 21.01 33.55
C LEU D 181 14.00 21.58 32.58
N ALA D 182 13.54 22.40 31.63
CA ALA D 182 14.43 23.06 30.68
C ALA D 182 15.44 23.94 31.43
N GLU D 183 14.94 24.64 32.44
CA GLU D 183 15.75 25.53 33.25
C GLU D 183 16.44 24.79 34.40
N GLU D 184 15.87 23.67 34.86
CA GLU D 184 16.47 22.92 35.98
C GLU D 184 17.82 22.27 35.65
N VAL D 185 18.07 22.01 34.36
CA VAL D 185 19.31 21.38 33.90
C VAL D 185 20.38 22.40 33.43
N ALA D 186 19.97 23.51 32.79
CA ALA D 186 20.94 24.55 32.35
C ALA D 186 21.69 25.18 33.53
N GLN D 187 21.02 25.23 34.69
CA GLN D 187 21.62 25.71 35.95
C GLN D 187 22.56 24.65 36.48
N ARG D 188 22.14 23.39 36.47
CA ARG D 188 22.99 22.31 36.93
C ARG D 188 24.15 22.15 35.97
N HIS D 189 23.94 22.53 34.70
CA HIS D 189 25.00 22.50 33.70
C HIS D 189 26.05 23.62 33.99
N GLY D 190 25.67 24.59 34.82
CA GLY D 190 26.53 25.70 35.24
C GLY D 190 27.18 25.55 36.60
N GLU D 191 26.44 25.04 37.60
CA GLU D 191 26.97 24.77 38.95
C GLU D 191 28.01 23.64 38.88
N GLN D 192 27.60 22.48 38.36
CA GLN D 192 28.50 21.35 38.13
C GLN D 192 28.76 21.35 36.63
N GLY D 193 29.51 20.37 36.10
CA GLY D 193 29.79 20.34 34.67
C GLY D 193 28.62 19.83 33.81
N ILE D 194 28.91 18.79 33.01
CA ILE D 194 27.90 18.14 32.20
C ILE D 194 27.52 16.79 32.80
N ALA D 195 28.49 16.09 33.39
CA ALA D 195 28.23 14.78 34.02
C ALA D 195 27.20 14.82 35.15
N ALA D 196 26.95 16.02 35.70
CA ALA D 196 25.91 16.22 36.71
C ALA D 196 24.62 16.69 36.04
N ALA D 197 24.74 17.40 34.91
CA ALA D 197 23.59 17.86 34.12
C ALA D 197 22.84 16.68 33.46
N LEU D 198 23.57 15.61 33.15
CA LEU D 198 23.00 14.37 32.61
C LEU D 198 22.59 13.43 33.73
N ALA D 199 23.33 13.44 34.84
CA ALA D 199 22.96 12.58 35.96
C ALA D 199 21.65 13.05 36.57
N LEU D 200 21.35 14.34 36.38
CA LEU D 200 20.11 14.95 36.82
C LEU D 200 19.03 14.46 35.89
N LEU D 201 19.25 14.68 34.59
CA LEU D 201 18.30 14.28 33.56
C LEU D 201 17.87 12.81 33.68
N ASP D 202 18.75 11.97 34.23
CA ASP D 202 18.47 10.56 34.48
C ASP D 202 17.30 10.37 35.47
N GLU D 203 17.53 10.66 36.76
CA GLU D 203 16.50 10.49 37.81
C GLU D 203 15.18 11.21 37.47
N ARG D 204 15.25 12.27 36.66
CA ARG D 204 14.05 12.98 36.20
C ARG D 204 13.21 12.06 35.30
N ILE D 205 13.86 11.45 34.31
CA ILE D 205 13.17 10.55 33.39
C ILE D 205 12.66 9.28 34.11
N ALA D 206 13.35 8.83 35.16
CA ALA D 206 12.91 7.65 35.93
C ALA D 206 11.42 7.74 36.36
N GLN D 207 10.94 8.97 36.52
CA GLN D 207 9.53 9.29 36.77
C GLN D 207 9.04 10.20 35.62
N LEU D 208 8.56 9.63 34.53
CA LEU D 208 7.99 10.39 33.40
C LEU D 208 7.06 9.50 32.55
N LYS D 209 5.76 9.56 32.84
CA LYS D 209 4.79 8.73 32.14
C LYS D 209 4.50 9.21 30.71
N GLU D 210 3.85 10.36 30.55
CA GLU D 210 3.51 10.82 29.19
C GLU D 210 4.75 10.88 28.28
N PRO D 211 4.65 10.38 27.04
CA PRO D 211 5.77 10.44 26.13
C PRO D 211 6.11 11.89 25.78
N ARG D 212 5.12 12.72 25.48
CA ARG D 212 5.39 14.14 25.26
C ARG D 212 6.45 14.68 26.23
N ASP D 213 6.37 14.24 27.49
CA ASP D 213 7.32 14.66 28.51
C ASP D 213 8.70 14.01 28.29
N ARG D 214 8.71 12.74 27.92
CA ARG D 214 9.96 12.06 27.66
C ARG D 214 10.65 12.65 26.48
N PHE D 215 9.92 12.87 25.39
CA PHE D 215 10.48 13.49 24.17
C PHE D 215 11.03 14.85 24.52
N HIS D 216 10.35 15.63 25.35
CA HIS D 216 10.89 16.94 25.71
C HIS D 216 12.16 16.75 26.53
N ALA D 217 12.23 15.69 27.33
CA ALA D 217 13.43 15.36 28.13
C ALA D 217 14.62 15.03 27.23
N LEU D 218 14.35 14.41 26.08
CA LEU D 218 15.43 14.11 25.14
C LEU D 218 15.80 15.37 24.37
N LEU D 219 14.92 16.36 24.30
CA LEU D 219 15.22 17.60 23.60
C LEU D 219 16.17 18.43 24.47
N VAL D 220 16.18 18.11 25.77
CA VAL D 220 17.12 18.68 26.75
C VAL D 220 18.49 18.12 26.43
N GLN D 221 18.64 16.80 26.54
CA GLN D 221 19.90 16.14 26.22
C GLN D 221 20.46 16.68 24.88
N ALA D 222 19.61 17.01 23.93
CA ALA D 222 20.07 17.54 22.64
C ALA D 222 20.56 18.98 22.72
N GLU D 223 19.97 19.81 23.58
CA GLU D 223 20.44 21.21 23.75
C GLU D 223 21.65 21.25 24.68
N LEU D 224 21.63 20.42 25.72
CA LEU D 224 22.71 20.31 26.69
C LEU D 224 24.06 19.93 26.06
N LEU D 225 24.05 19.32 24.87
CA LEU D 225 25.28 19.05 24.11
C LEU D 225 25.68 20.30 23.32
N ALA D 226 24.77 20.88 22.51
CA ALA D 226 25.08 22.13 21.78
C ALA D 226 25.53 23.27 22.75
N GLN D 227 24.96 23.30 23.95
CA GLN D 227 25.39 24.23 24.98
C GLN D 227 26.81 23.87 25.35
N GLU D 228 27.04 22.57 25.60
CA GLU D 228 28.38 22.07 25.95
C GLU D 228 29.37 22.20 24.80
N GLY D 229 28.87 22.34 23.56
CA GLY D 229 29.72 22.54 22.36
C GLY D 229 29.99 21.39 21.39
N MET D 230 29.19 20.32 21.42
CA MET D 230 29.33 19.16 20.52
C MET D 230 28.22 19.19 19.47
N GLU D 231 28.17 20.28 18.71
CA GLU D 231 27.16 20.54 17.69
C GLU D 231 26.85 19.32 16.77
N ALA D 232 27.88 18.58 16.37
CA ALA D 232 27.71 17.45 15.46
C ALA D 232 26.98 16.22 16.04
N LEU D 233 27.34 15.81 17.25
CA LEU D 233 26.71 14.68 17.91
C LEU D 233 25.26 15.00 18.17
N ALA D 234 25.00 16.21 18.64
CA ALA D 234 23.64 16.66 18.96
C ALA D 234 22.80 16.80 17.71
N ARG D 235 23.29 17.51 16.70
CA ARG D 235 22.59 17.64 15.43
C ARG D 235 22.02 16.30 15.00
N GLN D 236 22.64 15.21 15.47
CA GLN D 236 22.16 13.85 15.16
C GLN D 236 21.00 13.37 16.05
N HIS D 237 20.81 13.92 17.24
CA HIS D 237 19.59 13.62 17.99
C HIS D 237 18.45 14.39 17.28
N TYR D 238 18.72 15.65 16.92
CA TYR D 238 17.77 16.55 16.21
C TYR D 238 17.27 16.03 14.91
N GLN D 239 18.12 15.29 14.21
CA GLN D 239 17.72 14.63 12.96
C GLN D 239 16.72 13.51 13.34
N HIS D 240 17.14 12.62 14.26
CA HIS D 240 16.32 11.48 14.72
C HIS D 240 15.16 11.91 15.63
N LEU D 241 15.13 13.16 16.08
CA LEU D 241 13.98 13.65 16.83
C LEU D 241 12.94 14.29 15.90
N TRP D 242 13.37 14.98 14.86
CA TRP D 242 12.47 15.58 13.90
C TRP D 242 11.78 14.58 13.06
N GLN D 243 12.36 13.40 12.92
CA GLN D 243 11.71 12.33 12.16
C GLN D 243 10.73 11.57 13.07
N GLU D 244 11.09 11.37 14.33
CA GLU D 244 10.19 10.72 15.30
C GLU D 244 8.92 11.56 15.58
N ALA D 245 8.94 12.84 15.21
CA ALA D 245 7.78 13.74 15.42
C ALA D 245 6.91 13.83 14.21
N SER D 246 7.51 13.70 13.03
CA SER D 246 6.76 13.75 11.78
C SER D 246 6.14 12.35 11.52
N ARG D 247 6.60 11.33 12.25
CA ARG D 247 6.05 9.95 12.23
C ARG D 247 4.76 9.97 13.08
N LEU D 248 4.85 10.55 14.29
CA LEU D 248 3.72 10.72 15.22
C LEU D 248 2.66 11.73 14.74
N GLY D 249 3.00 12.47 13.66
CA GLY D 249 2.12 13.49 13.03
C GLY D 249 1.89 14.74 13.84
N LEU D 250 2.91 15.17 14.60
CA LEU D 250 2.86 16.36 15.47
C LEU D 250 2.85 17.67 14.70
N SER D 251 2.74 17.63 13.38
CA SER D 251 2.65 18.84 12.55
C SER D 251 1.21 19.33 12.49
N HIS D 252 0.27 18.41 12.67
CA HIS D 252 -1.17 18.70 12.77
C HIS D 252 -1.56 19.11 14.19
N TRP D 253 -0.59 19.15 15.11
CA TRP D 253 -0.80 19.46 16.52
C TRP D 253 0.56 19.84 17.07
N GLU D 254 0.82 21.13 17.25
CA GLU D 254 2.14 21.58 17.73
C GLU D 254 3.24 21.61 16.64
N PRO D 255 2.96 22.22 15.46
CA PRO D 255 3.91 22.27 14.34
C PRO D 255 5.11 23.18 14.60
N GLY D 256 5.01 24.09 15.56
CA GLY D 256 6.15 24.94 15.89
C GLY D 256 7.35 24.10 16.31
N LEU D 257 7.08 23.00 17.03
CA LEU D 257 8.09 22.04 17.51
C LEU D 257 8.77 21.37 16.32
N VAL D 258 7.96 21.05 15.33
CA VAL D 258 8.46 20.44 14.11
C VAL D 258 9.31 21.40 13.26
N ASN D 259 8.87 22.65 13.06
CA ASN D 259 9.65 23.60 12.23
C ASN D 259 11.02 24.01 12.79
N ARG D 260 11.17 23.92 14.11
CA ARG D 260 12.46 24.18 14.80
C ARG D 260 13.35 22.96 14.72
N LEU D 261 12.79 21.77 14.93
CA LEU D 261 13.58 20.56 14.79
C LEU D 261 14.15 20.38 13.37
N GLU D 262 13.35 20.80 12.38
CA GLU D 262 13.77 20.74 10.99
C GLU D 262 14.85 21.77 10.68
N SER D 263 14.79 22.99 11.21
CA SER D 263 15.94 23.88 10.98
C SER D 263 17.12 23.31 11.81
N LEU D 264 16.85 22.75 13.00
CA LEU D 264 17.89 22.13 13.84
C LEU D 264 18.47 20.78 13.36
N ALA D 265 18.47 20.54 12.05
CA ALA D 265 19.10 19.34 11.48
C ALA D 265 20.17 19.66 10.40
N ALA D 266 19.94 20.66 9.53
CA ALA D 266 20.90 21.02 8.45
C ALA D 266 21.23 19.86 7.49
N ASN E 22 24.05 -70.41 13.83
CA ASN E 22 25.33 -69.78 13.40
C ASN E 22 25.12 -68.70 12.32
N ASP E 23 24.23 -67.74 12.61
CA ASP E 23 24.03 -66.57 11.73
C ASP E 23 25.44 -66.07 11.43
N ARG E 24 26.24 -66.01 12.49
CA ARG E 24 27.65 -65.63 12.43
C ARG E 24 28.29 -66.24 11.16
N ALA E 25 28.35 -67.57 11.09
CA ALA E 25 29.00 -68.25 9.95
C ALA E 25 28.39 -67.89 8.59
N TRP E 26 27.07 -67.91 8.50
CA TRP E 26 26.34 -67.53 7.28
C TRP E 26 26.79 -66.12 6.87
N ARG E 27 26.84 -65.21 7.84
CA ARG E 27 27.24 -63.81 7.63
C ARG E 27 28.63 -63.79 7.01
N GLN E 28 29.52 -64.68 7.47
CA GLN E 28 30.85 -64.83 6.87
C GLN E 28 30.67 -65.08 5.40
N THR E 29 29.93 -66.14 5.14
CA THR E 29 29.69 -66.63 3.81
C THR E 29 29.20 -65.56 2.86
N GLN E 30 28.37 -64.66 3.35
CA GLN E 30 27.84 -63.62 2.50
C GLN E 30 29.03 -62.78 2.10
N LEU E 31 29.75 -62.32 3.11
CA LEU E 31 30.92 -61.46 2.91
C LEU E 31 31.90 -62.12 1.98
N LYS E 32 32.15 -63.40 2.22
CA LYS E 32 33.07 -64.16 1.40
C LYS E 32 32.62 -64.03 -0.08
N VAL E 33 31.35 -64.34 -0.33
CA VAL E 33 30.82 -64.25 -1.68
C VAL E 33 30.95 -62.83 -2.20
N ALA E 34 30.70 -61.85 -1.34
CA ALA E 34 30.79 -60.44 -1.71
C ALA E 34 32.22 -60.03 -2.05
N GLU E 35 33.17 -60.57 -1.28
CA GLU E 35 34.57 -60.29 -1.52
C GLU E 35 34.79 -60.73 -2.97
N LEU E 36 34.50 -61.99 -3.19
CA LEU E 36 34.73 -62.63 -4.45
C LEU E 36 34.08 -61.96 -5.62
N LEU E 37 32.85 -61.50 -5.41
CA LEU E 37 32.06 -60.80 -6.46
C LEU E 37 32.64 -59.47 -6.89
N ILE E 38 33.15 -58.79 -5.89
CA ILE E 38 33.83 -57.57 -6.05
C ILE E 38 35.16 -57.89 -6.72
N GLU E 39 35.83 -58.92 -6.22
CA GLU E 39 37.09 -59.26 -6.83
C GLU E 39 36.87 -59.52 -8.31
N ARG E 40 35.92 -60.42 -8.65
CA ARG E 40 35.66 -60.74 -10.06
C ARG E 40 35.19 -59.50 -10.86
N GLN E 41 34.23 -58.74 -10.33
CA GLN E 41 33.72 -57.55 -11.03
C GLN E 41 33.52 -56.37 -10.09
N PRO E 42 34.54 -55.53 -9.95
CA PRO E 42 34.41 -54.41 -9.06
C PRO E 42 33.69 -53.15 -9.65
N GLU E 43 33.09 -53.27 -10.84
CA GLU E 43 32.29 -52.18 -11.42
C GLU E 43 30.80 -52.54 -11.32
N VAL E 44 30.54 -53.65 -10.62
CA VAL E 44 29.25 -54.24 -10.50
C VAL E 44 28.78 -54.41 -9.08
N ALA E 45 27.68 -53.69 -8.87
CA ALA E 45 26.97 -53.54 -7.62
C ALA E 45 26.77 -54.74 -6.69
N VAL E 46 26.06 -55.75 -7.18
CA VAL E 46 25.64 -56.85 -6.30
C VAL E 46 26.52 -57.28 -5.11
N GLY E 47 27.83 -57.25 -5.29
CA GLY E 47 28.72 -57.71 -4.21
C GLY E 47 28.71 -56.75 -3.06
N TYR E 48 28.78 -55.48 -3.46
CA TYR E 48 28.75 -54.37 -2.57
C TYR E 48 27.44 -54.55 -1.79
N ARG E 49 26.35 -54.74 -2.52
CA ARG E 49 25.02 -54.96 -1.93
C ARG E 49 24.96 -56.19 -1.01
N LEU E 50 25.57 -57.28 -1.41
CA LEU E 50 25.54 -58.46 -0.58
C LEU E 50 26.24 -58.25 0.78
N ARG E 51 27.22 -57.36 0.81
CA ARG E 51 28.02 -57.08 2.02
C ARG E 51 27.22 -56.22 2.97
N ARG E 52 26.78 -55.07 2.50
CA ARG E 52 25.91 -54.22 3.31
C ARG E 52 24.92 -55.09 4.06
N HIS E 53 24.32 -56.05 3.37
CA HIS E 53 23.37 -56.97 4.00
C HIS E 53 24.07 -57.72 5.13
N ALA E 54 25.15 -58.42 4.79
CA ALA E 54 25.89 -59.19 5.77
C ALA E 54 26.14 -58.40 7.05
N VAL E 55 26.54 -57.14 6.87
CA VAL E 55 26.89 -56.22 7.96
C VAL E 55 25.69 -55.72 8.76
N TRP E 56 24.58 -55.45 8.07
CA TRP E 56 23.34 -54.94 8.67
C TRP E 56 22.20 -56.00 8.68
N ALA E 57 22.58 -57.25 8.92
CA ALA E 57 21.63 -58.35 8.97
C ALA E 57 21.13 -58.35 10.39
N GLY E 58 21.92 -58.94 11.28
CA GLY E 58 21.60 -59.07 12.69
C GLY E 58 21.08 -57.84 13.39
N ILE E 59 21.32 -56.66 12.83
CA ILE E 59 20.81 -55.43 13.46
C ILE E 59 19.26 -55.39 13.39
N THR E 60 18.60 -55.55 14.54
CA THR E 60 17.11 -55.54 14.63
C THR E 60 16.52 -54.18 15.17
N ALA E 61 17.26 -53.49 16.04
CA ALA E 61 16.84 -52.17 16.58
C ALA E 61 18.05 -51.41 17.15
N VAL E 62 18.15 -50.12 16.83
CA VAL E 62 19.30 -49.25 17.19
C VAL E 62 19.96 -49.51 18.56
N PRO E 63 21.16 -48.93 18.80
CA PRO E 63 21.83 -49.13 20.09
C PRO E 63 21.29 -48.21 21.20
N MET E 64 21.29 -48.75 22.43
CA MET E 64 20.79 -48.07 23.64
C MET E 64 21.41 -46.67 23.75
N SER E 65 20.56 -45.63 23.76
CA SER E 65 21.02 -44.24 23.86
C SER E 65 20.43 -43.54 25.10
N GLY E 66 20.84 -42.30 25.32
CA GLY E 66 20.37 -41.55 26.48
C GLY E 66 20.63 -40.06 26.34
N ALA E 67 21.55 -39.53 27.16
CA ALA E 67 21.89 -38.11 27.18
C ALA E 67 22.24 -37.52 25.79
N GLY E 68 21.35 -36.68 25.25
CA GLY E 68 21.55 -35.99 23.95
C GLY E 68 21.49 -36.88 22.72
N ASN E 69 20.86 -38.06 22.86
CA ASN E 69 20.76 -39.14 21.85
C ASN E 69 22.05 -39.95 21.70
N LYS E 70 23.06 -39.65 22.51
CA LYS E 70 24.39 -40.26 22.38
C LYS E 70 24.36 -41.75 22.69
N THR E 71 25.20 -42.49 21.98
CA THR E 71 25.31 -43.93 22.11
C THR E 71 26.68 -44.28 22.64
N PRO E 72 26.78 -45.34 23.47
CA PRO E 72 28.05 -45.78 24.08
C PRO E 72 29.03 -46.38 23.09
N LEU E 73 29.12 -45.77 21.89
CA LEU E 73 29.95 -46.23 20.79
C LEU E 73 30.71 -45.03 20.22
N ALA E 74 32.02 -45.02 20.42
CA ALA E 74 32.90 -43.94 19.96
C ALA E 74 33.03 -43.96 18.47
N PRO E 75 33.11 -42.78 17.84
CA PRO E 75 33.19 -42.63 16.37
C PRO E 75 34.44 -43.20 15.71
N MET E 76 34.55 -43.05 14.39
CA MET E 76 35.74 -43.54 13.70
C MET E 76 36.94 -42.72 14.08
N SER E 77 38.00 -43.40 14.50
CA SER E 77 39.28 -42.80 14.82
C SER E 77 39.64 -41.71 13.81
N ALA E 78 39.57 -40.45 14.23
CA ALA E 78 39.84 -39.31 13.36
C ALA E 78 41.10 -39.57 12.57
N ASP E 79 42.18 -39.84 13.28
CA ASP E 79 43.46 -40.14 12.66
C ASP E 79 43.15 -40.95 11.39
N MET E 80 42.44 -42.06 11.61
CA MET E 80 42.09 -43.01 10.55
C MET E 80 41.32 -42.29 9.43
N VAL E 81 40.25 -41.62 9.81
CA VAL E 81 39.39 -40.91 8.84
C VAL E 81 40.14 -39.88 8.00
N ASP E 82 41.05 -39.16 8.65
CA ASP E 82 41.80 -38.09 8.01
C ASP E 82 42.73 -38.71 6.97
N GLU E 83 43.47 -39.71 7.43
CA GLU E 83 44.38 -40.48 6.59
C GLU E 83 43.62 -40.86 5.31
N TYR E 84 42.37 -41.34 5.44
CA TYR E 84 41.57 -41.74 4.26
C TYR E 84 41.30 -40.52 3.42
N ARG E 85 40.72 -39.48 4.05
CA ARG E 85 40.43 -38.24 3.35
C ARG E 85 41.67 -37.70 2.67
N ALA E 86 42.84 -38.06 3.19
CA ALA E 86 44.11 -37.66 2.60
C ALA E 86 44.32 -38.28 1.23
N ALA E 87 44.25 -39.61 1.16
CA ALA E 87 44.51 -40.34 -0.07
C ALA E 87 43.68 -39.91 -1.27
N MET E 88 42.48 -39.44 -0.97
CA MET E 88 41.47 -39.05 -1.97
C MET E 88 41.95 -38.40 -3.28
N ASN E 89 43.00 -37.57 -3.21
CA ASN E 89 43.54 -36.88 -4.40
C ASN E 89 44.15 -37.86 -5.44
N ALA E 90 44.78 -38.92 -4.92
CA ALA E 90 45.36 -39.99 -5.74
C ALA E 90 44.80 -41.31 -5.19
N PRO E 91 43.56 -41.64 -5.58
CA PRO E 91 42.88 -42.80 -5.07
C PRO E 91 43.00 -44.02 -5.97
N ASP E 92 43.06 -45.17 -5.34
CA ASP E 92 43.23 -46.41 -6.05
C ASP E 92 42.23 -47.42 -5.54
N GLN E 93 42.19 -48.54 -6.26
CA GLN E 93 41.35 -49.69 -5.92
C GLN E 93 41.77 -50.27 -4.54
N GLY E 94 42.94 -49.90 -4.05
CA GLY E 94 43.45 -50.35 -2.77
C GLY E 94 42.93 -49.57 -1.58
N LEU E 95 42.75 -48.28 -1.79
CA LEU E 95 42.18 -47.40 -0.76
C LEU E 95 40.78 -47.89 -0.43
N TRP E 96 39.99 -47.93 -1.49
CA TRP E 96 38.61 -48.33 -1.48
C TRP E 96 38.43 -49.62 -0.68
N GLN E 97 39.37 -50.54 -0.78
CA GLN E 97 39.26 -51.77 -0.05
C GLN E 97 39.38 -51.60 1.47
N ARG E 98 40.30 -50.76 1.92
CA ARG E 98 40.48 -50.60 3.37
C ARG E 98 39.34 -49.79 3.94
N ILE E 99 38.80 -48.85 3.14
CA ILE E 99 37.64 -48.09 3.60
C ILE E 99 36.57 -49.11 3.98
N GLU E 100 36.22 -49.90 2.97
CA GLU E 100 35.20 -50.92 3.05
C GLU E 100 35.45 -51.92 4.15
N GLN E 101 36.69 -52.38 4.31
CA GLN E 101 37.00 -53.32 5.38
C GLN E 101 36.53 -52.75 6.69
N SER E 102 36.81 -51.47 6.89
CA SER E 102 36.44 -50.81 8.14
C SER E 102 34.91 -50.69 8.29
N LEU E 103 34.17 -50.25 7.27
CA LEU E 103 32.70 -50.12 7.41
C LEU E 103 31.95 -51.44 7.46
N THR E 104 32.73 -52.50 7.43
CA THR E 104 32.30 -53.86 7.65
C THR E 104 32.48 -54.26 9.12
N LEU E 105 33.29 -53.46 9.81
CA LEU E 105 33.61 -53.63 11.21
C LEU E 105 33.07 -52.47 12.05
N ALA E 106 32.78 -51.36 11.37
CA ALA E 106 32.21 -50.15 11.95
C ALA E 106 30.78 -49.93 11.38
N PRO E 107 29.83 -50.77 11.85
CA PRO E 107 28.51 -50.77 11.23
C PRO E 107 27.96 -49.40 10.90
N TYR E 108 27.80 -48.57 11.93
CA TYR E 108 27.10 -47.28 11.82
C TYR E 108 27.92 -46.14 11.26
N TRP E 109 29.17 -46.38 10.90
CA TRP E 109 29.98 -45.30 10.33
C TRP E 109 29.40 -44.79 8.99
N PHE E 110 28.25 -44.12 9.02
CA PHE E 110 27.61 -43.71 7.78
C PHE E 110 28.42 -42.74 6.97
N GLU E 111 29.36 -42.04 7.58
CA GLU E 111 30.18 -41.14 6.78
C GLU E 111 31.09 -41.94 5.80
N GLY E 112 31.57 -43.12 6.21
CA GLY E 112 32.40 -43.98 5.33
C GLY E 112 31.68 -44.51 4.08
N HIS E 113 30.35 -44.60 4.15
CA HIS E 113 29.57 -45.05 3.02
C HIS E 113 29.44 -43.87 2.09
N ARG E 114 29.75 -42.67 2.57
CA ARG E 114 29.76 -41.54 1.68
C ARG E 114 31.10 -41.53 0.99
N LEU E 115 32.16 -41.88 1.71
CA LEU E 115 33.49 -41.93 1.09
C LEU E 115 33.49 -42.99 0.00
N SER E 116 33.16 -44.22 0.39
CA SER E 116 33.15 -45.33 -0.52
C SER E 116 32.50 -44.85 -1.81
N ALA E 117 31.42 -44.11 -1.70
CA ALA E 117 30.76 -43.60 -2.90
C ALA E 117 31.52 -42.53 -3.69
N GLU E 118 32.23 -41.70 -2.96
CA GLU E 118 32.99 -40.66 -3.57
C GLU E 118 34.16 -41.33 -4.27
N VAL E 119 34.88 -42.22 -3.55
CA VAL E 119 36.04 -42.98 -4.09
C VAL E 119 35.65 -43.69 -5.35
N ALA E 120 34.66 -44.59 -5.21
CA ALA E 120 34.16 -45.35 -6.31
C ALA E 120 33.85 -44.39 -7.48
N GLU E 121 33.26 -43.24 -7.22
CA GLU E 121 32.93 -42.40 -8.35
C GLU E 121 34.18 -41.86 -9.05
N LYS E 122 35.26 -41.70 -8.31
CA LYS E 122 36.53 -41.21 -8.86
C LYS E 122 37.33 -42.31 -9.54
N LEU E 123 37.20 -43.54 -9.05
CA LEU E 123 37.84 -44.69 -9.68
C LEU E 123 37.15 -45.05 -10.99
N GLY E 124 35.93 -44.53 -11.20
CA GLY E 124 35.14 -44.71 -12.45
C GLY E 124 33.91 -45.60 -12.41
N PHE E 125 33.28 -45.70 -11.24
CA PHE E 125 32.21 -46.68 -11.03
C PHE E 125 30.89 -46.11 -10.50
N GLY E 126 30.33 -45.18 -11.31
CA GLY E 126 29.11 -44.46 -10.97
C GLY E 126 28.03 -45.35 -10.39
N ALA E 127 27.74 -46.38 -11.18
CA ALA E 127 26.75 -47.38 -10.85
C ALA E 127 26.93 -47.99 -9.43
N VAL E 128 28.19 -48.18 -9.03
CA VAL E 128 28.47 -48.75 -7.71
C VAL E 128 28.24 -47.70 -6.64
N ALA E 129 28.62 -46.46 -6.93
CA ALA E 129 28.41 -45.37 -5.99
C ALA E 129 26.92 -45.37 -5.74
N GLN E 130 26.19 -45.19 -6.84
CA GLN E 130 24.74 -45.21 -6.85
C GLN E 130 24.25 -46.26 -5.89
N ALA E 131 24.65 -47.48 -6.14
CA ALA E 131 24.20 -48.60 -5.33
C ALA E 131 24.56 -48.51 -3.85
N ILE E 132 25.75 -48.02 -3.56
CA ILE E 132 26.18 -47.93 -2.18
C ILE E 132 25.19 -47.15 -1.32
N ALA E 133 24.60 -46.13 -1.96
CA ALA E 133 23.62 -45.18 -1.37
C ALA E 133 22.18 -45.69 -1.36
N GLU E 134 21.73 -46.30 -2.46
CA GLU E 134 20.40 -46.90 -2.52
C GLU E 134 20.31 -47.85 -1.31
N GLU E 135 21.36 -48.65 -1.11
CA GLU E 135 21.40 -49.62 -0.04
C GLU E 135 21.49 -49.00 1.37
N LEU E 136 22.06 -47.82 1.49
CA LEU E 136 22.13 -47.13 2.79
C LEU E 136 20.76 -46.53 3.15
N GLY E 137 20.19 -45.76 2.20
CA GLY E 137 18.87 -45.10 2.30
C GLY E 137 17.83 -46.14 2.70
N THR E 138 18.03 -47.33 2.15
CA THR E 138 17.28 -48.50 2.53
C THR E 138 17.46 -48.70 4.03
N PHE E 139 18.66 -48.99 4.49
CA PHE E 139 18.89 -49.25 5.91
C PHE E 139 18.27 -48.21 6.85
N LEU E 140 18.29 -46.93 6.43
CA LEU E 140 17.71 -45.83 7.21
C LEU E 140 16.18 -45.79 7.21
N GLN E 141 15.58 -46.39 6.20
CA GLN E 141 14.14 -46.54 6.18
C GLN E 141 13.74 -47.73 7.00
N ARG E 142 14.63 -48.69 7.22
CA ARG E 142 14.30 -49.84 8.06
C ARG E 142 14.27 -49.42 9.51
N LEU E 143 15.25 -48.64 9.92
CA LEU E 143 15.31 -48.17 11.30
C LEU E 143 15.75 -46.74 11.17
N PRO E 144 14.78 -45.79 11.16
CA PRO E 144 15.12 -44.35 11.02
C PRO E 144 15.57 -43.68 12.31
N ALA E 145 15.45 -44.40 13.44
CA ALA E 145 15.98 -43.90 14.71
C ALA E 145 17.46 -43.52 14.52
N LEU E 146 18.11 -44.25 13.63
CA LEU E 146 19.50 -44.01 13.33
C LEU E 146 19.78 -42.59 12.83
N ARG E 147 18.88 -41.99 12.04
CA ARG E 147 19.15 -40.64 11.50
C ARG E 147 19.39 -39.56 12.58
N GLU E 148 18.97 -39.87 13.80
CA GLU E 148 19.08 -38.98 14.97
C GLU E 148 20.23 -39.32 15.90
N LEU E 149 20.56 -40.60 16.02
CA LEU E 149 21.61 -41.01 16.97
C LEU E 149 23.01 -40.41 16.73
N ALA E 150 23.80 -40.48 17.80
CA ALA E 150 25.15 -39.97 17.81
C ALA E 150 26.05 -40.79 18.73
N PHE E 151 27.34 -40.76 18.40
CA PHE E 151 28.40 -41.52 19.10
C PHE E 151 28.63 -40.86 20.44
N SER E 152 29.23 -41.59 21.39
CA SER E 152 29.46 -41.02 22.73
C SER E 152 30.16 -39.66 22.69
N ASP E 153 30.94 -39.39 21.64
CA ASP E 153 31.57 -38.08 21.53
C ASP E 153 30.54 -37.05 21.06
N GLY E 154 29.30 -37.47 20.86
CA GLY E 154 28.26 -36.56 20.43
C GLY E 154 28.13 -36.40 18.92
N SER E 155 29.19 -36.69 18.15
CA SER E 155 29.12 -36.52 16.67
C SER E 155 27.97 -37.35 16.09
N PRO E 156 27.39 -36.87 14.98
CA PRO E 156 26.22 -37.53 14.42
C PRO E 156 26.48 -38.84 13.65
N PHE E 157 25.60 -39.83 13.77
CA PHE E 157 25.69 -41.03 12.94
C PHE E 157 25.56 -40.61 11.46
N LEU E 158 24.75 -39.61 11.18
CA LEU E 158 24.55 -39.11 9.83
C LEU E 158 24.79 -37.64 9.79
N SER E 159 25.83 -37.18 9.13
CA SER E 159 26.03 -35.73 9.02
C SER E 159 24.98 -35.04 8.14
N PRO E 160 24.94 -33.72 8.16
CA PRO E 160 24.10 -33.03 7.21
C PRO E 160 24.62 -33.13 5.76
N GLU E 161 25.94 -33.16 5.55
CA GLU E 161 26.47 -33.31 4.18
C GLU E 161 26.23 -34.76 3.71
N CYS E 162 26.14 -35.68 4.68
CA CYS E 162 25.89 -37.13 4.47
C CYS E 162 24.42 -37.44 4.16
N SER E 163 23.55 -36.53 4.55
CA SER E 163 22.10 -36.66 4.34
C SER E 163 21.67 -35.94 3.06
N ARG E 164 22.26 -34.79 2.71
CA ARG E 164 21.93 -34.14 1.43
C ARG E 164 22.34 -35.14 0.32
N TRP E 165 23.46 -35.84 0.52
CA TRP E 165 23.95 -36.89 -0.38
C TRP E 165 22.76 -37.79 -0.78
N LEU E 166 22.18 -38.43 0.23
CA LEU E 166 21.04 -39.36 0.08
C LEU E 166 19.71 -38.86 -0.57
N GLN E 167 19.28 -37.61 -0.36
CA GLN E 167 17.99 -37.12 -0.94
C GLN E 167 18.08 -36.79 -2.45
N PRO E 168 17.16 -37.37 -3.23
CA PRO E 168 17.14 -37.22 -4.69
C PRO E 168 17.27 -35.75 -5.18
N GLY E 175 15.13 -29.03 -17.59
CA GLY E 175 14.00 -28.75 -18.46
C GLY E 175 14.26 -29.21 -19.88
N ILE E 176 13.66 -28.54 -20.86
CA ILE E 176 13.84 -28.89 -22.30
C ILE E 176 14.91 -27.99 -22.95
N GLY E 177 14.85 -26.70 -22.61
CA GLY E 177 15.84 -25.71 -23.06
C GLY E 177 16.90 -25.46 -22.00
N GLU E 178 16.57 -25.77 -20.74
CA GLU E 178 17.52 -25.62 -19.62
C GLU E 178 18.66 -26.60 -19.78
N ALA E 179 18.35 -27.88 -20.00
CA ALA E 179 19.36 -28.93 -20.22
C ALA E 179 20.11 -28.75 -21.57
N GLY E 180 19.48 -28.00 -22.50
CA GLY E 180 20.07 -27.66 -23.81
C GLY E 180 21.36 -26.88 -23.69
N LEU E 181 21.52 -26.13 -22.59
CA LEU E 181 22.77 -25.41 -22.29
C LEU E 181 23.56 -26.16 -21.22
N ALA E 182 22.90 -26.53 -20.12
CA ALA E 182 23.55 -27.25 -19.00
C ALA E 182 24.40 -28.43 -19.47
N GLU E 183 23.91 -29.14 -20.48
CA GLU E 183 24.61 -30.26 -21.06
C GLU E 183 25.62 -29.77 -22.12
N GLU E 184 25.35 -28.60 -22.71
CA GLU E 184 26.26 -27.92 -23.64
C GLU E 184 27.47 -27.35 -22.89
N VAL E 185 27.32 -27.15 -21.59
CA VAL E 185 28.35 -26.59 -20.73
C VAL E 185 29.08 -27.65 -19.91
N ALA E 186 28.37 -28.54 -19.23
CA ALA E 186 29.07 -29.57 -18.44
C ALA E 186 30.06 -30.39 -19.32
N GLN E 187 29.86 -30.32 -20.62
CA GLN E 187 30.76 -30.91 -21.63
C GLN E 187 32.06 -30.09 -21.63
N ARG E 188 31.96 -28.79 -21.97
CA ARG E 188 33.11 -27.86 -21.93
C ARG E 188 33.77 -27.76 -20.50
N HIS E 189 33.04 -28.14 -19.44
CA HIS E 189 33.57 -28.22 -18.07
C HIS E 189 34.50 -29.44 -17.93
N GLY E 190 34.39 -30.38 -18.87
CA GLY E 190 35.28 -31.57 -18.93
C GLY E 190 36.50 -31.39 -19.84
N GLU E 191 36.33 -30.78 -21.01
CA GLU E 191 37.47 -30.48 -21.90
C GLU E 191 38.40 -29.44 -21.23
N GLN E 192 38.03 -28.16 -21.17
CA GLN E 192 38.83 -27.23 -20.35
C GLN E 192 38.32 -27.46 -18.91
N GLY E 193 38.78 -26.70 -17.92
CA GLY E 193 38.24 -26.85 -16.55
C GLY E 193 37.02 -25.96 -16.18
N ILE E 194 36.78 -25.80 -14.87
CA ILE E 194 35.73 -24.91 -14.35
C ILE E 194 35.88 -23.48 -14.86
N ALA E 195 37.10 -23.00 -14.85
CA ALA E 195 37.39 -21.69 -15.36
C ALA E 195 36.67 -21.45 -16.68
N ALA E 196 36.93 -22.31 -17.68
CA ALA E 196 36.34 -22.16 -19.02
C ALA E 196 34.85 -22.41 -19.02
N ALA E 197 34.42 -23.32 -18.16
CA ALA E 197 33.00 -23.61 -18.04
C ALA E 197 32.31 -22.28 -17.85
N LEU E 198 32.66 -21.61 -16.76
CA LEU E 198 32.12 -20.29 -16.47
C LEU E 198 32.32 -19.34 -17.67
N ALA E 199 33.52 -19.34 -18.22
CA ALA E 199 33.84 -18.48 -19.36
C ALA E 199 32.80 -18.61 -20.44
N LEU E 200 32.37 -19.84 -20.69
CA LEU E 200 31.35 -20.04 -21.70
C LEU E 200 30.02 -19.46 -21.21
N LEU E 201 29.62 -19.91 -20.02
CA LEU E 201 28.37 -19.49 -19.39
C LEU E 201 28.21 -18.00 -19.61
N ASP E 202 29.27 -17.25 -19.30
CA ASP E 202 29.28 -15.82 -19.54
C ASP E 202 28.97 -15.47 -20.99
N GLU E 203 29.83 -15.89 -21.91
CA GLU E 203 29.64 -15.50 -23.32
C GLU E 203 28.25 -15.86 -23.89
N ARG E 204 27.59 -16.84 -23.27
CA ARG E 204 26.24 -17.18 -23.67
C ARG E 204 25.26 -16.08 -23.25
N ILE E 205 25.29 -15.78 -21.94
CA ILE E 205 24.38 -14.79 -21.31
C ILE E 205 24.39 -13.45 -22.00
N ALA E 206 25.57 -12.96 -22.37
CA ALA E 206 25.67 -11.67 -23.07
C ALA E 206 24.75 -11.58 -24.29
N GLN E 207 24.33 -12.74 -24.82
CA GLN E 207 23.43 -12.82 -25.97
C GLN E 207 22.06 -13.47 -25.66
N LEU E 208 21.45 -13.04 -24.57
CA LEU E 208 20.12 -13.47 -24.15
C LEU E 208 19.26 -12.26 -23.77
N LYS E 209 17.99 -12.26 -24.18
CA LYS E 209 17.07 -11.18 -23.86
C LYS E 209 16.10 -11.56 -22.76
N GLU E 210 15.47 -12.72 -22.90
CA GLU E 210 14.44 -13.16 -21.97
C GLU E 210 14.89 -13.60 -20.57
N PRO E 211 14.44 -12.88 -19.54
CA PRO E 211 14.71 -13.21 -18.15
C PRO E 211 14.64 -14.68 -17.84
N ARG E 212 13.65 -15.36 -18.37
CA ARG E 212 13.51 -16.77 -18.13
C ARG E 212 14.81 -17.50 -18.47
N ASP E 213 15.40 -17.15 -19.62
CA ASP E 213 16.63 -17.76 -20.07
C ASP E 213 17.74 -17.35 -19.09
N ARG E 214 17.88 -16.06 -18.87
CA ARG E 214 18.90 -15.57 -17.97
C ARG E 214 18.79 -16.21 -16.60
N PHE E 215 17.58 -16.48 -16.12
CA PHE E 215 17.40 -17.17 -14.83
C PHE E 215 17.89 -18.61 -14.96
N HIS E 216 17.72 -19.21 -16.15
CA HIS E 216 18.18 -20.59 -16.41
C HIS E 216 19.71 -20.65 -16.32
N ALA E 217 20.35 -19.68 -16.97
CA ALA E 217 21.79 -19.57 -16.96
C ALA E 217 22.22 -19.56 -15.51
N LEU E 218 21.92 -18.50 -14.78
CA LEU E 218 22.30 -18.45 -13.40
C LEU E 218 22.04 -19.79 -12.73
N LEU E 219 21.01 -20.50 -13.14
CA LEU E 219 20.73 -21.79 -12.52
C LEU E 219 21.81 -22.82 -12.85
N VAL E 220 22.31 -22.75 -14.08
CA VAL E 220 23.43 -23.57 -14.51
C VAL E 220 24.61 -23.31 -13.58
N GLN E 221 25.01 -22.04 -13.49
CA GLN E 221 26.11 -21.65 -12.65
C GLN E 221 26.11 -22.38 -11.32
N ALA E 222 24.94 -22.51 -10.71
CA ALA E 222 24.82 -23.19 -9.43
C ALA E 222 25.17 -24.64 -9.54
N GLU E 223 24.44 -25.30 -10.43
CA GLU E 223 24.59 -26.73 -10.68
C GLU E 223 26.07 -27.03 -10.96
N LEU E 224 26.72 -26.10 -11.67
CA LEU E 224 28.13 -26.22 -12.07
C LEU E 224 29.07 -26.25 -10.88
N LEU E 225 28.77 -25.40 -9.91
CA LEU E 225 29.53 -25.28 -8.70
C LEU E 225 29.25 -26.49 -7.85
N ALA E 226 28.05 -27.06 -7.95
CA ALA E 226 27.74 -28.25 -7.18
C ALA E 226 28.71 -29.41 -7.54
N GLN E 227 28.99 -29.52 -8.84
CA GLN E 227 29.84 -30.58 -9.38
C GLN E 227 31.34 -30.32 -9.20
N GLU E 228 31.72 -29.11 -8.80
CA GLU E 228 33.13 -28.79 -8.54
C GLU E 228 33.39 -28.94 -7.03
N GLY E 229 32.35 -29.23 -6.25
CA GLY E 229 32.46 -29.38 -4.79
C GLY E 229 32.28 -28.07 -4.02
N MET E 230 31.22 -27.33 -4.35
CA MET E 230 30.94 -26.05 -3.71
C MET E 230 29.55 -26.13 -3.08
N GLU E 231 29.40 -27.05 -2.12
CA GLU E 231 28.10 -27.27 -1.50
C GLU E 231 27.52 -26.05 -0.78
N ALA E 232 28.34 -25.27 -0.09
CA ALA E 232 27.81 -24.08 0.55
C ALA E 232 27.62 -22.97 -0.48
N LEU E 233 28.54 -22.76 -1.41
CA LEU E 233 28.40 -21.65 -2.35
C LEU E 233 27.31 -21.90 -3.36
N ALA E 234 27.06 -23.16 -3.66
CA ALA E 234 26.00 -23.52 -4.60
C ALA E 234 24.64 -23.27 -3.96
N ARG E 235 24.42 -23.89 -2.80
CA ARG E 235 23.18 -23.75 -1.99
C ARG E 235 22.77 -22.27 -1.88
N GLN E 236 23.72 -21.39 -1.58
CA GLN E 236 23.43 -19.96 -1.47
C GLN E 236 22.82 -19.37 -2.76
N HIS E 237 23.22 -19.84 -3.94
CA HIS E 237 22.59 -19.37 -5.16
C HIS E 237 21.15 -19.93 -5.26
N TYR E 238 20.96 -21.17 -4.79
CA TYR E 238 19.61 -21.76 -4.83
C TYR E 238 18.67 -20.92 -3.97
N GLN E 239 19.12 -20.57 -2.76
CA GLN E 239 18.36 -19.70 -1.87
C GLN E 239 17.87 -18.47 -2.63
N HIS E 240 18.75 -17.70 -3.24
CA HIS E 240 18.35 -16.49 -3.99
C HIS E 240 17.59 -16.80 -5.28
N LEU E 241 17.64 -18.04 -5.75
CA LEU E 241 16.91 -18.43 -6.96
C LEU E 241 15.46 -18.86 -6.67
N TRP E 242 15.24 -19.45 -5.49
CA TRP E 242 13.91 -19.91 -5.03
C TRP E 242 12.99 -18.78 -4.67
N GLN E 243 13.59 -17.81 -3.98
CA GLN E 243 12.88 -16.63 -3.56
C GLN E 243 12.66 -15.74 -4.74
N GLU E 244 13.68 -15.52 -5.56
CA GLU E 244 13.51 -14.70 -6.78
C GLU E 244 12.37 -15.26 -7.65
N ALA E 245 12.19 -16.58 -7.61
CA ALA E 245 11.13 -17.22 -8.38
C ALA E 245 9.80 -17.04 -7.68
N SER E 246 9.73 -17.47 -6.42
CA SER E 246 8.51 -17.35 -5.62
C SER E 246 8.00 -15.91 -5.66
N ARG E 247 8.91 -14.96 -5.53
CA ARG E 247 8.62 -13.51 -5.70
C ARG E 247 7.96 -13.26 -7.05
N LEU E 248 8.40 -13.92 -8.11
CA LEU E 248 7.81 -13.71 -9.43
C LEU E 248 6.53 -14.46 -9.75
N GLY E 249 6.09 -15.27 -8.77
CA GLY E 249 4.84 -16.02 -8.83
C GLY E 249 4.84 -17.12 -9.86
N LEU E 250 5.90 -17.90 -9.83
CA LEU E 250 6.06 -18.99 -10.76
C LEU E 250 5.45 -20.26 -10.15
N SER E 251 4.82 -20.13 -8.99
CA SER E 251 4.11 -21.25 -8.39
C SER E 251 2.78 -21.43 -9.13
N HIS E 252 2.30 -20.35 -9.77
CA HIS E 252 1.05 -20.36 -10.53
C HIS E 252 1.35 -20.46 -12.03
N TRP E 253 2.56 -20.89 -12.39
CA TRP E 253 3.01 -21.05 -13.79
C TRP E 253 4.42 -21.64 -13.71
N GLU E 254 4.57 -22.88 -14.11
CA GLU E 254 5.87 -23.54 -14.08
C GLU E 254 6.35 -23.84 -12.65
N PRO E 255 5.45 -24.34 -11.78
CA PRO E 255 5.76 -24.66 -10.39
C PRO E 255 6.80 -25.75 -10.18
N GLY E 256 7.01 -26.62 -11.17
CA GLY E 256 8.03 -27.66 -11.04
C GLY E 256 9.41 -27.05 -10.81
N LEU E 257 9.71 -25.98 -11.57
CA LEU E 257 10.96 -25.21 -11.44
C LEU E 257 11.13 -24.80 -9.98
N VAL E 258 10.09 -24.14 -9.48
CA VAL E 258 10.05 -23.64 -8.09
C VAL E 258 10.14 -24.73 -7.04
N ASN E 259 9.52 -25.86 -7.33
CA ASN E 259 9.51 -26.93 -6.38
C ASN E 259 10.91 -27.56 -6.23
N ARG E 260 11.67 -27.62 -7.32
CA ARG E 260 13.03 -28.15 -7.19
C ARG E 260 13.89 -27.11 -6.46
N LEU E 261 13.85 -25.89 -6.98
CA LEU E 261 14.59 -24.83 -6.38
C LEU E 261 14.41 -24.90 -4.87
N GLU E 262 13.17 -25.11 -4.41
CA GLU E 262 12.92 -25.19 -2.96
C GLU E 262 13.68 -26.38 -2.33
N SER E 263 13.67 -27.53 -3.00
CA SER E 263 14.33 -28.73 -2.46
C SER E 263 15.82 -28.54 -2.35
N LEU E 264 16.41 -27.95 -3.39
CA LEU E 264 17.85 -27.68 -3.43
C LEU E 264 18.32 -26.86 -2.22
N ALA E 265 17.87 -25.60 -2.11
CA ALA E 265 18.24 -24.70 -1.01
C ALA E 265 18.11 -25.25 0.43
N ALA E 266 17.54 -26.44 0.61
CA ALA E 266 17.49 -27.09 1.95
C ALA E 266 17.57 -26.15 3.18
N ASP F 17 27.43 -74.69 2.89
CA ASP F 17 27.70 -74.69 1.43
C ASP F 17 29.11 -74.16 1.09
N VAL F 18 29.96 -75.04 0.57
CA VAL F 18 31.32 -74.65 0.15
C VAL F 18 31.13 -73.97 -1.22
N ASP F 19 32.08 -73.09 -1.60
CA ASP F 19 31.99 -72.35 -2.87
C ASP F 19 33.31 -72.40 -3.64
N SER F 20 33.37 -71.87 -4.87
CA SER F 20 34.60 -72.05 -5.67
C SER F 20 35.10 -71.11 -6.80
N SER F 21 36.16 -71.65 -7.43
CA SER F 21 36.98 -71.13 -8.53
C SER F 21 36.47 -71.33 -9.92
N ASN F 22 36.22 -72.59 -10.26
CA ASN F 22 35.69 -73.00 -11.56
C ASN F 22 34.36 -72.28 -11.90
N ASP F 23 34.40 -71.55 -13.01
CA ASP F 23 33.28 -70.73 -13.47
C ASP F 23 31.91 -71.43 -13.38
N ARG F 24 31.84 -72.74 -13.60
CA ARG F 24 30.58 -73.44 -13.48
C ARG F 24 30.17 -73.64 -12.03
N ALA F 25 31.05 -74.14 -11.16
CA ALA F 25 30.68 -74.36 -9.76
C ALA F 25 30.41 -73.04 -9.00
N TRP F 26 30.83 -71.91 -9.58
CA TRP F 26 30.57 -70.55 -9.02
C TRP F 26 29.16 -70.13 -9.32
N ARG F 27 28.75 -70.33 -10.57
CA ARG F 27 27.41 -70.04 -10.99
C ARG F 27 26.50 -70.76 -10.01
N GLN F 28 26.88 -72.00 -9.74
CA GLN F 28 26.21 -72.88 -8.77
C GLN F 28 26.22 -72.25 -7.39
N THR F 29 27.41 -71.96 -6.89
CA THR F 29 27.56 -71.29 -5.60
C THR F 29 26.57 -70.15 -5.48
N GLN F 30 26.73 -69.12 -6.33
CA GLN F 30 25.85 -67.96 -6.32
C GLN F 30 24.41 -68.37 -6.14
N LEU F 31 23.93 -69.25 -7.03
CA LEU F 31 22.53 -69.68 -6.97
C LEU F 31 22.12 -70.31 -5.65
N LYS F 32 22.98 -71.13 -5.08
CA LYS F 32 22.70 -71.76 -3.78
C LYS F 32 22.51 -70.69 -2.72
N VAL F 33 23.39 -69.71 -2.75
CA VAL F 33 23.30 -68.59 -1.85
C VAL F 33 22.01 -67.82 -2.09
N ALA F 34 21.82 -67.31 -3.29
CA ALA F 34 20.59 -66.57 -3.62
C ALA F 34 19.30 -67.19 -3.02
N GLU F 35 19.20 -68.53 -3.08
CA GLU F 35 18.04 -69.26 -2.55
C GLU F 35 17.92 -68.99 -1.09
N LEU F 36 18.97 -69.30 -0.34
CA LEU F 36 18.99 -69.05 1.11
C LEU F 36 18.63 -67.62 1.55
N LEU F 37 19.00 -66.63 0.73
CA LEU F 37 18.70 -65.20 1.00
C LEU F 37 17.25 -64.83 0.81
N ILE F 38 16.52 -65.70 0.12
CA ILE F 38 15.11 -65.54 -0.15
C ILE F 38 14.27 -66.50 0.70
N GLU F 39 14.84 -67.65 1.00
CA GLU F 39 14.19 -68.63 1.85
C GLU F 39 14.02 -68.03 3.23
N ARG F 40 15.00 -67.20 3.61
CA ARG F 40 15.07 -66.66 4.96
C ARG F 40 14.61 -65.19 5.06
N GLN F 41 14.41 -64.52 3.92
CA GLN F 41 13.96 -63.11 3.89
C GLN F 41 13.35 -62.79 2.55
N PRO F 42 12.19 -63.37 2.24
CA PRO F 42 11.62 -63.14 0.91
C PRO F 42 11.26 -61.69 0.53
N GLU F 43 11.12 -60.82 1.54
CA GLU F 43 10.81 -59.38 1.37
C GLU F 43 11.98 -58.54 0.88
N VAL F 44 13.18 -59.11 1.15
CA VAL F 44 14.56 -58.57 0.94
C VAL F 44 15.19 -58.80 -0.45
N ALA F 45 15.37 -57.69 -1.16
CA ALA F 45 15.87 -57.64 -2.54
C ALA F 45 17.18 -58.37 -2.93
N VAL F 46 18.26 -58.20 -2.18
CA VAL F 46 19.55 -58.77 -2.60
C VAL F 46 19.58 -60.25 -3.10
N GLY F 47 18.97 -61.20 -2.37
CA GLY F 47 18.97 -62.61 -2.83
C GLY F 47 18.48 -62.84 -4.28
N TYR F 48 17.51 -62.02 -4.67
CA TYR F 48 16.92 -62.05 -5.99
C TYR F 48 17.92 -61.42 -6.93
N ARG F 49 18.56 -60.34 -6.50
CA ARG F 49 19.54 -59.63 -7.35
C ARG F 49 20.80 -60.48 -7.59
N LEU F 50 21.09 -61.37 -6.65
CA LEU F 50 22.23 -62.26 -6.81
C LEU F 50 21.84 -63.27 -7.86
N ARG F 51 20.59 -63.73 -7.79
CA ARG F 51 20.09 -64.73 -8.74
C ARG F 51 20.30 -64.26 -10.13
N ARG F 52 19.76 -63.09 -10.46
CA ARG F 52 19.91 -62.59 -11.80
C ARG F 52 21.36 -62.57 -12.24
N HIS F 53 22.27 -62.20 -11.35
CA HIS F 53 23.71 -62.15 -11.72
C HIS F 53 24.25 -63.52 -12.16
N ALA F 54 24.09 -64.52 -11.28
CA ALA F 54 24.48 -65.92 -11.53
C ALA F 54 24.02 -66.39 -12.91
N VAL F 55 22.91 -65.83 -13.35
CA VAL F 55 22.36 -66.13 -14.65
C VAL F 55 22.98 -65.29 -15.78
N TRP F 56 22.81 -63.99 -15.70
CA TRP F 56 23.27 -63.17 -16.81
C TRP F 56 24.74 -62.75 -16.81
N ALA F 57 25.36 -62.71 -15.64
CA ALA F 57 26.73 -62.30 -15.62
C ALA F 57 27.48 -63.22 -16.56
N GLY F 58 27.08 -64.50 -16.58
CA GLY F 58 27.70 -65.47 -17.48
C GLY F 58 27.72 -65.00 -18.94
N ILE F 59 26.61 -64.45 -19.37
CA ILE F 59 26.44 -64.06 -20.76
C ILE F 59 27.19 -62.81 -21.17
N THR F 60 28.17 -63.01 -22.02
CA THR F 60 29.07 -61.94 -22.42
C THR F 60 28.76 -61.32 -23.79
N ALA F 61 28.03 -62.06 -24.63
CA ALA F 61 27.65 -61.58 -25.94
C ALA F 61 26.27 -62.12 -26.28
N VAL F 62 25.51 -61.33 -27.04
CA VAL F 62 24.15 -61.74 -27.44
C VAL F 62 24.20 -62.97 -28.35
N PRO F 63 23.15 -63.84 -28.29
CA PRO F 63 23.19 -65.05 -29.13
C PRO F 63 23.02 -64.71 -30.62
N MET F 64 23.67 -65.50 -31.49
CA MET F 64 23.70 -65.25 -32.95
C MET F 64 22.34 -65.17 -33.64
N SER F 65 22.20 -64.21 -34.56
CA SER F 65 20.96 -64.02 -35.32
C SER F 65 21.25 -64.09 -36.81
N GLY F 66 20.25 -64.51 -37.59
CA GLY F 66 20.37 -64.64 -39.02
C GLY F 66 19.46 -63.71 -39.80
N ALA F 67 18.24 -64.19 -40.08
CA ALA F 67 17.23 -63.44 -40.87
C ALA F 67 16.08 -62.87 -40.01
N GLY F 68 15.92 -61.53 -40.02
CA GLY F 68 14.89 -60.86 -39.23
C GLY F 68 15.14 -60.94 -37.74
N ASN F 69 16.42 -60.87 -37.34
CA ASN F 69 16.89 -60.95 -35.94
C ASN F 69 16.21 -62.10 -35.14
N LYS F 70 16.51 -63.34 -35.54
CA LYS F 70 15.93 -64.51 -34.89
C LYS F 70 17.02 -65.47 -34.49
N THR F 71 16.89 -66.01 -33.28
CA THR F 71 17.90 -66.88 -32.72
C THR F 71 17.54 -68.32 -32.70
N PRO F 72 18.55 -69.21 -32.87
CA PRO F 72 18.32 -70.65 -32.73
C PRO F 72 18.10 -71.08 -31.27
N LEU F 73 17.05 -70.53 -30.65
CA LEU F 73 16.71 -70.80 -29.24
C LEU F 73 15.22 -71.01 -29.00
N ALA F 74 14.96 -72.09 -28.25
CA ALA F 74 13.60 -72.55 -27.94
C ALA F 74 12.86 -71.60 -27.00
N PRO F 75 11.74 -71.00 -27.46
CA PRO F 75 10.97 -70.14 -26.56
C PRO F 75 10.22 -70.97 -25.52
N MET F 76 9.68 -70.28 -24.50
CA MET F 76 8.98 -70.94 -23.40
C MET F 76 7.65 -71.57 -23.78
N SER F 77 7.37 -72.70 -23.13
CA SER F 77 6.13 -73.43 -23.34
C SER F 77 4.93 -72.47 -23.27
N ALA F 78 4.35 -72.14 -24.42
CA ALA F 78 3.22 -71.22 -24.49
C ALA F 78 1.94 -71.71 -23.78
N ASP F 79 1.89 -73.00 -23.42
CA ASP F 79 0.76 -73.59 -22.68
C ASP F 79 0.98 -73.37 -21.18
N MET F 80 2.22 -73.60 -20.77
CA MET F 80 2.68 -73.39 -19.39
C MET F 80 2.59 -71.89 -19.06
N VAL F 81 3.15 -71.04 -19.92
CA VAL F 81 3.10 -69.57 -19.76
C VAL F 81 1.71 -69.10 -19.35
N ASP F 82 0.73 -69.66 -20.03
CA ASP F 82 -0.64 -69.32 -19.83
C ASP F 82 -1.20 -69.90 -18.57
N GLU F 83 -0.65 -71.03 -18.12
CA GLU F 83 -1.03 -71.60 -16.81
C GLU F 83 -0.60 -70.59 -15.74
N TYR F 84 0.61 -70.09 -15.90
CA TYR F 84 1.11 -69.09 -14.98
C TYR F 84 0.20 -67.85 -15.01
N ARG F 85 -0.12 -67.34 -16.21
CA ARG F 85 -1.01 -66.17 -16.33
C ARG F 85 -2.37 -66.32 -15.67
N ALA F 86 -2.94 -67.53 -15.73
CA ALA F 86 -4.23 -67.82 -15.11
C ALA F 86 -4.15 -67.95 -13.58
N ALA F 87 -3.02 -68.43 -13.05
CA ALA F 87 -2.88 -68.56 -11.59
C ALA F 87 -2.61 -67.21 -10.90
N MET F 88 -2.45 -66.13 -11.69
CA MET F 88 -2.12 -64.75 -11.19
C MET F 88 -3.05 -64.09 -10.16
N ASN F 89 -4.35 -64.11 -10.48
CA ASN F 89 -5.37 -63.53 -9.61
C ASN F 89 -5.27 -63.97 -8.15
N ALA F 90 -5.12 -65.28 -7.92
CA ALA F 90 -4.94 -65.85 -6.57
C ALA F 90 -3.56 -66.49 -6.50
N PRO F 91 -2.50 -65.68 -6.24
CA PRO F 91 -1.11 -66.14 -6.19
C PRO F 91 -0.52 -66.32 -4.77
N ASP F 92 0.43 -67.24 -4.60
CA ASP F 92 1.11 -67.45 -3.30
C ASP F 92 2.63 -67.59 -3.50
N GLN F 93 3.38 -67.99 -2.46
CA GLN F 93 4.84 -68.18 -2.59
C GLN F 93 5.13 -69.44 -3.46
N GLY F 94 4.19 -70.38 -3.44
CA GLY F 94 4.30 -71.57 -4.29
C GLY F 94 4.38 -71.21 -5.76
N LEU F 95 3.64 -70.18 -6.19
CA LEU F 95 3.64 -69.69 -7.58
C LEU F 95 4.92 -68.90 -7.91
N TRP F 96 5.39 -68.13 -6.94
CA TRP F 96 6.56 -67.30 -7.19
C TRP F 96 7.77 -68.20 -7.38
N GLN F 97 8.01 -69.06 -6.40
CA GLN F 97 9.14 -69.97 -6.47
C GLN F 97 9.18 -70.63 -7.86
N ARG F 98 8.06 -71.20 -8.26
CA ARG F 98 7.99 -71.83 -9.56
C ARG F 98 8.22 -70.84 -10.70
N ILE F 99 7.73 -69.61 -10.63
CA ILE F 99 7.99 -68.71 -11.78
C ILE F 99 9.45 -68.37 -11.82
N GLU F 100 10.03 -68.00 -10.69
CA GLU F 100 11.46 -67.64 -10.65
C GLU F 100 12.32 -68.71 -11.35
N GLN F 101 12.08 -69.99 -11.04
CA GLN F 101 12.87 -71.11 -11.56
C GLN F 101 12.90 -71.27 -13.08
N SER F 102 11.91 -70.76 -13.77
CA SER F 102 11.95 -70.75 -15.21
C SER F 102 12.83 -69.60 -15.68
N LEU F 103 12.85 -68.47 -14.95
CA LEU F 103 13.73 -67.31 -15.27
C LEU F 103 15.18 -67.76 -15.19
N THR F 104 15.45 -68.61 -14.20
CA THR F 104 16.75 -69.27 -13.99
C THR F 104 17.16 -70.04 -15.26
N LEU F 105 16.23 -70.88 -15.73
CA LEU F 105 16.42 -71.76 -16.90
C LEU F 105 16.11 -71.13 -18.24
N ALA F 106 15.49 -69.95 -18.28
CA ALA F 106 15.13 -69.31 -19.56
C ALA F 106 15.61 -67.87 -19.69
N PRO F 107 16.92 -67.67 -19.62
CA PRO F 107 17.57 -66.40 -19.66
C PRO F 107 16.78 -65.27 -20.25
N TYR F 108 16.31 -65.45 -21.47
CA TYR F 108 15.68 -64.34 -22.18
C TYR F 108 14.16 -64.18 -22.08
N TRP F 109 13.54 -65.08 -21.30
CA TRP F 109 12.12 -65.01 -21.07
C TRP F 109 11.85 -63.86 -20.15
N PHE F 110 11.88 -62.66 -20.74
CA PHE F 110 11.71 -61.43 -19.99
C PHE F 110 10.30 -61.26 -19.40
N GLU F 111 9.26 -61.60 -20.18
CA GLU F 111 7.90 -61.51 -19.68
C GLU F 111 7.87 -62.12 -18.28
N GLY F 112 8.44 -63.32 -18.15
CA GLY F 112 8.52 -63.99 -16.86
C GLY F 112 9.01 -63.08 -15.74
N HIS F 113 9.96 -62.19 -16.05
CA HIS F 113 10.44 -61.26 -15.04
C HIS F 113 9.26 -60.44 -14.57
N ARG F 114 8.63 -59.71 -15.49
CA ARG F 114 7.40 -58.96 -15.19
C ARG F 114 6.37 -59.80 -14.41
N LEU F 115 6.31 -61.11 -14.64
CA LEU F 115 5.40 -61.96 -13.88
C LEU F 115 5.91 -62.17 -12.45
N SER F 116 7.18 -62.52 -12.29
CA SER F 116 7.69 -62.68 -10.94
C SER F 116 7.55 -61.38 -10.15
N ALA F 117 7.49 -60.27 -10.89
CA ALA F 117 7.35 -58.91 -10.31
C ALA F 117 5.91 -58.46 -10.06
N GLU F 118 5.00 -58.82 -10.96
CA GLU F 118 3.59 -58.49 -10.79
C GLU F 118 3.17 -59.21 -9.51
N VAL F 119 3.50 -60.50 -9.43
CA VAL F 119 3.26 -61.31 -8.23
C VAL F 119 3.88 -60.70 -7.01
N ALA F 120 5.17 -60.39 -7.10
CA ALA F 120 5.91 -59.80 -6.01
C ALA F 120 5.17 -58.62 -5.39
N GLU F 121 4.64 -57.78 -6.27
CA GLU F 121 3.94 -56.58 -5.87
C GLU F 121 2.66 -56.99 -5.13
N LYS F 122 1.81 -57.74 -5.84
CA LYS F 122 0.58 -58.21 -5.24
C LYS F 122 0.83 -58.83 -3.86
N LEU F 123 1.73 -59.81 -3.76
CA LEU F 123 2.00 -60.47 -2.47
C LEU F 123 2.36 -59.54 -1.34
N GLY F 124 2.77 -58.32 -1.66
CA GLY F 124 3.12 -57.35 -0.64
C GLY F 124 4.61 -57.16 -0.43
N PHE F 125 5.42 -57.64 -1.37
CA PHE F 125 6.86 -57.44 -1.34
C PHE F 125 7.22 -56.51 -2.51
N GLY F 126 6.62 -55.29 -2.49
CA GLY F 126 6.79 -54.26 -3.53
C GLY F 126 8.22 -53.74 -3.63
N ALA F 127 9.02 -54.13 -2.65
CA ALA F 127 10.44 -53.83 -2.63
C ALA F 127 11.08 -54.61 -3.77
N VAL F 128 10.99 -55.93 -3.64
CA VAL F 128 11.55 -56.87 -4.58
C VAL F 128 10.99 -56.56 -5.94
N ALA F 129 9.74 -56.15 -5.99
CA ALA F 129 9.12 -55.78 -7.27
C ALA F 129 9.93 -54.70 -7.99
N GLN F 130 10.42 -53.75 -7.19
CA GLN F 130 11.24 -52.69 -7.72
C GLN F 130 12.59 -53.24 -8.17
N ALA F 131 13.14 -54.17 -7.39
CA ALA F 131 14.43 -54.77 -7.73
C ALA F 131 14.38 -55.56 -9.05
N ILE F 132 13.51 -56.55 -9.11
CA ILE F 132 13.43 -57.43 -10.26
C ILE F 132 13.40 -56.72 -11.59
N ALA F 133 12.75 -55.57 -11.61
CA ALA F 133 12.68 -54.75 -12.80
C ALA F 133 13.96 -54.01 -13.08
N GLU F 134 14.61 -53.51 -12.03
CA GLU F 134 15.88 -52.77 -12.16
C GLU F 134 16.98 -53.68 -12.76
N GLU F 135 17.13 -54.89 -12.21
CA GLU F 135 18.18 -55.80 -12.64
C GLU F 135 18.03 -56.04 -14.14
N LEU F 136 16.79 -56.20 -14.58
CA LEU F 136 16.50 -56.40 -15.98
C LEU F 136 16.84 -55.16 -16.76
N GLY F 137 16.60 -53.99 -16.20
CA GLY F 137 16.99 -52.76 -16.87
C GLY F 137 18.48 -52.72 -17.23
N THR F 138 19.31 -53.13 -16.28
CA THR F 138 20.76 -53.11 -16.47
C THR F 138 21.20 -54.10 -17.55
N PHE F 139 20.75 -55.35 -17.39
CA PHE F 139 21.05 -56.44 -18.32
C PHE F 139 20.73 -56.07 -19.78
N LEU F 140 19.70 -55.24 -19.94
CA LEU F 140 19.28 -54.74 -21.24
C LEU F 140 20.19 -53.56 -21.65
N GLN F 141 20.62 -52.82 -20.63
CA GLN F 141 21.53 -51.71 -20.82
C GLN F 141 22.97 -52.15 -21.09
N ARG F 142 23.32 -53.35 -20.62
CA ARG F 142 24.66 -53.95 -20.89
C ARG F 142 24.77 -54.46 -22.34
N LEU F 143 23.65 -54.91 -22.90
CA LEU F 143 23.61 -55.45 -24.24
C LEU F 143 22.34 -54.93 -24.95
N PRO F 144 22.45 -53.76 -25.60
CA PRO F 144 21.34 -53.19 -26.39
C PRO F 144 20.66 -54.14 -27.41
N ALA F 145 21.39 -55.14 -27.91
CA ALA F 145 20.84 -56.09 -28.90
C ALA F 145 19.74 -56.98 -28.35
N LEU F 146 19.87 -57.48 -27.12
CA LEU F 146 18.87 -58.39 -26.56
C LEU F 146 17.42 -57.95 -26.73
N ARG F 147 17.19 -56.64 -26.79
CA ARG F 147 15.85 -56.12 -26.97
C ARG F 147 15.26 -56.46 -28.35
N GLU F 148 16.05 -56.20 -29.37
CA GLU F 148 15.68 -56.42 -30.75
C GLU F 148 15.50 -57.88 -31.12
N LEU F 149 16.12 -58.79 -30.38
CA LEU F 149 16.08 -60.21 -30.74
C LEU F 149 14.75 -60.90 -30.48
N ALA F 150 14.63 -62.04 -31.16
CA ALA F 150 13.46 -62.92 -31.10
C ALA F 150 13.88 -64.40 -31.15
N PHE F 151 13.10 -65.27 -30.49
CA PHE F 151 13.40 -66.73 -30.42
C PHE F 151 13.32 -67.40 -31.80
N SER F 152 13.44 -68.74 -31.83
CA SER F 152 13.35 -69.50 -33.10
C SER F 152 12.09 -69.12 -33.89
N ASP F 153 10.98 -69.09 -33.17
CA ASP F 153 9.66 -68.81 -33.74
C ASP F 153 9.34 -67.32 -34.04
N GLY F 154 10.35 -66.44 -34.12
CA GLY F 154 10.08 -65.03 -34.40
C GLY F 154 9.35 -64.23 -33.31
N SER F 155 9.26 -64.83 -32.11
CA SER F 155 8.65 -64.21 -30.92
C SER F 155 9.69 -63.38 -30.18
N PRO F 156 9.51 -62.04 -30.10
CA PRO F 156 10.53 -61.20 -29.48
C PRO F 156 10.91 -61.59 -28.03
N PHE F 157 12.19 -61.43 -27.71
CA PHE F 157 12.75 -61.68 -26.37
C PHE F 157 12.07 -60.81 -25.34
N LEU F 158 11.88 -59.54 -25.73
CA LEU F 158 11.27 -58.53 -24.90
C LEU F 158 10.09 -57.98 -25.66
N SER F 159 8.88 -58.12 -25.12
CA SER F 159 7.68 -57.61 -25.80
C SER F 159 7.54 -56.10 -25.66
N PRO F 160 6.75 -55.45 -26.55
CA PRO F 160 6.42 -54.03 -26.39
C PRO F 160 5.53 -53.81 -25.17
N GLU F 161 4.97 -54.90 -24.65
CA GLU F 161 4.22 -54.88 -23.40
C GLU F 161 5.21 -54.72 -22.22
N CYS F 162 6.27 -55.54 -22.26
CA CYS F 162 7.29 -55.55 -21.21
C CYS F 162 8.16 -54.29 -21.22
N SER F 163 8.40 -53.71 -22.41
CA SER F 163 9.20 -52.48 -22.56
C SER F 163 8.57 -51.23 -21.92
N ARG F 164 7.26 -51.28 -21.74
CA ARG F 164 6.49 -50.21 -21.10
C ARG F 164 6.57 -50.34 -19.56
N TRP F 165 6.63 -51.60 -19.10
CA TRP F 165 6.85 -51.97 -17.69
C TRP F 165 8.13 -51.34 -17.13
N LEU F 166 9.05 -50.96 -18.03
CA LEU F 166 10.32 -50.31 -17.69
C LEU F 166 10.32 -48.82 -18.06
N GLN F 167 9.97 -48.54 -19.32
CA GLN F 167 9.92 -47.16 -19.83
C GLN F 167 8.48 -46.62 -19.79
N GLY F 180 7.14 -29.03 -28.28
CA GLY F 180 7.05 -29.64 -29.60
C GLY F 180 5.71 -30.29 -29.89
N LEU F 181 4.62 -29.58 -29.58
CA LEU F 181 3.25 -30.08 -29.78
C LEU F 181 2.61 -29.54 -31.06
N ALA F 182 2.80 -28.25 -31.36
CA ALA F 182 2.32 -27.64 -32.61
C ALA F 182 3.05 -28.25 -33.81
N GLU F 183 4.33 -28.58 -33.59
CA GLU F 183 5.15 -29.30 -34.55
C GLU F 183 4.36 -30.58 -34.90
N GLU F 184 4.26 -31.47 -33.91
CA GLU F 184 3.54 -32.73 -34.04
C GLU F 184 2.13 -32.64 -34.64
N VAL F 185 1.26 -31.91 -33.97
CA VAL F 185 -0.17 -31.84 -34.35
C VAL F 185 -0.50 -30.87 -35.50
N ALA F 186 0.32 -29.84 -35.78
CA ALA F 186 0.01 -28.92 -36.91
C ALA F 186 0.18 -29.64 -38.26
N GLN F 187 0.79 -30.82 -38.24
CA GLN F 187 0.87 -31.68 -39.43
C GLN F 187 -0.35 -32.62 -39.46
N ARG F 188 -0.84 -33.04 -38.28
CA ARG F 188 -2.07 -33.84 -38.19
C ARG F 188 -3.29 -33.12 -38.81
N HIS F 189 -3.21 -31.77 -38.97
CA HIS F 189 -4.23 -30.92 -39.63
C HIS F 189 -4.23 -31.01 -41.17
N GLY F 190 -3.05 -31.22 -41.76
CA GLY F 190 -2.93 -31.44 -43.20
C GLY F 190 -3.55 -32.79 -43.59
N GLU F 191 -3.35 -33.80 -42.72
CA GLU F 191 -3.88 -35.18 -42.88
C GLU F 191 -5.39 -35.18 -42.61
N GLN F 192 -5.87 -35.74 -41.48
CA GLN F 192 -7.30 -35.63 -41.17
C GLN F 192 -7.59 -34.13 -41.02
N GLY F 193 -8.86 -33.74 -40.99
CA GLY F 193 -9.21 -32.32 -40.88
C GLY F 193 -8.86 -31.66 -39.56
N ILE F 194 -9.46 -30.49 -39.35
CA ILE F 194 -9.28 -29.78 -38.12
C ILE F 194 -9.85 -30.59 -36.94
N ALA F 195 -10.89 -31.40 -37.18
CA ALA F 195 -11.54 -32.23 -36.14
C ALA F 195 -10.63 -33.28 -35.48
N ALA F 196 -9.61 -33.69 -36.20
CA ALA F 196 -8.64 -34.62 -35.67
C ALA F 196 -7.56 -33.87 -34.91
N ALA F 197 -7.18 -32.70 -35.43
CA ALA F 197 -6.18 -31.84 -34.80
C ALA F 197 -6.54 -31.52 -33.33
N LEU F 198 -7.84 -31.50 -33.03
CA LEU F 198 -8.36 -31.24 -31.67
C LEU F 198 -8.44 -32.51 -30.80
N ALA F 199 -8.80 -33.64 -31.43
CA ALA F 199 -8.91 -34.93 -30.74
C ALA F 199 -7.56 -35.37 -30.18
N LEU F 200 -6.49 -35.04 -30.91
CA LEU F 200 -5.12 -35.37 -30.51
C LEU F 200 -4.69 -34.43 -29.38
N LEU F 201 -4.98 -33.15 -29.57
CA LEU F 201 -4.65 -32.12 -28.59
C LEU F 201 -5.27 -32.44 -27.22
N ASP F 202 -6.41 -33.14 -27.23
CA ASP F 202 -7.10 -33.55 -26.00
C ASP F 202 -6.29 -34.55 -25.15
N GLU F 203 -5.83 -35.63 -25.78
CA GLU F 203 -5.11 -36.67 -25.04
C GLU F 203 -3.79 -36.15 -24.46
N ARG F 204 -3.19 -35.14 -25.09
CA ARG F 204 -1.96 -34.54 -24.56
C ARG F 204 -2.20 -33.82 -23.22
N ILE F 205 -3.23 -32.97 -23.16
CA ILE F 205 -3.55 -32.22 -21.94
C ILE F 205 -4.04 -33.12 -20.81
N ALA F 206 -4.38 -34.38 -21.11
CA ALA F 206 -4.81 -35.31 -20.05
C ALA F 206 -3.81 -35.31 -18.88
N GLN F 207 -2.51 -35.37 -19.19
CA GLN F 207 -1.44 -35.23 -18.19
C GLN F 207 -0.51 -34.09 -18.58
N LEU F 208 -0.61 -32.98 -17.87
CA LEU F 208 0.24 -31.80 -18.04
C LEU F 208 0.12 -30.98 -16.75
N LYS F 209 0.68 -31.52 -15.67
CA LYS F 209 0.59 -30.89 -14.33
C LYS F 209 1.13 -29.45 -14.19
N GLU F 210 1.89 -29.01 -15.19
CA GLU F 210 2.44 -27.64 -15.24
C GLU F 210 1.63 -26.72 -16.16
N PRO F 211 0.90 -25.79 -15.55
CA PRO F 211 0.05 -24.88 -16.29
C PRO F 211 0.78 -24.08 -17.37
N ARG F 212 2.08 -23.91 -17.23
CA ARG F 212 2.81 -23.22 -18.27
C ARG F 212 2.75 -24.06 -19.57
N ASP F 213 2.73 -25.40 -19.45
CA ASP F 213 2.63 -26.28 -20.62
C ASP F 213 1.29 -26.02 -21.29
N ARG F 214 0.23 -26.14 -20.48
CA ARG F 214 -1.19 -25.94 -20.88
C ARG F 214 -1.42 -24.66 -21.63
N PHE F 215 -0.82 -23.57 -21.18
CA PHE F 215 -0.95 -22.27 -21.83
C PHE F 215 -0.45 -22.35 -23.29
N HIS F 216 0.50 -23.23 -23.56
CA HIS F 216 0.91 -23.42 -24.94
C HIS F 216 -0.17 -24.30 -25.58
N ALA F 217 -0.68 -25.27 -24.81
CA ALA F 217 -1.73 -26.19 -25.30
C ALA F 217 -3.00 -25.46 -25.70
N LEU F 218 -3.27 -24.33 -25.05
CA LEU F 218 -4.39 -23.47 -25.45
C LEU F 218 -3.87 -22.54 -26.52
N LEU F 219 -2.56 -22.29 -26.54
CA LEU F 219 -1.95 -21.49 -27.59
C LEU F 219 -1.93 -22.34 -28.88
N VAL F 220 -1.98 -23.65 -28.72
CA VAL F 220 -2.09 -24.58 -29.84
C VAL F 220 -3.49 -24.41 -30.41
N GLN F 221 -4.50 -24.70 -29.59
CA GLN F 221 -5.89 -24.54 -30.01
C GLN F 221 -6.11 -23.17 -30.73
N ALA F 222 -5.33 -22.15 -30.37
CA ALA F 222 -5.44 -20.83 -30.98
C ALA F 222 -4.85 -20.84 -32.35
N GLU F 223 -3.61 -21.31 -32.44
CA GLU F 223 -2.88 -21.39 -33.72
C GLU F 223 -3.69 -22.15 -34.78
N LEU F 224 -4.14 -23.33 -34.37
CA LEU F 224 -4.94 -24.24 -35.18
C LEU F 224 -6.12 -23.51 -35.85
N LEU F 225 -6.97 -22.88 -35.05
CA LEU F 225 -8.15 -22.15 -35.55
C LEU F 225 -7.77 -20.94 -36.40
N ALA F 226 -6.63 -20.33 -36.08
CA ALA F 226 -6.14 -19.14 -36.78
C ALA F 226 -5.76 -19.41 -38.23
N GLN F 227 -4.98 -20.48 -38.40
CA GLN F 227 -4.49 -20.89 -39.71
C GLN F 227 -5.66 -21.37 -40.60
N GLU F 228 -6.66 -21.99 -39.97
CA GLU F 228 -7.86 -22.55 -40.64
C GLU F 228 -8.65 -21.53 -41.47
N GLY F 229 -8.70 -20.28 -41.03
CA GLY F 229 -9.49 -19.23 -41.69
C GLY F 229 -10.37 -18.51 -40.69
N MET F 230 -10.72 -19.20 -39.59
CA MET F 230 -11.51 -18.65 -38.47
C MET F 230 -10.75 -17.54 -37.71
N GLU F 231 -10.63 -16.36 -38.33
CA GLU F 231 -9.86 -15.21 -37.80
C GLU F 231 -10.49 -14.53 -36.56
N ALA F 232 -11.81 -14.70 -36.40
CA ALA F 232 -12.57 -14.12 -35.28
C ALA F 232 -12.43 -14.90 -33.97
N LEU F 233 -12.88 -16.16 -33.93
CA LEU F 233 -12.72 -16.98 -32.74
C LEU F 233 -11.22 -17.10 -32.38
N ALA F 234 -10.36 -16.82 -33.35
CA ALA F 234 -8.93 -16.76 -33.14
C ALA F 234 -8.63 -15.61 -32.18
N ARG F 235 -8.72 -14.37 -32.66
CA ARG F 235 -8.39 -13.21 -31.80
C ARG F 235 -9.05 -13.25 -30.42
N GLN F 236 -10.22 -13.86 -30.32
CA GLN F 236 -10.91 -14.01 -29.05
C GLN F 236 -10.00 -14.83 -28.13
N HIS F 237 -9.59 -16.01 -28.61
CA HIS F 237 -8.69 -16.88 -27.84
C HIS F 237 -7.37 -16.21 -27.45
N TYR F 238 -6.80 -15.38 -28.33
CA TYR F 238 -5.54 -14.65 -28.06
C TYR F 238 -5.69 -13.46 -27.09
N GLN F 239 -6.91 -13.19 -26.64
CA GLN F 239 -7.17 -12.11 -25.68
C GLN F 239 -7.15 -12.77 -24.29
N HIS F 240 -7.95 -13.82 -24.11
CA HIS F 240 -8.00 -14.59 -22.84
C HIS F 240 -6.72 -15.33 -22.51
N LEU F 241 -5.72 -15.17 -23.37
CA LEU F 241 -4.39 -15.71 -23.14
C LEU F 241 -3.49 -14.54 -22.79
N TRP F 242 -3.47 -13.50 -23.63
CA TRP F 242 -2.65 -12.31 -23.37
C TRP F 242 -2.91 -11.69 -21.97
N GLN F 243 -4.14 -11.79 -21.51
CA GLN F 243 -4.49 -11.26 -20.19
C GLN F 243 -4.13 -12.20 -19.02
N GLU F 244 -4.12 -13.52 -19.23
CA GLU F 244 -3.66 -14.43 -18.17
C GLU F 244 -2.12 -14.29 -18.03
N ALA F 245 -1.49 -13.58 -18.97
CA ALA F 245 -0.05 -13.29 -18.93
C ALA F 245 0.17 -12.07 -18.06
N SER F 246 -0.45 -10.96 -18.45
CA SER F 246 -0.35 -9.75 -17.67
C SER F 246 -0.80 -10.02 -16.23
N ARG F 247 -1.66 -11.01 -16.03
CA ARG F 247 -2.09 -11.45 -14.69
C ARG F 247 -0.96 -12.17 -13.95
N LEU F 248 -0.34 -13.15 -14.59
CA LEU F 248 0.70 -13.95 -13.94
C LEU F 248 2.06 -13.28 -13.81
N GLY F 249 2.20 -12.09 -14.40
CA GLY F 249 3.45 -11.33 -14.30
C GLY F 249 4.54 -11.76 -15.27
N LEU F 250 4.13 -11.96 -16.53
CA LEU F 250 5.03 -12.41 -17.56
C LEU F 250 5.62 -11.26 -18.41
N SER F 251 5.69 -10.07 -17.87
CA SER F 251 6.48 -9.03 -18.51
C SER F 251 7.79 -9.01 -17.72
N HIS F 252 7.76 -9.68 -16.55
CA HIS F 252 8.92 -9.87 -15.67
C HIS F 252 9.53 -11.27 -15.87
N TRP F 253 9.19 -11.94 -16.98
CA TRP F 253 9.62 -13.32 -17.25
C TRP F 253 9.04 -13.80 -18.57
N GLU F 254 9.86 -14.24 -19.50
CA GLU F 254 9.35 -14.66 -20.81
C GLU F 254 8.48 -13.58 -21.51
N PRO F 255 8.95 -12.30 -21.51
CA PRO F 255 8.20 -11.17 -22.07
C PRO F 255 8.12 -11.07 -23.59
N GLY F 256 8.70 -12.02 -24.30
CA GLY F 256 8.50 -12.05 -25.72
C GLY F 256 7.03 -12.43 -25.88
N LEU F 257 6.71 -13.65 -25.41
CA LEU F 257 5.38 -14.25 -25.47
C LEU F 257 4.31 -13.16 -25.46
N VAL F 258 4.45 -12.27 -24.49
CA VAL F 258 3.55 -11.14 -24.30
C VAL F 258 3.52 -10.21 -25.50
N ASN F 259 4.65 -9.56 -25.79
CA ASN F 259 4.71 -8.55 -26.85
C ASN F 259 4.13 -8.94 -28.19
N ARG F 260 4.18 -10.23 -28.52
CA ARG F 260 3.55 -10.75 -29.75
C ARG F 260 2.05 -10.96 -29.51
N LEU F 261 1.76 -11.71 -28.45
CA LEU F 261 0.38 -11.99 -28.04
C LEU F 261 -0.55 -10.78 -28.07
N GLU F 262 -0.03 -9.57 -27.88
CA GLU F 262 -0.88 -8.39 -27.88
C GLU F 262 -1.19 -7.89 -29.29
N SER F 263 -0.18 -7.81 -30.15
CA SER F 263 -0.39 -7.38 -31.55
C SER F 263 -0.92 -8.55 -32.41
N LEU F 264 -0.98 -9.75 -31.82
CA LEU F 264 -1.54 -10.93 -32.47
C LEU F 264 -2.89 -11.24 -31.77
N ALA F 265 -3.66 -10.16 -31.53
CA ALA F 265 -4.98 -10.17 -30.84
C ALA F 265 -5.76 -8.84 -30.99
N ALA F 266 -5.05 -7.71 -31.09
CA ALA F 266 -5.67 -6.39 -31.28
C ALA F 266 -5.39 -5.87 -32.70
N ARG G 24 -43.54 48.85 -30.98
CA ARG G 24 -42.85 50.14 -31.30
C ARG G 24 -43.23 51.25 -30.35
N ALA G 25 -44.52 51.58 -30.31
CA ALA G 25 -45.05 52.62 -29.42
C ALA G 25 -45.46 52.00 -28.07
N TRP G 26 -45.26 50.69 -27.92
CA TRP G 26 -45.56 49.93 -26.69
C TRP G 26 -44.52 50.15 -25.58
N ARG G 27 -43.28 50.51 -25.96
CA ARG G 27 -42.21 50.82 -25.00
C ARG G 27 -42.45 52.17 -24.28
N GLN G 28 -43.35 53.00 -24.83
CA GLN G 28 -43.72 54.33 -24.28
C GLN G 28 -44.95 54.34 -23.35
N THR G 29 -45.94 53.49 -23.61
CA THR G 29 -47.07 53.37 -22.67
C THR G 29 -46.55 52.66 -21.42
N GLN G 30 -45.41 51.94 -21.56
CA GLN G 30 -44.71 51.25 -20.45
C GLN G 30 -43.89 52.20 -19.54
N LEU G 31 -43.28 53.24 -20.13
CA LEU G 31 -42.50 54.24 -19.37
C LEU G 31 -43.41 55.31 -18.71
N LYS G 32 -44.56 55.61 -19.33
CA LYS G 32 -45.55 56.55 -18.76
C LYS G 32 -46.26 55.96 -17.54
N VAL G 33 -46.17 54.63 -17.37
CA VAL G 33 -46.67 53.91 -16.20
C VAL G 33 -45.49 53.59 -15.27
N ALA G 34 -44.28 53.45 -15.85
CA ALA G 34 -43.06 53.16 -15.07
C ALA G 34 -42.58 54.33 -14.20
N GLU G 35 -42.98 55.58 -14.53
CA GLU G 35 -42.63 56.74 -13.69
C GLU G 35 -43.73 57.05 -12.68
N LEU G 36 -44.99 56.81 -13.02
CA LEU G 36 -46.09 57.00 -12.05
C LEU G 36 -46.02 55.99 -10.88
N LEU G 37 -45.53 54.77 -11.14
CA LEU G 37 -45.33 53.75 -10.10
C LEU G 37 -44.11 54.03 -9.20
N ILE G 38 -43.15 54.81 -9.71
CA ILE G 38 -41.97 55.24 -8.92
C ILE G 38 -42.22 56.63 -8.28
N GLU G 39 -43.06 57.44 -8.94
CA GLU G 39 -43.44 58.78 -8.47
C GLU G 39 -44.45 58.67 -7.32
N ARG G 40 -45.52 57.88 -7.53
CA ARG G 40 -46.56 57.69 -6.51
C ARG G 40 -46.07 56.82 -5.34
N GLN G 41 -45.00 56.06 -5.54
CA GLN G 41 -44.40 55.19 -4.50
C GLN G 41 -42.90 54.94 -4.76
N PRO G 42 -42.01 55.72 -4.12
CA PRO G 42 -40.59 55.50 -4.40
C PRO G 42 -39.96 54.23 -3.77
N GLU G 43 -40.62 53.59 -2.81
CA GLU G 43 -40.02 52.42 -2.12
C GLU G 43 -40.48 51.04 -2.62
N VAL G 44 -41.54 51.01 -3.44
CA VAL G 44 -42.12 49.73 -3.95
C VAL G 44 -41.24 48.99 -4.96
N ALA G 45 -41.19 47.65 -4.82
CA ALA G 45 -40.30 46.78 -5.63
C ALA G 45 -40.63 46.61 -7.13
N VAL G 46 -41.87 46.86 -7.54
CA VAL G 46 -42.32 46.67 -8.94
C VAL G 46 -42.32 47.91 -9.86
N GLY G 47 -42.43 49.11 -9.30
CA GLY G 47 -42.42 50.34 -10.12
C GLY G 47 -41.18 50.49 -11.01
N TYR G 48 -40.06 49.98 -10.50
CA TYR G 48 -38.76 50.01 -11.21
C TYR G 48 -38.65 48.84 -12.18
N ARG G 49 -39.17 47.69 -11.78
CA ARG G 49 -39.16 46.47 -12.63
C ARG G 49 -39.86 46.68 -13.99
N LEU G 50 -40.93 47.46 -14.00
CA LEU G 50 -41.68 47.73 -15.22
C LEU G 50 -40.84 48.50 -16.25
N ARG G 51 -39.95 49.38 -15.78
CA ARG G 51 -39.08 50.14 -16.68
C ARG G 51 -38.07 49.22 -17.36
N ARG G 52 -37.51 48.27 -16.61
CA ARG G 52 -36.53 47.30 -17.15
C ARG G 52 -37.06 46.48 -18.33
N HIS G 53 -38.36 46.19 -18.32
CA HIS G 53 -38.95 45.44 -19.41
C HIS G 53 -39.18 46.36 -20.62
N ALA G 54 -39.50 47.62 -20.36
CA ALA G 54 -39.73 48.62 -21.43
C ALA G 54 -38.46 48.90 -22.23
N VAL G 55 -37.35 48.87 -21.51
CA VAL G 55 -36.03 49.10 -22.07
C VAL G 55 -35.54 47.86 -22.80
N TRP G 56 -35.40 46.78 -22.05
CA TRP G 56 -34.92 45.51 -22.60
C TRP G 56 -36.04 44.75 -23.35
N ALA G 57 -36.45 43.56 -22.87
CA ALA G 57 -37.47 42.70 -23.49
C ALA G 57 -37.41 42.59 -25.03
N GLY G 58 -37.49 43.74 -25.70
CA GLY G 58 -37.38 43.86 -27.17
C GLY G 58 -35.95 43.96 -27.69
N ILE G 59 -35.00 43.42 -26.94
CA ILE G 59 -33.60 43.30 -27.31
C ILE G 59 -33.25 41.84 -27.01
N THR G 60 -33.79 40.91 -27.82
CA THR G 60 -33.56 39.46 -27.67
C THR G 60 -32.37 38.95 -28.49
N ALA G 61 -31.71 39.86 -29.22
CA ALA G 61 -30.54 39.57 -30.04
C ALA G 61 -29.41 40.57 -29.69
N VAL G 62 -28.26 40.05 -29.23
CA VAL G 62 -27.11 40.90 -28.82
C VAL G 62 -26.46 41.68 -29.97
N PRO G 63 -25.89 42.89 -29.70
CA PRO G 63 -25.25 43.64 -30.80
C PRO G 63 -23.93 43.02 -31.26
N MET G 64 -23.69 42.98 -32.57
CA MET G 64 -22.43 42.42 -33.10
C MET G 64 -21.19 43.19 -32.66
N SER G 65 -20.03 42.57 -32.88
CA SER G 65 -18.75 43.17 -32.53
C SER G 65 -17.74 42.93 -33.66
N GLY G 66 -16.53 43.46 -33.48
CA GLY G 66 -15.45 43.32 -34.46
C GLY G 66 -14.13 42.87 -33.85
N ALA G 67 -13.22 43.83 -33.62
CA ALA G 67 -11.88 43.54 -33.09
C ALA G 67 -11.84 42.94 -31.67
N GLY G 68 -12.12 41.63 -31.58
CA GLY G 68 -12.07 40.88 -30.32
C GLY G 68 -13.13 41.27 -29.29
N ASN G 69 -14.39 41.29 -29.70
CA ASN G 69 -15.53 41.67 -28.83
C ASN G 69 -15.45 43.09 -28.24
N LYS G 70 -15.55 44.08 -29.13
CA LYS G 70 -15.60 45.52 -28.78
C LYS G 70 -16.68 46.16 -29.67
N THR G 71 -17.93 46.11 -29.21
CA THR G 71 -19.10 46.60 -29.98
C THR G 71 -18.95 48.05 -30.48
N PRO G 72 -19.72 48.45 -31.52
CA PRO G 72 -19.59 49.83 -32.03
C PRO G 72 -20.35 50.90 -31.23
N LEU G 73 -20.74 50.60 -29.99
CA LEU G 73 -21.51 51.53 -29.14
C LEU G 73 -20.65 52.62 -28.45
N ALA G 74 -21.23 53.81 -28.25
CA ALA G 74 -20.55 54.91 -27.56
C ALA G 74 -20.59 54.63 -26.07
N PRO G 75 -19.54 55.01 -25.33
CA PRO G 75 -19.46 54.71 -23.90
C PRO G 75 -19.97 55.82 -23.01
N MET G 76 -20.01 55.56 -21.71
CA MET G 76 -20.38 56.58 -20.74
C MET G 76 -19.22 57.57 -20.63
N SER G 77 -19.58 58.85 -20.52
CA SER G 77 -18.60 59.94 -20.45
C SER G 77 -17.83 59.94 -19.12
N ALA G 78 -16.58 60.39 -19.17
CA ALA G 78 -15.72 60.44 -17.98
C ALA G 78 -16.19 61.48 -16.94
N ASP G 79 -16.75 62.60 -17.41
CA ASP G 79 -17.27 63.68 -16.52
C ASP G 79 -18.67 63.41 -15.96
N MET G 80 -19.37 62.44 -16.52
CA MET G 80 -20.76 62.16 -16.13
C MET G 80 -20.94 60.90 -15.27
N VAL G 81 -19.92 60.03 -15.23
CA VAL G 81 -19.97 58.87 -14.32
C VAL G 81 -19.44 59.33 -12.96
N ASP G 82 -18.60 60.37 -12.96
CA ASP G 82 -18.05 60.98 -11.73
C ASP G 82 -19.14 61.78 -10.96
N GLU G 83 -20.13 62.32 -11.70
CA GLU G 83 -21.27 63.09 -11.14
C GLU G 83 -22.13 62.25 -10.17
N TYR G 84 -22.34 60.97 -10.49
CA TYR G 84 -23.17 60.06 -9.68
C TYR G 84 -22.32 59.25 -8.67
N ARG G 85 -21.00 59.19 -8.90
CA ARG G 85 -20.05 58.49 -8.01
C ARG G 85 -19.62 59.36 -6.84
N ALA G 86 -19.57 60.67 -7.05
CA ALA G 86 -19.20 61.65 -6.02
C ALA G 86 -20.39 62.07 -5.15
N ALA G 87 -21.60 61.64 -5.53
CA ALA G 87 -22.82 61.94 -4.78
C ALA G 87 -23.43 60.68 -4.13
N MET G 88 -22.59 59.67 -3.85
CA MET G 88 -23.04 58.42 -3.20
C MET G 88 -23.05 58.53 -1.67
N ASN G 89 -22.19 59.39 -1.11
CA ASN G 89 -22.15 59.63 0.35
C ASN G 89 -23.27 60.57 0.82
N ALA G 90 -24.10 61.04 -0.12
CA ALA G 90 -25.26 61.86 0.19
C ALA G 90 -26.32 61.63 -0.91
N PRO G 91 -26.85 60.38 -1.01
CA PRO G 91 -27.83 60.08 -2.06
C PRO G 91 -29.24 60.60 -1.75
N ASP G 92 -29.69 61.60 -2.51
CA ASP G 92 -31.04 62.20 -2.32
C ASP G 92 -32.03 61.74 -3.42
N GLN G 93 -33.23 62.33 -3.45
CA GLN G 93 -34.24 61.98 -4.46
C GLN G 93 -33.92 62.62 -5.82
N GLY G 94 -33.21 63.76 -5.81
CA GLY G 94 -32.79 64.46 -7.03
C GLY G 94 -31.65 63.77 -7.77
N LEU G 95 -30.97 62.83 -7.10
CA LEU G 95 -29.90 62.02 -7.69
C LEU G 95 -30.46 60.72 -8.29
N TRP G 96 -31.35 60.07 -7.54
CA TRP G 96 -31.94 58.77 -7.91
C TRP G 96 -32.80 58.77 -9.18
N GLN G 97 -33.13 59.97 -9.67
CA GLN G 97 -33.90 60.12 -10.90
C GLN G 97 -33.01 60.41 -12.10
N ARG G 98 -31.77 60.87 -11.88
CA ARG G 98 -30.81 61.10 -12.97
C ARG G 98 -30.01 59.83 -13.34
N ILE G 99 -29.92 58.86 -12.42
CA ILE G 99 -29.25 57.57 -12.72
C ILE G 99 -30.21 56.75 -13.56
N GLU G 100 -31.49 56.73 -13.14
CA GLU G 100 -32.57 56.01 -13.84
C GLU G 100 -32.78 56.47 -15.28
N GLN G 101 -32.54 57.76 -15.54
CA GLN G 101 -32.67 58.35 -16.88
C GLN G 101 -31.49 57.93 -17.81
N SER G 102 -30.41 57.43 -17.20
CA SER G 102 -29.23 56.92 -17.92
C SER G 102 -29.34 55.42 -18.25
N LEU G 103 -30.22 54.69 -17.56
CA LEU G 103 -30.47 53.28 -17.87
C LEU G 103 -31.51 53.12 -18.99
N THR G 104 -32.01 54.25 -19.52
CA THR G 104 -32.98 54.29 -20.62
C THR G 104 -32.37 54.89 -21.93
N LEU G 105 -31.65 56.02 -21.87
CA LEU G 105 -30.97 56.60 -23.07
C LEU G 105 -29.69 55.80 -23.48
N ALA G 106 -29.21 54.95 -22.56
CA ALA G 106 -28.05 54.08 -22.76
C ALA G 106 -28.29 52.77 -21.95
N PRO G 107 -29.15 51.86 -22.46
CA PRO G 107 -29.59 50.60 -21.81
C PRO G 107 -28.53 49.65 -21.27
N TYR G 108 -27.51 49.38 -22.08
CA TYR G 108 -26.45 48.38 -21.76
C TYR G 108 -25.46 48.79 -20.66
N TRP G 109 -25.62 50.00 -20.13
CA TRP G 109 -24.81 50.47 -19.01
C TRP G 109 -25.33 49.70 -17.80
N PHE G 110 -24.63 48.61 -17.46
CA PHE G 110 -24.99 47.77 -16.29
C PHE G 110 -24.43 48.32 -14.97
N GLU G 111 -23.59 49.36 -15.07
CA GLU G 111 -22.99 49.99 -13.89
C GLU G 111 -24.10 50.75 -13.14
N GLY G 112 -24.95 51.44 -13.90
CA GLY G 112 -26.08 52.21 -13.36
C GLY G 112 -27.10 51.41 -12.57
N HIS G 113 -27.18 50.11 -12.85
CA HIS G 113 -28.08 49.19 -12.12
C HIS G 113 -27.50 48.87 -10.73
N ARG G 114 -26.20 49.12 -10.56
CA ARG G 114 -25.56 48.98 -9.26
C ARG G 114 -25.57 50.37 -8.57
N LEU G 115 -25.40 51.45 -9.34
CA LEU G 115 -25.45 52.84 -8.80
C LEU G 115 -26.84 53.26 -8.31
N SER G 116 -27.87 52.54 -8.77
CA SER G 116 -29.26 52.76 -8.34
C SER G 116 -29.60 51.81 -7.16
N ALA G 117 -28.88 50.67 -7.10
CA ALA G 117 -29.05 49.67 -6.04
C ALA G 117 -28.50 50.15 -4.70
N GLU G 118 -27.34 50.81 -4.71
CA GLU G 118 -26.73 51.34 -3.48
C GLU G 118 -27.39 52.66 -3.07
N VAL G 119 -27.86 53.45 -4.04
CA VAL G 119 -28.61 54.68 -3.72
C VAL G 119 -29.92 54.23 -3.03
N ALA G 120 -30.40 53.03 -3.39
CA ALA G 120 -31.59 52.40 -2.79
C ALA G 120 -31.28 51.63 -1.48
N GLU G 121 -30.06 51.10 -1.34
CA GLU G 121 -29.62 50.41 -0.10
C GLU G 121 -29.35 51.46 1.01
N LYS G 122 -28.85 52.64 0.63
CA LYS G 122 -28.59 53.74 1.57
C LYS G 122 -29.86 54.50 1.95
N LEU G 123 -30.54 55.12 0.98
CA LEU G 123 -31.78 55.88 1.27
C LEU G 123 -32.74 55.20 2.27
N GLY G 124 -32.81 53.87 2.25
CA GLY G 124 -33.65 53.11 3.18
C GLY G 124 -34.54 52.10 2.49
N PHE G 125 -34.82 52.33 1.21
CA PHE G 125 -35.70 51.48 0.41
C PHE G 125 -35.08 50.08 0.25
N GLY G 126 -35.29 49.24 1.26
CA GLY G 126 -34.79 47.86 1.24
C GLY G 126 -35.48 47.00 0.20
N ALA G 127 -36.71 47.38 -0.19
CA ALA G 127 -37.51 46.65 -1.20
C ALA G 127 -37.15 46.94 -2.66
N VAL G 128 -36.37 48.01 -2.91
CA VAL G 128 -35.92 48.41 -4.27
C VAL G 128 -34.48 47.93 -4.58
N ALA G 129 -33.70 47.63 -3.53
CA ALA G 129 -32.29 47.19 -3.66
C ALA G 129 -32.14 45.74 -4.10
N GLN G 130 -32.84 44.84 -3.42
CA GLN G 130 -32.83 43.44 -3.78
C GLN G 130 -33.67 43.25 -5.07
N ALA G 131 -34.34 44.33 -5.52
CA ALA G 131 -35.21 44.31 -6.72
C ALA G 131 -34.63 44.84 -8.05
N ILE G 132 -33.41 45.37 -8.03
CA ILE G 132 -32.73 45.81 -9.27
C ILE G 132 -31.53 44.89 -9.60
N ALA G 133 -31.15 44.05 -8.63
CA ALA G 133 -30.11 43.03 -8.78
C ALA G 133 -30.73 41.70 -9.27
N GLU G 134 -32.07 41.59 -9.18
CA GLU G 134 -32.84 40.44 -9.69
C GLU G 134 -33.33 40.74 -11.13
N GLU G 135 -33.64 42.01 -11.42
CA GLU G 135 -34.07 42.46 -12.78
C GLU G 135 -32.95 42.35 -13.81
N LEU G 136 -31.71 42.45 -13.33
CA LEU G 136 -30.50 42.29 -14.13
C LEU G 136 -30.11 40.79 -14.17
N GLY G 137 -30.49 40.05 -13.12
CA GLY G 137 -30.29 38.60 -13.07
C GLY G 137 -31.24 37.87 -14.02
N THR G 138 -32.29 38.58 -14.48
CA THR G 138 -33.27 38.06 -15.47
C THR G 138 -32.79 38.35 -16.90
N PHE G 139 -32.23 39.54 -17.13
CA PHE G 139 -31.71 39.92 -18.44
C PHE G 139 -30.38 39.23 -18.73
N LEU G 140 -29.70 38.76 -17.67
CA LEU G 140 -28.44 38.03 -17.79
C LEU G 140 -28.62 36.49 -17.65
N GLN G 141 -29.86 36.05 -17.47
CA GLN G 141 -30.24 34.62 -17.48
C GLN G 141 -31.10 34.37 -18.74
N ARG G 142 -31.17 35.39 -19.62
CA ARG G 142 -31.88 35.36 -20.90
C ARG G 142 -30.88 35.50 -22.07
N LEU G 143 -30.02 36.51 -22.01
CA LEU G 143 -28.97 36.73 -23.01
C LEU G 143 -27.59 36.73 -22.32
N PRO G 144 -26.89 35.57 -22.33
CA PRO G 144 -25.56 35.46 -21.70
C PRO G 144 -24.38 36.01 -22.54
N ALA G 145 -24.67 36.53 -23.74
CA ALA G 145 -23.65 37.08 -24.62
C ALA G 145 -23.35 38.57 -24.36
N LEU G 146 -23.95 39.16 -23.33
CA LEU G 146 -23.71 40.59 -22.99
C LEU G 146 -22.71 40.79 -21.85
N ARG G 147 -22.06 39.71 -21.41
CA ARG G 147 -21.07 39.79 -20.34
C ARG G 147 -19.67 40.12 -20.90
N GLU G 148 -19.22 39.34 -21.88
CA GLU G 148 -17.90 39.54 -22.51
C GLU G 148 -17.89 40.55 -23.69
N LEU G 149 -19.06 41.10 -24.07
CA LEU G 149 -19.14 42.15 -25.11
C LEU G 149 -18.87 43.53 -24.49
N ALA G 150 -17.89 44.27 -25.03
CA ALA G 150 -17.47 45.57 -24.47
C ALA G 150 -17.76 46.79 -25.35
N PHE G 151 -17.66 47.97 -24.75
CA PHE G 151 -17.84 49.26 -25.47
C PHE G 151 -16.73 49.44 -26.54
N SER G 152 -16.88 50.43 -27.41
CA SER G 152 -15.90 50.68 -28.47
C SER G 152 -14.57 51.18 -27.92
N ASP G 153 -14.60 51.79 -26.72
CA ASP G 153 -13.37 52.27 -26.06
C ASP G 153 -12.76 51.21 -25.11
N GLY G 154 -13.22 49.96 -25.19
CA GLY G 154 -12.68 48.85 -24.40
C GLY G 154 -13.41 48.44 -23.12
N SER G 155 -13.86 49.43 -22.34
CA SER G 155 -14.55 49.18 -21.07
C SER G 155 -15.69 48.17 -21.20
N PRO G 156 -15.90 47.32 -20.18
CA PRO G 156 -16.93 46.30 -20.29
C PRO G 156 -18.36 46.81 -20.06
N PHE G 157 -19.35 46.02 -20.51
CA PHE G 157 -20.78 46.28 -20.31
C PHE G 157 -21.15 45.98 -18.85
N LEU G 158 -20.79 44.78 -18.40
CA LEU G 158 -21.01 44.33 -17.04
C LEU G 158 -19.64 44.23 -16.36
N SER G 159 -19.29 45.26 -15.56
CA SER G 159 -17.98 45.36 -14.90
C SER G 159 -17.68 44.25 -13.89
N PRO G 160 -16.38 44.06 -13.55
CA PRO G 160 -15.98 43.07 -12.55
C PRO G 160 -16.64 43.25 -11.16
N GLU G 161 -16.97 44.49 -10.78
CA GLU G 161 -17.61 44.73 -9.48
C GLU G 161 -19.09 44.35 -9.54
N CYS G 162 -19.80 44.86 -10.54
CA CYS G 162 -21.21 44.54 -10.69
C CYS G 162 -21.38 43.04 -11.02
N SER G 163 -20.33 42.40 -11.56
CA SER G 163 -20.34 40.96 -11.87
C SER G 163 -20.25 40.02 -10.64
N ARG G 164 -19.85 40.55 -9.48
CA ARG G 164 -19.85 39.78 -8.21
C ARG G 164 -20.96 40.31 -7.26
N TRP G 165 -21.20 41.62 -7.29
CA TRP G 165 -22.29 42.28 -6.52
C TRP G 165 -23.60 41.50 -6.60
N LEU G 166 -23.91 41.00 -7.79
CA LEU G 166 -25.13 40.21 -8.04
C LEU G 166 -25.00 38.77 -7.51
N GLY G 180 -36.55 26.24 13.64
CA GLY G 180 -37.25 25.29 14.54
C GLY G 180 -36.75 25.36 15.97
N LEU G 181 -35.45 25.10 16.14
CA LEU G 181 -34.74 25.23 17.40
C LEU G 181 -33.91 26.52 17.36
N ALA G 182 -33.20 26.77 16.27
CA ALA G 182 -32.46 28.03 16.13
C ALA G 182 -33.45 29.19 16.28
N GLU G 183 -34.63 29.03 15.69
CA GLU G 183 -35.71 29.98 15.88
C GLU G 183 -36.02 30.11 17.39
N GLU G 184 -36.36 28.99 18.03
CA GLU G 184 -36.66 28.93 19.46
C GLU G 184 -35.59 29.53 20.39
N VAL G 185 -34.31 29.39 20.03
CA VAL G 185 -33.24 29.95 20.87
C VAL G 185 -33.13 31.44 20.62
N ALA G 186 -32.71 31.85 19.43
CA ALA G 186 -32.54 33.29 19.15
C ALA G 186 -33.59 34.24 19.81
N GLN G 187 -34.79 33.73 20.03
CA GLN G 187 -35.78 34.51 20.74
C GLN G 187 -35.24 34.61 22.18
N ARG G 188 -35.16 33.47 22.87
CA ARG G 188 -34.63 33.39 24.24
C ARG G 188 -33.28 34.08 24.39
N HIS G 189 -32.50 34.18 23.32
CA HIS G 189 -31.20 34.85 23.39
C HIS G 189 -31.39 36.36 23.35
N GLY G 190 -32.43 36.81 22.64
CA GLY G 190 -32.75 38.23 22.55
C GLY G 190 -33.52 38.72 23.77
N GLU G 191 -34.28 37.83 24.43
CA GLU G 191 -35.02 38.18 25.68
C GLU G 191 -34.01 38.17 26.85
N GLN G 192 -33.76 37.03 27.51
CA GLN G 192 -32.68 36.97 28.51
C GLN G 192 -31.33 37.10 27.79
N GLY G 193 -30.24 36.85 28.50
CA GLY G 193 -28.92 36.89 27.90
C GLY G 193 -28.49 35.58 27.27
N ILE G 194 -27.31 35.62 26.65
CA ILE G 194 -26.67 34.43 26.13
C ILE G 194 -26.56 33.31 27.20
N ALA G 195 -26.44 33.68 28.46
CA ALA G 195 -26.38 32.68 29.50
C ALA G 195 -27.68 31.86 29.50
N ALA G 196 -28.82 32.52 29.45
CA ALA G 196 -30.08 31.79 29.45
C ALA G 196 -30.25 31.06 28.14
N ALA G 197 -29.88 31.71 27.04
CA ALA G 197 -29.96 31.06 25.74
C ALA G 197 -29.18 29.74 25.78
N LEU G 198 -27.98 29.76 26.32
CA LEU G 198 -27.18 28.53 26.43
C LEU G 198 -27.85 27.47 27.31
N ALA G 199 -28.50 27.88 28.40
CA ALA G 199 -29.14 26.91 29.28
C ALA G 199 -30.17 26.14 28.52
N LEU G 200 -30.93 26.84 27.68
CA LEU G 200 -31.98 26.26 26.86
C LEU G 200 -31.35 25.22 25.96
N LEU G 201 -30.34 25.64 25.22
CA LEU G 201 -29.65 24.79 24.27
C LEU G 201 -29.09 23.57 25.01
N ASP G 202 -28.86 23.70 26.31
CA ASP G 202 -28.47 22.57 27.15
C ASP G 202 -29.70 21.68 27.36
N GLU G 203 -30.67 22.19 28.13
CA GLU G 203 -31.88 21.41 28.44
C GLU G 203 -32.43 20.63 27.23
N ARG G 204 -32.26 21.17 26.04
CA ARG G 204 -32.63 20.48 24.79
C ARG G 204 -31.73 19.27 24.56
N ILE G 205 -30.49 19.52 24.17
CA ILE G 205 -29.57 18.45 23.80
C ILE G 205 -29.65 17.27 24.74
N ALA G 206 -29.73 17.53 26.03
CA ALA G 206 -29.86 16.46 27.02
C ALA G 206 -30.72 15.32 26.52
N GLN G 207 -31.85 15.66 25.89
CA GLN G 207 -32.81 14.69 25.36
C GLN G 207 -32.81 14.60 23.82
N LEU G 208 -31.62 14.50 23.26
CA LEU G 208 -31.47 14.22 21.83
C LEU G 208 -30.70 12.93 21.74
N LYS G 209 -30.75 12.30 20.59
CA LYS G 209 -30.07 11.03 20.43
C LYS G 209 -29.34 10.96 19.10
N GLU G 210 -30.01 11.36 18.01
CA GLU G 210 -29.42 11.27 16.69
C GLU G 210 -28.35 12.34 16.43
N PRO G 211 -27.12 11.88 16.15
CA PRO G 211 -26.05 12.82 15.87
C PRO G 211 -26.35 13.84 14.76
N ARG G 212 -27.37 13.68 13.96
CA ARG G 212 -27.66 14.74 13.03
C ARG G 212 -28.18 15.95 13.79
N ASP G 213 -28.97 15.66 14.81
CA ASP G 213 -29.64 16.68 15.64
C ASP G 213 -28.60 17.36 16.54
N ARG G 214 -27.84 16.52 17.28
CA ARG G 214 -26.80 16.99 18.18
C ARG G 214 -25.91 17.95 17.40
N PHE G 215 -25.35 17.47 16.31
CA PHE G 215 -24.56 18.32 15.45
C PHE G 215 -25.34 19.58 15.01
N HIS G 216 -26.64 19.46 14.74
CA HIS G 216 -27.43 20.64 14.36
C HIS G 216 -27.65 21.67 15.46
N ALA G 217 -27.34 21.28 16.71
CA ALA G 217 -27.45 22.18 17.86
C ALA G 217 -26.10 22.83 18.16
N LEU G 218 -25.02 22.07 18.04
CA LEU G 218 -23.71 22.66 18.20
C LEU G 218 -23.52 23.64 17.07
N LEU G 219 -24.29 23.48 16.01
CA LEU G 219 -24.23 24.42 14.93
C LEU G 219 -24.90 25.73 15.35
N VAL G 220 -25.87 25.65 16.28
CA VAL G 220 -26.54 26.85 16.85
C VAL G 220 -25.64 27.61 17.80
N GLN G 221 -24.99 26.88 18.68
CA GLN G 221 -24.07 27.48 19.63
C GLN G 221 -23.07 28.36 18.91
N ALA G 222 -22.57 27.93 17.78
CA ALA G 222 -21.64 28.76 17.02
C ALA G 222 -22.31 30.03 16.52
N GLU G 223 -23.55 29.88 16.05
CA GLU G 223 -24.33 31.03 15.56
C GLU G 223 -24.55 32.01 16.71
N LEU G 224 -24.89 31.45 17.86
CA LEU G 224 -25.18 32.16 19.09
C LEU G 224 -23.96 32.97 19.60
N LEU G 225 -22.78 32.35 19.68
CA LEU G 225 -21.56 33.07 20.08
C LEU G 225 -21.26 34.19 19.14
N ALA G 226 -21.43 33.95 17.84
CA ALA G 226 -21.17 34.98 16.86
C ALA G 226 -22.17 36.08 17.04
N GLN G 227 -23.44 35.74 17.18
CA GLN G 227 -24.48 36.80 17.35
C GLN G 227 -24.15 37.72 18.52
N GLU G 228 -23.65 37.12 19.61
CA GLU G 228 -23.30 37.85 20.80
C GLU G 228 -22.30 38.91 20.48
N GLY G 229 -21.26 38.49 19.77
CA GLY G 229 -20.11 39.33 19.36
C GLY G 229 -18.84 38.51 19.17
N MET G 230 -18.66 37.51 20.03
CA MET G 230 -17.51 36.62 20.07
C MET G 230 -17.24 35.87 18.77
N GLU G 231 -16.88 36.60 17.71
CA GLU G 231 -16.75 36.06 16.34
C GLU G 231 -15.48 35.26 16.07
N ALA G 232 -14.45 35.44 16.87
CA ALA G 232 -13.23 34.66 16.70
C ALA G 232 -13.31 33.31 17.43
N LEU G 233 -14.36 33.09 18.22
CA LEU G 233 -14.56 31.83 18.89
C LEU G 233 -15.55 31.01 18.06
N ALA G 234 -16.27 31.72 17.20
CA ALA G 234 -17.19 31.09 16.27
C ALA G 234 -16.34 30.45 15.20
N ARG G 235 -15.51 31.23 14.51
CA ARG G 235 -14.62 30.67 13.49
C ARG G 235 -13.96 29.38 14.03
N GLN G 236 -13.52 29.34 15.28
CA GLN G 236 -12.93 28.13 15.84
C GLN G 236 -13.92 26.95 15.82
N HIS G 237 -15.20 27.23 16.08
CA HIS G 237 -16.25 26.18 16.05
C HIS G 237 -16.76 25.84 14.63
N TYR G 238 -16.92 26.84 13.76
CA TYR G 238 -17.29 26.59 12.35
C TYR G 238 -16.18 25.84 11.57
N GLN G 239 -14.95 25.86 12.06
CA GLN G 239 -13.87 25.13 11.40
C GLN G 239 -14.04 23.69 11.85
N HIS G 240 -14.15 23.46 13.16
CA HIS G 240 -14.27 22.10 13.71
C HIS G 240 -15.44 21.26 13.26
N LEU G 241 -16.49 21.91 12.79
CA LEU G 241 -17.68 21.20 12.30
C LEU G 241 -17.55 20.91 10.80
N TRP G 242 -16.99 21.88 10.06
CA TRP G 242 -16.72 21.71 8.63
C TRP G 242 -15.73 20.54 8.41
N GLN G 243 -14.97 20.21 9.44
CA GLN G 243 -14.12 19.04 9.43
C GLN G 243 -14.97 17.84 9.82
N GLU G 244 -15.73 17.96 10.88
CA GLU G 244 -16.60 16.87 11.27
C GLU G 244 -17.58 16.48 10.14
N ALA G 245 -17.87 17.39 9.20
CA ALA G 245 -18.76 17.10 8.06
C ALA G 245 -17.99 16.36 6.98
N SER G 246 -16.96 16.97 6.40
CA SER G 246 -16.17 16.28 5.39
C SER G 246 -15.85 14.89 5.88
N ARG G 247 -15.34 14.76 7.10
CA ARG G 247 -15.07 13.44 7.72
C ARG G 247 -16.24 12.42 7.56
N LEU G 248 -17.48 12.90 7.44
CA LEU G 248 -18.67 12.05 7.26
C LEU G 248 -19.18 11.96 5.81
N GLY G 249 -18.68 12.85 4.95
CA GLY G 249 -19.01 12.88 3.51
C GLY G 249 -20.32 13.53 3.17
N LEU G 250 -20.69 14.54 3.94
CA LEU G 250 -21.98 15.13 3.74
C LEU G 250 -22.09 16.06 2.56
N SER G 251 -21.15 16.04 1.62
CA SER G 251 -21.32 16.85 0.43
C SER G 251 -22.04 15.98 -0.59
N HIS G 252 -21.85 14.65 -0.43
CA HIS G 252 -22.50 13.64 -1.27
C HIS G 252 -23.88 13.35 -0.72
N TRP G 253 -24.11 13.77 0.53
CA TRP G 253 -25.43 13.69 1.19
C TRP G 253 -25.73 15.01 1.88
N GLU G 254 -26.60 15.84 1.33
CA GLU G 254 -26.88 17.12 2.01
C GLU G 254 -25.66 18.10 1.89
N PRO G 255 -25.42 18.64 0.68
CA PRO G 255 -24.26 19.50 0.46
C PRO G 255 -24.44 20.85 1.07
N GLY G 256 -25.49 21.58 0.68
CA GLY G 256 -25.79 22.96 1.15
C GLY G 256 -25.35 23.36 2.55
N LEU G 257 -25.31 22.38 3.45
CA LEU G 257 -24.82 22.59 4.79
C LEU G 257 -23.30 22.82 4.71
N VAL G 258 -22.60 21.84 4.17
CA VAL G 258 -21.14 21.86 4.09
C VAL G 258 -20.63 22.93 3.09
N ASN G 259 -21.53 23.56 2.34
CA ASN G 259 -21.17 24.66 1.44
C ASN G 259 -21.03 25.95 2.24
N ARG G 260 -22.07 26.28 3.00
CA ARG G 260 -22.05 27.48 3.83
C ARG G 260 -21.37 27.20 5.19
N LEU G 261 -21.18 25.93 5.54
CA LEU G 261 -20.51 25.62 6.78
C LEU G 261 -19.06 26.02 6.53
N GLU G 262 -18.62 25.90 5.28
CA GLU G 262 -17.26 26.34 4.90
C GLU G 262 -17.24 27.87 4.80
N SER G 263 -18.27 28.44 4.17
CA SER G 263 -18.41 29.90 4.03
C SER G 263 -18.31 30.65 5.38
N LEU G 264 -18.39 29.92 6.50
CA LEU G 264 -18.28 30.52 7.82
C LEU G 264 -16.89 30.48 8.39
N ALA G 265 -16.09 29.48 8.01
CA ALA G 265 -14.72 29.34 8.54
C ALA G 265 -13.57 30.12 7.80
N ALA G 266 -13.93 30.89 6.77
CA ALA G 266 -12.96 31.65 5.95
C ALA G 266 -12.28 32.80 6.67
N ARG H 24 -57.93 55.22 -8.28
CA ARG H 24 -59.14 55.71 -9.02
C ARG H 24 -59.17 55.09 -10.47
N ALA H 25 -58.96 55.88 -11.53
CA ALA H 25 -58.91 55.37 -12.92
C ALA H 25 -57.51 54.78 -13.24
N TRP H 26 -56.56 55.10 -12.36
CA TRP H 26 -55.16 54.62 -12.41
C TRP H 26 -55.02 53.13 -12.06
N ARG H 27 -56.03 52.58 -11.38
CA ARG H 27 -56.05 51.16 -11.03
C ARG H 27 -56.19 50.32 -12.30
N GLN H 28 -57.28 50.52 -13.06
CA GLN H 28 -57.51 49.77 -14.31
C GLN H 28 -56.58 50.14 -15.48
N THR H 29 -55.74 51.16 -15.29
CA THR H 29 -54.71 51.52 -16.28
C THR H 29 -53.52 50.56 -16.13
N GLN H 30 -53.22 50.19 -14.89
CA GLN H 30 -52.15 49.22 -14.62
C GLN H 30 -52.59 47.81 -15.00
N LEU H 31 -53.89 47.50 -14.81
CA LEU H 31 -54.48 46.17 -15.12
C LEU H 31 -54.66 45.89 -16.63
N LYS H 32 -54.59 46.93 -17.45
CA LYS H 32 -54.63 46.76 -18.89
C LYS H 32 -53.22 46.89 -19.49
N VAL H 33 -52.23 47.09 -18.62
CA VAL H 33 -50.81 47.07 -18.98
C VAL H 33 -50.20 45.74 -18.53
N ALA H 34 -50.71 45.17 -17.42
CA ALA H 34 -50.30 43.85 -16.93
C ALA H 34 -50.97 42.74 -17.75
N GLU H 35 -52.07 43.06 -18.43
CA GLU H 35 -52.79 42.12 -19.31
C GLU H 35 -52.06 41.99 -20.65
N LEU H 36 -51.32 43.03 -21.02
CA LEU H 36 -50.53 43.05 -22.27
C LEU H 36 -49.06 42.59 -22.04
N LEU H 37 -48.59 42.57 -20.78
CA LEU H 37 -47.26 42.03 -20.43
C LEU H 37 -47.33 40.51 -20.41
N ILE H 38 -48.43 40.01 -19.85
CA ILE H 38 -48.69 38.58 -19.72
C ILE H 38 -49.01 37.90 -21.07
N GLU H 39 -50.03 38.43 -21.77
CA GLU H 39 -50.46 37.85 -23.06
C GLU H 39 -49.31 37.56 -24.01
N ARG H 40 -48.38 38.50 -24.14
CA ARG H 40 -47.22 38.33 -25.02
C ARG H 40 -46.18 37.36 -24.44
N GLN H 41 -45.93 37.48 -23.14
CA GLN H 41 -44.93 36.64 -22.49
C GLN H 41 -45.45 35.98 -21.20
N PRO H 42 -45.66 34.65 -21.25
CA PRO H 42 -46.13 33.85 -20.11
C PRO H 42 -45.07 33.17 -19.20
N GLU H 43 -43.79 33.17 -19.58
CA GLU H 43 -42.73 32.60 -18.71
C GLU H 43 -42.05 33.74 -17.92
N VAL H 44 -42.50 34.97 -18.20
CA VAL H 44 -42.01 36.23 -17.62
C VAL H 44 -42.77 36.65 -16.35
N ALA H 45 -42.06 36.64 -15.22
CA ALA H 45 -42.63 36.92 -13.88
C ALA H 45 -43.02 38.38 -13.57
N VAL H 46 -42.53 39.34 -14.38
CA VAL H 46 -42.82 40.77 -14.15
C VAL H 46 -44.23 41.20 -14.59
N GLY H 47 -44.78 40.56 -15.62
CA GLY H 47 -46.13 40.87 -16.08
C GLY H 47 -47.19 40.58 -15.03
N TYR H 48 -46.92 39.58 -14.18
CA TYR H 48 -47.82 39.13 -13.08
C TYR H 48 -47.66 39.90 -11.77
N ARG H 49 -46.51 40.52 -11.57
CA ARG H 49 -46.30 41.33 -10.37
C ARG H 49 -47.07 42.65 -10.43
N LEU H 50 -47.29 43.19 -11.63
CA LEU H 50 -48.08 44.45 -11.84
C LEU H 50 -49.60 44.24 -11.57
N ARG H 51 -50.01 42.98 -11.38
CA ARG H 51 -51.39 42.64 -11.02
C ARG H 51 -51.53 42.47 -9.50
N ARG H 52 -50.46 42.02 -8.83
CA ARG H 52 -50.44 41.93 -7.37
C ARG H 52 -50.38 43.33 -6.75
N HIS H 53 -49.52 44.18 -7.30
CA HIS H 53 -49.37 45.55 -6.83
C HIS H 53 -50.57 46.43 -7.22
N ALA H 54 -51.11 46.28 -8.43
CA ALA H 54 -52.28 47.07 -8.83
C ALA H 54 -53.55 46.63 -8.09
N VAL H 55 -53.38 45.69 -7.17
CA VAL H 55 -54.45 45.22 -6.28
C VAL H 55 -54.05 45.43 -4.81
N TRP H 56 -52.81 45.08 -4.44
CA TRP H 56 -52.34 45.18 -3.03
C TRP H 56 -51.61 46.49 -2.60
N ALA H 57 -51.41 47.43 -3.52
CA ALA H 57 -50.77 48.69 -3.15
C ALA H 57 -51.80 49.51 -2.39
N GLY H 58 -52.94 49.81 -3.04
CA GLY H 58 -54.03 50.60 -2.44
C GLY H 58 -54.45 50.15 -1.03
N ILE H 59 -54.19 48.89 -0.71
CA ILE H 59 -54.49 48.29 0.59
C ILE H 59 -53.35 48.49 1.62
N THR H 60 -53.67 49.25 2.68
CA THR H 60 -52.75 49.56 3.79
C THR H 60 -53.03 48.74 5.07
N ALA H 61 -54.28 48.70 5.51
CA ALA H 61 -54.67 47.99 6.73
C ALA H 61 -55.64 46.82 6.51
N VAL H 62 -55.54 45.82 7.38
CA VAL H 62 -56.41 44.64 7.35
C VAL H 62 -57.85 45.05 7.68
N PRO H 63 -58.87 44.50 6.98
CA PRO H 63 -60.23 44.94 7.36
C PRO H 63 -60.69 44.44 8.75
N MET H 64 -61.41 45.31 9.44
CA MET H 64 -61.93 45.06 10.79
C MET H 64 -62.62 43.72 10.88
N SER H 65 -62.28 42.95 11.91
CA SER H 65 -62.80 41.58 12.12
C SER H 65 -63.74 41.48 13.35
N GLY H 66 -64.13 40.27 13.74
CA GLY H 66 -65.05 40.09 14.85
C GLY H 66 -65.12 38.71 15.50
N ALA H 67 -66.33 38.16 15.59
CA ALA H 67 -66.60 36.87 16.24
C ALA H 67 -65.88 35.70 15.61
N GLY H 68 -64.68 35.41 16.12
CA GLY H 68 -63.83 34.34 15.58
C GLY H 68 -63.04 34.79 14.35
N ASN H 69 -62.47 36.00 14.44
CA ASN H 69 -61.68 36.64 13.38
C ASN H 69 -62.35 36.74 12.01
N LYS H 70 -63.66 36.64 11.96
CA LYS H 70 -64.33 36.66 10.67
C LYS H 70 -64.47 38.09 10.18
N THR H 71 -63.87 38.44 9.04
CA THR H 71 -64.04 39.79 8.50
C THR H 71 -65.45 39.89 7.94
N PRO H 72 -65.93 41.10 7.61
CA PRO H 72 -67.24 41.21 7.00
C PRO H 72 -67.23 40.81 5.52
N LEU H 73 -66.02 40.76 4.95
CA LEU H 73 -65.80 40.42 3.53
C LEU H 73 -66.39 39.06 3.06
N ALA H 74 -66.79 39.05 1.79
CA ALA H 74 -67.41 37.90 1.17
C ALA H 74 -66.35 36.89 0.67
N PRO H 75 -66.61 35.56 0.84
CA PRO H 75 -65.68 34.51 0.37
C PRO H 75 -65.86 34.23 -1.12
N MET H 76 -64.96 33.45 -1.71
CA MET H 76 -65.07 33.10 -3.12
C MET H 76 -66.20 32.11 -3.32
N SER H 77 -67.07 32.40 -4.27
CA SER H 77 -68.22 31.54 -4.59
C SER H 77 -67.86 30.03 -4.62
N ALA H 78 -68.32 29.27 -3.62
CA ALA H 78 -68.03 27.83 -3.48
C ALA H 78 -68.21 27.01 -4.78
N ASP H 79 -69.08 27.47 -5.68
CA ASP H 79 -69.29 26.82 -6.97
C ASP H 79 -68.09 27.08 -7.86
N MET H 80 -67.67 28.35 -7.92
CA MET H 80 -66.54 28.78 -8.77
C MET H 80 -65.17 28.31 -8.26
N VAL H 81 -65.09 27.91 -6.99
CA VAL H 81 -63.86 27.33 -6.41
C VAL H 81 -63.67 25.89 -6.91
N ASP H 82 -64.77 25.14 -7.00
CA ASP H 82 -64.74 23.74 -7.48
C ASP H 82 -64.54 23.62 -8.99
N GLU H 83 -65.10 24.56 -9.76
CA GLU H 83 -64.89 24.63 -11.20
C GLU H 83 -63.39 24.65 -11.46
N TYR H 84 -62.64 25.31 -10.56
CA TYR H 84 -61.17 25.39 -10.67
C TYR H 84 -60.49 24.13 -10.13
N ARG H 85 -61.01 23.57 -9.03
CA ARG H 85 -60.41 22.35 -8.45
C ARG H 85 -60.70 21.09 -9.26
N ALA H 86 -61.76 21.15 -10.06
CA ALA H 86 -62.13 20.06 -10.97
C ALA H 86 -61.22 20.08 -12.19
N ALA H 87 -61.03 21.28 -12.77
CA ALA H 87 -60.19 21.43 -13.95
C ALA H 87 -58.69 21.34 -13.64
N MET H 88 -58.32 20.87 -12.44
CA MET H 88 -56.90 20.74 -12.05
C MET H 88 -56.16 19.57 -12.69
N ASN H 89 -56.80 18.42 -12.88
CA ASN H 89 -56.09 17.31 -13.53
C ASN H 89 -55.72 17.66 -15.00
N ALA H 90 -56.54 18.49 -15.67
CA ALA H 90 -56.30 18.90 -17.07
C ALA H 90 -56.09 20.40 -17.23
N PRO H 91 -54.96 20.92 -16.71
CA PRO H 91 -54.67 22.37 -16.74
C PRO H 91 -54.31 22.93 -18.13
N ASP H 92 -54.63 24.19 -18.38
CA ASP H 92 -54.32 24.86 -19.67
C ASP H 92 -54.18 26.36 -19.48
N GLN H 93 -54.22 27.10 -20.58
CA GLN H 93 -54.14 28.55 -20.55
C GLN H 93 -55.46 29.14 -20.04
N GLY H 94 -56.59 28.61 -20.51
CA GLY H 94 -57.93 29.06 -20.10
C GLY H 94 -58.17 29.05 -18.59
N LEU H 95 -57.73 27.99 -17.91
CA LEU H 95 -57.87 27.87 -16.45
C LEU H 95 -56.91 28.81 -15.70
N TRP H 96 -55.66 28.92 -16.18
CA TRP H 96 -54.66 29.77 -15.53
C TRP H 96 -54.91 31.27 -15.71
N GLN H 97 -55.79 31.63 -16.65
CA GLN H 97 -56.20 33.02 -16.88
C GLN H 97 -57.49 33.34 -16.12
N ARG H 98 -58.34 32.34 -15.90
CA ARG H 98 -59.56 32.50 -15.12
C ARG H 98 -59.23 32.49 -13.63
N ILE H 99 -58.18 31.76 -13.22
CA ILE H 99 -57.76 31.77 -11.81
C ILE H 99 -57.09 33.10 -11.51
N GLU H 100 -56.43 33.70 -12.51
CA GLU H 100 -55.76 35.01 -12.35
C GLU H 100 -56.72 36.21 -12.24
N GLN H 101 -57.67 36.35 -13.17
CA GLN H 101 -58.65 37.44 -13.11
C GLN H 101 -59.63 37.30 -11.92
N SER H 102 -59.79 36.07 -11.40
CA SER H 102 -60.62 35.83 -10.21
C SER H 102 -59.83 35.99 -8.90
N LEU H 103 -58.50 36.20 -8.99
CA LEU H 103 -57.68 36.54 -7.82
C LEU H 103 -57.28 38.04 -7.91
N THR H 104 -58.01 38.74 -8.77
CA THR H 104 -57.97 40.19 -8.92
C THR H 104 -59.25 40.75 -8.28
N LEU H 105 -60.34 39.97 -8.35
CA LEU H 105 -61.65 40.37 -7.81
C LEU H 105 -61.98 39.82 -6.40
N ALA H 106 -60.97 39.28 -5.70
CA ALA H 106 -61.13 38.79 -4.31
C ALA H 106 -59.75 38.71 -3.62
N PRO H 107 -58.97 39.81 -3.68
CA PRO H 107 -57.58 39.99 -3.23
C PRO H 107 -57.01 39.05 -2.16
N TYR H 108 -57.76 38.83 -1.09
CA TYR H 108 -57.27 38.03 0.05
C TYR H 108 -57.58 36.52 -0.04
N TRP H 109 -58.20 36.12 -1.14
CA TRP H 109 -58.44 34.69 -1.41
C TRP H 109 -57.08 34.08 -1.70
N PHE H 110 -56.35 33.70 -0.65
CA PHE H 110 -54.99 33.20 -0.84
C PHE H 110 -54.89 31.78 -1.39
N GLU H 111 -55.98 31.03 -1.37
CA GLU H 111 -55.98 29.70 -1.97
C GLU H 111 -55.73 29.88 -3.49
N GLY H 112 -56.31 30.93 -4.07
CA GLY H 112 -56.14 31.27 -5.50
C GLY H 112 -54.69 31.41 -5.95
N HIS H 113 -53.81 31.73 -5.00
CA HIS H 113 -52.38 31.87 -5.27
C HIS H 113 -51.60 30.55 -5.15
N ARG H 114 -52.23 29.51 -4.60
CA ARG H 114 -51.63 28.17 -4.56
C ARG H 114 -52.09 27.42 -5.79
N LEU H 115 -53.31 27.72 -6.24
CA LEU H 115 -53.87 27.13 -7.45
C LEU H 115 -53.19 27.71 -8.67
N SER H 116 -52.95 29.02 -8.68
CA SER H 116 -52.26 29.62 -9.82
C SER H 116 -50.77 29.20 -9.84
N ALA H 117 -50.26 28.72 -8.71
CA ALA H 117 -48.88 28.26 -8.58
C ALA H 117 -48.72 26.75 -8.76
N GLU H 118 -49.73 25.96 -8.38
CA GLU H 118 -49.67 24.53 -8.63
C GLU H 118 -49.94 24.30 -10.14
N VAL H 119 -50.77 25.17 -10.76
CA VAL H 119 -51.04 25.13 -12.22
C VAL H 119 -49.79 25.51 -13.02
N ALA H 120 -49.23 26.70 -12.78
CA ALA H 120 -48.03 27.16 -13.50
C ALA H 120 -46.82 26.21 -13.37
N GLU H 121 -46.74 25.38 -12.31
CA GLU H 121 -45.63 24.42 -12.21
C GLU H 121 -45.91 23.18 -13.04
N LYS H 122 -47.18 22.92 -13.35
CA LYS H 122 -47.56 21.82 -14.26
C LYS H 122 -47.41 22.29 -15.70
N LEU H 123 -47.76 23.55 -15.99
CA LEU H 123 -47.53 24.10 -17.35
C LEU H 123 -46.03 24.42 -17.55
N GLY H 124 -45.16 23.89 -16.67
CA GLY H 124 -43.73 24.04 -16.78
C GLY H 124 -43.10 25.30 -16.21
N PHE H 125 -43.70 26.46 -16.52
CA PHE H 125 -43.11 27.77 -16.15
C PHE H 125 -42.91 27.93 -14.64
N GLY H 126 -41.82 27.35 -14.11
CA GLY H 126 -41.42 27.49 -12.70
C GLY H 126 -40.95 28.92 -12.43
N ALA H 127 -40.84 29.69 -13.53
CA ALA H 127 -40.51 31.11 -13.54
C ALA H 127 -41.67 31.97 -12.99
N VAL H 128 -42.87 31.38 -12.94
CA VAL H 128 -44.07 32.02 -12.37
C VAL H 128 -44.58 31.22 -11.13
N ALA H 129 -44.19 29.94 -11.00
CA ALA H 129 -44.60 29.08 -9.85
C ALA H 129 -44.01 29.52 -8.52
N GLN H 130 -42.85 30.19 -8.59
CA GLN H 130 -42.17 30.75 -7.42
C GLN H 130 -42.34 32.27 -7.36
N ALA H 131 -42.63 32.92 -8.49
CA ALA H 131 -42.87 34.38 -8.53
C ALA H 131 -44.23 34.77 -7.93
N ILE H 132 -45.02 33.77 -7.54
CA ILE H 132 -46.30 33.97 -6.84
C ILE H 132 -46.17 33.62 -5.35
N ALA H 133 -45.09 32.95 -4.95
CA ALA H 133 -44.76 32.73 -3.53
C ALA H 133 -43.90 33.92 -3.03
N GLU H 134 -43.22 34.60 -3.96
CA GLU H 134 -42.39 35.80 -3.70
C GLU H 134 -43.22 37.09 -3.57
N GLU H 135 -44.39 37.11 -4.19
CA GLU H 135 -45.32 38.25 -4.08
C GLU H 135 -46.22 38.15 -2.85
N LEU H 136 -46.57 36.93 -2.45
CA LEU H 136 -47.44 36.69 -1.28
C LEU H 136 -46.62 36.69 0.02
N GLY H 137 -45.34 36.34 -0.06
CA GLY H 137 -44.44 36.44 1.10
C GLY H 137 -44.23 37.91 1.47
N THR H 138 -44.30 38.81 0.47
CA THR H 138 -44.18 40.29 0.62
C THR H 138 -45.40 40.90 1.29
N PHE H 139 -46.54 40.25 1.09
CA PHE H 139 -47.80 40.70 1.62
C PHE H 139 -48.01 40.16 3.02
N LEU H 140 -47.52 38.94 3.29
CA LEU H 140 -47.61 38.32 4.64
C LEU H 140 -46.40 38.68 5.54
N GLN H 141 -45.58 39.58 5.00
CA GLN H 141 -44.39 40.16 5.65
C GLN H 141 -44.75 41.60 6.02
N ARG H 142 -45.49 42.27 5.14
CA ARG H 142 -45.97 43.63 5.36
C ARG H 142 -47.12 43.67 6.39
N LEU H 143 -48.19 42.89 6.16
CA LEU H 143 -49.36 42.87 7.06
C LEU H 143 -49.59 41.48 7.63
N PRO H 144 -48.61 40.90 8.34
CA PRO H 144 -48.71 39.53 8.89
C PRO H 144 -49.93 39.22 9.74
N ALA H 145 -50.77 40.21 10.00
CA ALA H 145 -52.01 39.98 10.73
C ALA H 145 -52.97 39.13 9.88
N LEU H 146 -52.91 39.28 8.55
CA LEU H 146 -53.77 38.53 7.65
C LEU H 146 -53.73 37.03 7.91
N ARG H 147 -52.56 36.48 8.24
CA ARG H 147 -52.43 35.04 8.52
C ARG H 147 -53.43 34.47 9.55
N GLU H 148 -54.21 35.33 10.18
CA GLU H 148 -55.15 34.93 11.21
C GLU H 148 -56.62 35.11 10.79
N LEU H 149 -56.89 36.12 9.94
CA LEU H 149 -58.27 36.47 9.52
C LEU H 149 -58.93 35.49 8.52
N ALA H 150 -60.27 35.44 8.57
CA ALA H 150 -61.09 34.56 7.75
C ALA H 150 -62.21 35.36 7.11
N PHE H 151 -62.89 34.79 6.10
CA PHE H 151 -64.00 35.46 5.39
C PHE H 151 -65.35 35.42 6.17
N SER H 152 -66.41 36.04 5.62
CA SER H 152 -67.72 36.13 6.33
C SER H 152 -68.32 34.81 6.88
N ASP H 153 -67.89 33.69 6.33
CA ASP H 153 -68.37 32.38 6.72
C ASP H 153 -67.44 31.60 7.64
N GLY H 154 -66.26 32.15 7.92
CA GLY H 154 -65.26 31.45 8.75
C GLY H 154 -64.17 30.72 7.96
N SER H 155 -64.28 30.71 6.63
CA SER H 155 -63.27 30.08 5.77
C SER H 155 -61.99 30.92 5.84
N PRO H 156 -60.88 30.35 6.37
CA PRO H 156 -59.60 31.12 6.48
C PRO H 156 -59.03 31.75 5.20
N PHE H 157 -58.50 32.97 5.29
CA PHE H 157 -57.84 33.65 4.16
C PHE H 157 -56.69 32.76 3.73
N LEU H 158 -55.93 32.30 4.73
CA LEU H 158 -54.78 31.42 4.56
C LEU H 158 -55.05 30.08 5.30
N SER H 159 -55.26 29.02 4.50
CA SER H 159 -55.61 27.69 5.01
C SER H 159 -54.37 26.94 5.47
N PRO H 160 -54.57 25.73 6.02
CA PRO H 160 -53.40 24.92 6.38
C PRO H 160 -52.60 24.48 5.14
N GLU H 161 -53.27 24.29 4.00
CA GLU H 161 -52.62 23.86 2.77
C GLU H 161 -51.84 25.02 2.13
N CYS H 162 -52.35 26.22 2.25
CA CYS H 162 -51.70 27.37 1.66
C CYS H 162 -50.52 27.80 2.54
N SER H 163 -50.49 27.32 3.78
CA SER H 163 -49.42 27.63 4.73
C SER H 163 -48.24 26.67 4.57
N ARG H 164 -48.51 25.39 4.26
CA ARG H 164 -47.44 24.42 4.04
C ARG H 164 -46.56 24.85 2.83
N TRP H 165 -47.17 25.31 1.72
CA TRP H 165 -46.37 25.74 0.53
C TRP H 165 -45.70 27.15 0.70
N LEU H 166 -45.86 27.76 1.88
CA LEU H 166 -45.18 29.00 2.20
C LEU H 166 -44.39 28.84 3.50
N GLY H 180 -43.87 15.84 5.76
CA GLY H 180 -44.34 17.00 4.99
C GLY H 180 -44.92 16.60 3.64
N LEU H 181 -44.08 15.91 2.86
CA LEU H 181 -44.45 15.40 1.53
C LEU H 181 -45.29 14.16 1.74
N ALA H 182 -44.75 13.17 2.45
CA ALA H 182 -45.44 11.88 2.70
C ALA H 182 -46.76 12.03 3.46
N GLU H 183 -46.96 13.18 4.09
CA GLU H 183 -48.24 13.47 4.72
C GLU H 183 -49.16 13.79 3.55
N GLU H 184 -48.65 14.68 2.69
CA GLU H 184 -49.31 15.17 1.46
C GLU H 184 -49.59 14.07 0.44
N VAL H 185 -48.55 13.43 -0.03
CA VAL H 185 -48.68 12.31 -0.95
C VAL H 185 -49.68 11.30 -0.38
N ALA H 186 -49.42 10.72 0.79
CA ALA H 186 -50.35 9.74 1.40
C ALA H 186 -51.83 10.14 1.28
N GLN H 187 -52.14 11.44 1.39
CA GLN H 187 -53.51 11.91 1.22
C GLN H 187 -53.99 11.73 -0.23
N ARG H 188 -53.20 12.19 -1.20
CA ARG H 188 -53.49 12.03 -2.65
C ARG H 188 -53.63 10.55 -3.13
N HIS H 189 -52.94 9.64 -2.45
CA HIS H 189 -53.02 8.21 -2.71
C HIS H 189 -54.34 7.68 -2.14
N GLY H 190 -54.95 8.43 -1.24
CA GLY H 190 -56.25 8.08 -0.67
C GLY H 190 -57.43 8.63 -1.46
N GLU H 191 -57.33 9.86 -1.97
CA GLU H 191 -58.42 10.48 -2.76
C GLU H 191 -58.43 9.93 -4.16
N GLN H 192 -57.26 9.97 -4.82
CA GLN H 192 -57.05 9.32 -6.14
C GLN H 192 -56.22 8.04 -5.90
N GLY H 193 -55.95 7.28 -6.95
CA GLY H 193 -55.18 6.05 -6.79
C GLY H 193 -53.69 6.24 -6.75
N ILE H 194 -52.96 5.13 -6.75
CA ILE H 194 -51.49 5.16 -6.81
C ILE H 194 -51.04 5.84 -8.09
N ALA H 195 -51.89 5.76 -9.10
CA ALA H 195 -51.69 6.44 -10.34
C ALA H 195 -51.22 7.85 -10.10
N ALA H 196 -52.03 8.64 -9.40
CA ALA H 196 -51.75 10.07 -9.18
C ALA H 196 -50.71 10.41 -8.09
N ALA H 197 -50.73 9.63 -7.01
CA ALA H 197 -49.78 9.81 -5.93
C ALA H 197 -48.32 9.73 -6.47
N LEU H 198 -48.10 8.92 -7.51
CA LEU H 198 -46.78 8.85 -8.10
C LEU H 198 -46.54 10.05 -8.99
N ALA H 199 -47.60 10.60 -9.59
CA ALA H 199 -47.44 11.76 -10.45
C ALA H 199 -47.23 13.01 -9.63
N LEU H 200 -47.56 12.93 -8.34
CA LEU H 200 -47.29 14.00 -7.37
C LEU H 200 -45.83 13.88 -6.93
N LEU H 201 -45.48 12.71 -6.39
CA LEU H 201 -44.12 12.46 -5.97
C LEU H 201 -43.19 12.89 -7.09
N ASP H 202 -43.65 12.80 -8.33
CA ASP H 202 -42.92 13.28 -9.51
C ASP H 202 -42.80 14.80 -9.43
N GLU H 203 -43.93 15.50 -9.47
CA GLU H 203 -43.91 16.98 -9.52
C GLU H 203 -43.10 17.65 -8.39
N ARG H 204 -42.86 16.92 -7.29
CA ARG H 204 -42.07 17.42 -6.15
C ARG H 204 -40.57 17.07 -6.26
N ILE H 205 -40.21 15.81 -6.49
CA ILE H 205 -38.79 15.42 -6.64
C ILE H 205 -38.11 16.28 -7.72
N ALA H 206 -38.87 16.65 -8.76
CA ALA H 206 -38.33 17.47 -9.83
C ALA H 206 -37.94 18.86 -9.35
N GLN H 207 -38.53 19.29 -8.24
CA GLN H 207 -38.24 20.60 -7.68
C GLN H 207 -37.46 20.43 -6.36
N LEU H 208 -36.56 19.44 -6.32
CA LEU H 208 -35.68 19.22 -5.15
C LEU H 208 -34.27 19.29 -5.68
N LYS H 209 -33.32 19.58 -4.79
CA LYS H 209 -31.93 19.72 -5.23
C LYS H 209 -30.96 18.88 -4.43
N GLU H 210 -31.13 18.83 -3.12
CA GLU H 210 -30.20 18.10 -2.30
C GLU H 210 -30.46 16.61 -2.24
N PRO H 211 -29.39 15.80 -2.34
CA PRO H 211 -29.34 14.33 -2.15
C PRO H 211 -30.06 13.73 -0.92
N ARG H 212 -30.19 14.47 0.17
CA ARG H 212 -30.98 14.01 1.32
C ARG H 212 -32.49 13.94 1.02
N ASP H 213 -32.98 15.01 0.40
CA ASP H 213 -34.40 15.15 0.08
C ASP H 213 -34.90 14.00 -0.78
N ARG H 214 -34.10 13.66 -1.79
CA ARG H 214 -34.46 12.63 -2.72
C ARG H 214 -34.59 11.30 -2.06
N PHE H 215 -33.55 10.86 -1.38
CA PHE H 215 -33.59 9.58 -0.68
C PHE H 215 -34.85 9.51 0.22
N HIS H 216 -35.20 10.63 0.84
CA HIS H 216 -36.42 10.66 1.62
C HIS H 216 -37.65 10.47 0.71
N ALA H 217 -37.60 11.02 -0.50
CA ALA H 217 -38.72 10.89 -1.47
C ALA H 217 -38.86 9.48 -2.02
N LEU H 218 -37.78 8.88 -2.54
CA LEU H 218 -37.83 7.50 -3.03
C LEU H 218 -38.29 6.60 -1.90
N LEU H 219 -37.96 6.99 -0.67
CA LEU H 219 -38.38 6.28 0.52
C LEU H 219 -39.92 6.26 0.63
N VAL H 220 -40.57 7.30 0.11
CA VAL H 220 -42.03 7.39 0.08
C VAL H 220 -42.56 6.51 -1.05
N GLN H 221 -42.01 6.66 -2.26
CA GLN H 221 -42.40 5.79 -3.36
C GLN H 221 -42.56 4.40 -2.78
N ALA H 222 -41.50 3.95 -2.12
CA ALA H 222 -41.43 2.63 -1.46
C ALA H 222 -42.61 2.37 -0.59
N GLU H 223 -42.81 3.25 0.39
CA GLU H 223 -43.94 3.09 1.33
C GLU H 223 -45.25 3.02 0.54
N LEU H 224 -45.36 3.87 -0.47
CA LEU H 224 -46.55 3.95 -1.30
C LEU H 224 -46.89 2.63 -2.06
N LEU H 225 -45.87 1.89 -2.52
CA LEU H 225 -46.09 0.57 -3.14
C LEU H 225 -46.46 -0.33 -2.00
N ALA H 226 -45.68 -0.34 -0.92
CA ALA H 226 -46.01 -1.18 0.21
C ALA H 226 -47.50 -1.09 0.63
N GLN H 227 -48.04 0.13 0.71
CA GLN H 227 -49.46 0.36 1.12
C GLN H 227 -50.45 -0.12 0.08
N GLU H 228 -49.94 -0.30 -1.13
CA GLU H 228 -50.70 -0.75 -2.28
C GLU H 228 -50.70 -2.29 -2.34
N GLY H 229 -50.04 -2.93 -1.36
CA GLY H 229 -49.96 -4.39 -1.24
C GLY H 229 -48.84 -5.07 -2.03
N MET H 230 -48.04 -4.28 -2.75
CA MET H 230 -46.95 -4.80 -3.57
C MET H 230 -45.67 -5.03 -2.74
N GLU H 231 -45.72 -6.01 -1.84
CA GLU H 231 -44.65 -6.31 -0.86
C GLU H 231 -43.29 -6.74 -1.39
N ALA H 232 -43.25 -7.28 -2.60
CA ALA H 232 -41.96 -7.73 -3.15
C ALA H 232 -41.24 -6.61 -3.81
N LEU H 233 -41.95 -5.83 -4.59
CA LEU H 233 -41.33 -4.72 -5.29
C LEU H 233 -40.91 -3.61 -4.30
N ALA H 234 -41.59 -3.54 -3.15
CA ALA H 234 -41.24 -2.55 -2.14
C ALA H 234 -40.01 -3.06 -1.45
N ARG H 235 -40.08 -4.25 -0.86
CA ARG H 235 -38.91 -4.85 -0.19
C ARG H 235 -37.60 -4.64 -0.96
N GLN H 236 -37.68 -4.56 -2.28
CA GLN H 236 -36.53 -4.31 -3.15
C GLN H 236 -36.08 -2.88 -2.93
N HIS H 237 -36.98 -1.92 -3.13
CA HIS H 237 -36.60 -0.51 -2.90
C HIS H 237 -35.99 -0.30 -1.50
N TYR H 238 -36.46 -1.04 -0.48
CA TYR H 238 -35.88 -1.00 0.88
C TYR H 238 -34.62 -1.89 0.99
N GLN H 239 -33.81 -1.87 -0.07
CA GLN H 239 -32.58 -2.62 -0.11
C GLN H 239 -31.65 -1.70 -0.86
N HIS H 240 -31.98 -1.41 -2.10
CA HIS H 240 -31.20 -0.47 -2.91
C HIS H 240 -31.25 0.96 -2.29
N LEU H 241 -31.81 1.06 -1.07
CA LEU H 241 -31.82 2.26 -0.20
C LEU H 241 -31.16 1.95 1.15
N TRP H 242 -31.35 0.76 1.73
CA TRP H 242 -30.61 0.38 2.97
C TRP H 242 -29.15 0.21 2.64
N GLN H 243 -28.86 -0.20 1.41
CA GLN H 243 -27.49 -0.32 0.97
C GLN H 243 -27.00 1.09 0.74
N GLU H 244 -27.70 1.86 -0.09
CA GLU H 244 -27.29 3.24 -0.40
C GLU H 244 -26.98 4.10 0.83
N ALA H 245 -27.50 3.73 1.99
CA ALA H 245 -27.18 4.45 3.21
C ALA H 245 -25.78 4.06 3.68
N SER H 246 -25.58 2.81 4.10
CA SER H 246 -24.26 2.35 4.58
C SER H 246 -23.08 2.68 3.65
N ARG H 247 -23.32 2.71 2.35
CA ARG H 247 -22.34 3.13 1.32
C ARG H 247 -22.05 4.66 1.51
N LEU H 248 -23.05 5.43 1.96
CA LEU H 248 -22.89 6.86 2.30
C LEU H 248 -22.54 7.04 3.79
N GLY H 249 -22.64 5.95 4.54
CA GLY H 249 -22.29 5.91 5.95
C GLY H 249 -23.20 6.65 6.91
N LEU H 250 -24.46 6.85 6.55
CA LEU H 250 -25.45 7.50 7.44
C LEU H 250 -25.71 6.59 8.67
N SER H 251 -24.68 5.89 9.09
CA SER H 251 -24.78 4.91 10.13
C SER H 251 -24.45 5.62 11.43
N HIS H 252 -23.37 6.38 11.42
CA HIS H 252 -22.95 7.16 12.59
C HIS H 252 -23.88 8.36 12.68
N TRP H 253 -24.00 9.08 11.57
CA TRP H 253 -24.93 10.21 11.48
C TRP H 253 -26.29 9.66 11.08
N GLU H 254 -27.31 9.94 11.87
CA GLU H 254 -28.68 9.51 11.54
C GLU H 254 -28.94 8.01 11.46
N PRO H 255 -28.53 7.26 12.50
CA PRO H 255 -28.69 5.81 12.56
C PRO H 255 -30.14 5.34 12.62
N GLY H 256 -31.01 6.09 13.29
CA GLY H 256 -32.38 5.65 13.47
C GLY H 256 -33.04 5.24 12.17
N LEU H 257 -32.78 6.02 11.12
CA LEU H 257 -33.30 5.77 9.77
C LEU H 257 -32.84 4.42 9.26
N VAL H 258 -31.53 4.21 9.27
CA VAL H 258 -30.96 2.94 8.84
C VAL H 258 -31.62 1.79 9.59
N ASN H 259 -31.54 1.82 10.91
CA ASN H 259 -32.11 0.77 11.74
C ASN H 259 -33.58 0.45 11.43
N ARG H 260 -34.32 1.43 10.90
CA ARG H 260 -35.68 1.20 10.40
C ARG H 260 -35.62 0.67 8.96
N LEU H 261 -34.70 1.21 8.14
CA LEU H 261 -34.45 0.73 6.76
C LEU H 261 -33.97 -0.71 6.71
N GLU H 262 -33.41 -1.20 7.80
CA GLU H 262 -32.96 -2.58 7.92
C GLU H 262 -34.17 -3.40 8.17
N SER H 263 -34.95 -2.99 9.17
CA SER H 263 -36.21 -3.64 9.50
C SER H 263 -37.20 -3.69 8.30
N LEU H 264 -36.74 -3.31 7.10
CA LEU H 264 -37.52 -3.39 5.86
C LEU H 264 -36.59 -4.05 4.81
N ALA H 265 -36.38 -5.34 4.99
CA ALA H 265 -35.55 -6.13 4.08
C ALA H 265 -36.10 -7.56 4.05
N ALA H 266 -35.99 -8.22 5.20
CA ALA H 266 -36.47 -9.60 5.47
C ALA H 266 -35.68 -10.63 4.72
N ASP I 17 -59.97 -56.46 -9.91
CA ASP I 17 -60.87 -55.27 -9.71
C ASP I 17 -61.86 -55.10 -10.87
N VAL I 18 -63.13 -55.43 -10.61
CA VAL I 18 -64.17 -55.37 -11.65
C VAL I 18 -64.51 -53.88 -11.94
N ASP I 19 -64.98 -53.62 -13.16
CA ASP I 19 -65.37 -52.28 -13.58
C ASP I 19 -66.87 -52.16 -13.53
N SER I 20 -67.39 -51.09 -12.92
CA SER I 20 -68.82 -50.91 -12.85
C SER I 20 -69.22 -49.62 -13.60
N SER I 21 -70.54 -49.46 -13.79
CA SER I 21 -71.11 -48.20 -14.31
C SER I 21 -72.51 -47.88 -13.58
N ASN I 22 -72.55 -46.60 -13.17
CA ASN I 22 -73.50 -45.91 -12.28
C ASN I 22 -72.45 -44.91 -11.72
N ASP I 23 -72.41 -43.71 -12.27
CA ASP I 23 -71.38 -42.68 -11.94
C ASP I 23 -70.48 -42.80 -10.66
N ARG I 24 -71.06 -43.07 -9.48
CA ARG I 24 -70.26 -43.20 -8.25
C ARG I 24 -69.29 -44.35 -8.27
N ALA I 25 -69.67 -45.48 -8.85
CA ALA I 25 -68.73 -46.59 -8.92
C ALA I 25 -67.64 -46.36 -9.97
N TRP I 26 -67.97 -45.62 -11.03
CA TRP I 26 -67.04 -45.32 -12.13
C TRP I 26 -65.93 -44.40 -11.70
N ARG I 27 -66.22 -43.57 -10.71
CA ARG I 27 -65.19 -42.74 -10.15
C ARG I 27 -64.26 -43.75 -9.50
N GLN I 28 -64.73 -44.43 -8.45
CA GLN I 28 -63.93 -45.41 -7.66
C GLN I 28 -63.21 -46.42 -8.51
N THR I 29 -63.76 -46.72 -9.69
CA THR I 29 -63.08 -47.56 -10.68
C THR I 29 -61.84 -46.77 -11.15
N GLN I 30 -62.09 -45.67 -11.86
CA GLN I 30 -61.00 -44.87 -12.42
C GLN I 30 -59.90 -44.52 -11.45
N LEU I 31 -60.21 -44.50 -10.16
CA LEU I 31 -59.21 -44.22 -9.13
C LEU I 31 -58.44 -45.46 -8.70
N LYS I 32 -59.11 -46.60 -8.52
CA LYS I 32 -58.42 -47.83 -8.14
C LYS I 32 -57.57 -48.32 -9.28
N VAL I 33 -57.92 -47.91 -10.50
CA VAL I 33 -57.15 -48.22 -11.72
C VAL I 33 -55.96 -47.27 -11.79
N ALA I 34 -56.21 -46.00 -11.50
CA ALA I 34 -55.13 -45.02 -11.50
C ALA I 34 -54.10 -45.35 -10.42
N GLU I 35 -54.53 -45.76 -9.22
CA GLU I 35 -53.60 -46.14 -8.16
C GLU I 35 -52.60 -47.17 -8.65
N LEU I 36 -53.02 -48.09 -9.51
CA LEU I 36 -52.14 -49.16 -10.04
C LEU I 36 -51.31 -48.79 -11.26
N LEU I 37 -51.83 -47.95 -12.14
CA LEU I 37 -51.01 -47.51 -13.26
C LEU I 37 -49.79 -46.72 -12.76
N ILE I 38 -49.91 -46.22 -11.51
CA ILE I 38 -48.89 -45.41 -10.80
C ILE I 38 -48.01 -46.22 -9.81
N GLU I 39 -48.63 -47.06 -8.97
CA GLU I 39 -47.89 -47.89 -8.00
C GLU I 39 -46.98 -48.93 -8.69
N ARG I 40 -47.40 -49.47 -9.84
CA ARG I 40 -46.59 -50.44 -10.59
C ARG I 40 -45.52 -49.77 -11.44
N GLN I 41 -45.75 -48.52 -11.86
CA GLN I 41 -44.82 -47.77 -12.71
C GLN I 41 -44.85 -46.25 -12.47
N PRO I 42 -44.37 -45.76 -11.32
CA PRO I 42 -44.52 -44.32 -11.05
C PRO I 42 -43.90 -43.34 -12.06
N GLU I 43 -43.20 -43.80 -13.09
CA GLU I 43 -42.66 -42.84 -14.06
C GLU I 43 -43.63 -42.56 -15.19
N VAL I 44 -44.78 -43.23 -15.21
CA VAL I 44 -45.69 -43.12 -16.35
C VAL I 44 -46.71 -42.00 -16.28
N ALA I 45 -46.90 -41.33 -17.41
CA ALA I 45 -47.81 -40.21 -17.56
C ALA I 45 -49.28 -40.57 -17.33
N VAL I 46 -49.78 -41.50 -18.14
CA VAL I 46 -51.19 -41.90 -18.08
C VAL I 46 -51.76 -42.19 -16.67
N GLY I 47 -51.04 -42.92 -15.83
CA GLY I 47 -51.56 -43.22 -14.51
C GLY I 47 -52.16 -41.99 -13.83
N TYR I 48 -51.39 -40.91 -13.89
CA TYR I 48 -51.78 -39.66 -13.28
C TYR I 48 -52.92 -39.01 -14.07
N ARG I 49 -52.85 -39.02 -15.40
CA ARG I 49 -53.91 -38.41 -16.20
C ARG I 49 -55.30 -39.00 -15.89
N LEU I 50 -55.34 -40.31 -15.58
CA LEU I 50 -56.59 -41.00 -15.26
C LEU I 50 -57.14 -40.47 -13.96
N ARG I 51 -56.26 -40.26 -12.99
CA ARG I 51 -56.68 -39.71 -11.71
C ARG I 51 -57.31 -38.35 -11.92
N ARG I 52 -56.74 -37.55 -12.82
CA ARG I 52 -57.32 -36.24 -13.15
C ARG I 52 -58.72 -36.38 -13.73
N HIS I 53 -58.91 -37.23 -14.73
CA HIS I 53 -60.25 -37.42 -15.30
C HIS I 53 -61.26 -37.92 -14.27
N ALA I 54 -60.83 -38.80 -13.38
CA ALA I 54 -61.72 -39.36 -12.36
C ALA I 54 -62.25 -38.31 -11.41
N VAL I 55 -61.49 -37.23 -11.22
CA VAL I 55 -61.89 -36.18 -10.28
C VAL I 55 -62.53 -34.93 -10.87
N TRP I 56 -62.21 -34.54 -12.09
CA TRP I 56 -62.80 -33.29 -12.66
C TRP I 56 -63.83 -33.39 -13.78
N ALA I 57 -63.87 -34.51 -14.50
CA ALA I 57 -64.87 -34.61 -15.56
C ALA I 57 -66.28 -34.70 -14.96
N GLY I 58 -66.43 -35.13 -13.70
CA GLY I 58 -67.76 -35.13 -13.11
C GLY I 58 -68.38 -33.73 -13.17
N ILE I 59 -67.52 -32.78 -12.89
CA ILE I 59 -67.82 -31.37 -12.87
C ILE I 59 -68.14 -30.77 -14.24
N THR I 60 -69.43 -30.53 -14.48
CA THR I 60 -69.90 -29.98 -15.76
C THR I 60 -69.96 -28.44 -15.75
N ALA I 61 -70.04 -27.84 -14.56
CA ALA I 61 -70.12 -26.38 -14.43
C ALA I 61 -69.46 -25.84 -13.16
N VAL I 62 -68.85 -24.65 -13.27
CA VAL I 62 -68.14 -24.02 -12.15
C VAL I 62 -69.07 -23.88 -10.94
N PRO I 63 -68.53 -23.96 -9.71
CA PRO I 63 -69.43 -23.77 -8.54
C PRO I 63 -70.00 -22.37 -8.45
N MET I 64 -70.92 -22.14 -7.51
CA MET I 64 -71.55 -20.82 -7.39
C MET I 64 -70.79 -19.85 -6.47
N SER I 65 -70.88 -18.56 -6.85
CA SER I 65 -70.26 -17.45 -6.11
C SER I 65 -70.81 -16.08 -6.54
N GLY I 66 -71.01 -15.20 -5.57
CA GLY I 66 -71.53 -13.87 -5.81
C GLY I 66 -70.72 -12.78 -5.12
N ALA I 67 -70.64 -12.87 -3.79
CA ALA I 67 -69.93 -11.86 -2.96
C ALA I 67 -68.45 -11.68 -3.37
N GLY I 68 -68.22 -11.19 -4.60
CA GLY I 68 -66.87 -11.05 -5.13
C GLY I 68 -66.24 -12.41 -5.45
N ASN I 69 -66.93 -13.20 -6.26
CA ASN I 69 -66.44 -14.50 -6.68
C ASN I 69 -66.02 -15.36 -5.49
N LYS I 70 -66.77 -15.29 -4.40
CA LYS I 70 -66.51 -16.11 -3.21
C LYS I 70 -67.50 -17.28 -3.10
N THR I 71 -66.98 -18.48 -3.26
CA THR I 71 -67.77 -19.69 -3.19
C THR I 71 -67.89 -20.14 -1.74
N PRO I 72 -68.87 -20.99 -1.43
CA PRO I 72 -68.95 -21.53 -0.06
C PRO I 72 -67.74 -22.41 0.29
N LEU I 73 -67.08 -22.91 -0.73
CA LEU I 73 -65.93 -23.80 -0.62
C LEU I 73 -64.82 -23.23 0.26
N ALA I 74 -64.41 -24.01 1.25
CA ALA I 74 -63.33 -23.65 2.18
C ALA I 74 -61.98 -24.11 1.65
N PRO I 75 -60.94 -23.25 1.67
CA PRO I 75 -59.66 -23.70 1.15
C PRO I 75 -58.97 -24.69 2.09
N MET I 76 -57.82 -25.15 1.63
CA MET I 76 -56.99 -26.12 2.35
C MET I 76 -56.67 -25.70 3.79
N SER I 77 -56.53 -26.71 4.64
CA SER I 77 -56.21 -26.52 6.05
C SER I 77 -54.86 -25.77 6.15
N ALA I 78 -54.80 -24.73 6.98
CA ALA I 78 -53.60 -23.90 7.15
C ALA I 78 -52.33 -24.67 7.55
N ASP I 79 -52.47 -25.57 8.54
CA ASP I 79 -51.37 -26.41 9.04
C ASP I 79 -50.77 -27.26 7.94
N MET I 80 -51.66 -27.82 7.15
CA MET I 80 -51.34 -28.75 6.08
C MET I 80 -50.69 -28.07 4.86
N VAL I 81 -50.94 -26.77 4.65
CA VAL I 81 -50.32 -26.02 3.52
C VAL I 81 -48.84 -25.67 3.79
N ASP I 82 -48.47 -25.52 5.07
CA ASP I 82 -47.09 -25.24 5.46
C ASP I 82 -46.28 -26.53 5.35
N GLU I 83 -46.80 -27.59 5.96
CA GLU I 83 -46.20 -28.94 5.98
C GLU I 83 -45.66 -29.37 4.61
N TYR I 84 -46.48 -29.20 3.56
CA TYR I 84 -46.08 -29.56 2.19
C TYR I 84 -45.06 -28.55 1.64
N ARG I 85 -45.19 -27.29 2.02
CA ARG I 85 -44.21 -26.26 1.64
C ARG I 85 -42.84 -26.57 2.29
N ALA I 86 -42.89 -27.13 3.51
CA ALA I 86 -41.70 -27.47 4.30
C ALA I 86 -40.92 -28.72 3.87
N ALA I 87 -41.63 -29.84 3.74
CA ALA I 87 -41.01 -31.08 3.33
C ALA I 87 -40.52 -31.08 1.88
N MET I 88 -40.67 -29.96 1.15
CA MET I 88 -40.17 -29.84 -0.25
C MET I 88 -38.68 -30.16 -0.34
N ASN I 89 -37.93 -29.75 0.69
CA ASN I 89 -36.49 -29.99 0.76
C ASN I 89 -36.18 -31.48 0.99
N ALA I 90 -37.22 -32.31 1.14
CA ALA I 90 -37.12 -33.77 1.30
C ALA I 90 -38.23 -34.44 0.45
N PRO I 91 -38.10 -34.38 -0.91
CA PRO I 91 -39.12 -34.92 -1.82
C PRO I 91 -39.15 -36.44 -2.05
N ASP I 92 -39.72 -37.19 -1.10
CA ASP I 92 -39.83 -38.66 -1.22
C ASP I 92 -41.20 -39.11 -1.79
N GLN I 93 -41.32 -40.42 -2.08
CA GLN I 93 -42.56 -41.00 -2.60
C GLN I 93 -43.67 -41.02 -1.53
N GLY I 94 -43.28 -40.94 -0.26
CA GLY I 94 -44.24 -40.83 0.85
C GLY I 94 -45.00 -39.51 0.77
N LEU I 95 -44.28 -38.41 0.48
CA LEU I 95 -44.89 -37.08 0.35
C LEU I 95 -45.74 -36.99 -0.90
N TRP I 96 -45.16 -37.47 -2.00
CA TRP I 96 -45.80 -37.40 -3.31
C TRP I 96 -47.10 -38.22 -3.44
N GLN I 97 -47.37 -39.13 -2.50
CA GLN I 97 -48.66 -39.82 -2.48
C GLN I 97 -49.69 -39.00 -1.68
N ARG I 98 -49.23 -38.26 -0.66
CA ARG I 98 -50.11 -37.44 0.16
C ARG I 98 -50.49 -36.15 -0.60
N ILE I 99 -49.50 -35.45 -1.19
CA ILE I 99 -49.82 -34.25 -2.01
C ILE I 99 -50.92 -34.60 -2.99
N GLU I 100 -50.77 -35.77 -3.61
CA GLU I 100 -51.77 -36.31 -4.53
C GLU I 100 -53.09 -36.61 -3.81
N GLN I 101 -53.02 -37.47 -2.80
CA GLN I 101 -54.20 -37.82 -2.03
C GLN I 101 -55.05 -36.57 -1.71
N SER I 102 -54.43 -35.41 -1.57
CA SER I 102 -55.19 -34.20 -1.29
C SER I 102 -55.91 -33.60 -2.51
N LEU I 103 -55.21 -33.36 -3.62
CA LEU I 103 -55.84 -32.78 -4.84
C LEU I 103 -56.96 -33.64 -5.41
N THR I 104 -57.10 -34.82 -4.77
CA THR I 104 -58.09 -35.87 -5.03
C THR I 104 -59.30 -35.73 -4.12
N LEU I 105 -59.10 -35.30 -2.87
CA LEU I 105 -60.21 -35.03 -1.94
C LEU I 105 -60.59 -33.55 -1.97
N ALA I 106 -59.76 -32.72 -2.61
CA ALA I 106 -60.01 -31.27 -2.78
C ALA I 106 -59.84 -30.87 -4.24
N PRO I 107 -60.87 -31.13 -5.03
CA PRO I 107 -60.87 -30.89 -6.46
C PRO I 107 -60.24 -29.61 -6.94
N TYR I 108 -60.47 -28.54 -6.21
CA TYR I 108 -60.06 -27.22 -6.65
C TYR I 108 -58.71 -26.71 -6.17
N TRP I 109 -58.12 -27.35 -5.16
CA TRP I 109 -56.79 -26.92 -4.66
C TRP I 109 -55.67 -27.03 -5.72
N PHE I 110 -55.73 -26.15 -6.72
CA PHE I 110 -54.77 -26.16 -7.83
C PHE I 110 -53.30 -25.96 -7.43
N GLU I 111 -53.06 -25.33 -6.28
CA GLU I 111 -51.69 -25.10 -5.81
C GLU I 111 -51.04 -26.48 -5.54
N GLY I 112 -51.83 -27.46 -5.11
CA GLY I 112 -51.32 -28.83 -4.87
C GLY I 112 -50.82 -29.56 -6.10
N HIS I 113 -51.26 -29.09 -7.28
CA HIS I 113 -50.83 -29.61 -8.59
C HIS I 113 -49.49 -28.97 -9.03
N ARG I 114 -49.22 -27.74 -8.61
CA ARG I 114 -47.91 -27.16 -8.87
C ARG I 114 -46.92 -27.93 -7.99
N LEU I 115 -47.28 -28.17 -6.73
CA LEU I 115 -46.43 -28.95 -5.83
C LEU I 115 -46.23 -30.33 -6.38
N SER I 116 -47.31 -31.02 -6.68
CA SER I 116 -47.22 -32.37 -7.23
C SER I 116 -46.23 -32.45 -8.40
N ALA I 117 -46.19 -31.43 -9.26
CA ALA I 117 -45.26 -31.41 -10.39
C ALA I 117 -43.86 -30.96 -9.98
N GLU I 118 -43.77 -30.11 -8.95
CA GLU I 118 -42.49 -29.66 -8.40
C GLU I 118 -41.82 -30.89 -7.77
N VAL I 119 -42.56 -31.71 -7.00
CA VAL I 119 -42.00 -32.92 -6.38
C VAL I 119 -41.62 -33.97 -7.42
N ALA I 120 -42.42 -34.10 -8.47
CA ALA I 120 -42.12 -35.04 -9.55
C ALA I 120 -40.84 -34.61 -10.22
N GLU I 121 -40.77 -33.32 -10.53
CA GLU I 121 -39.58 -32.73 -11.13
C GLU I 121 -38.34 -33.17 -10.30
N LYS I 122 -38.30 -32.82 -9.02
CA LYS I 122 -37.16 -33.21 -8.19
C LYS I 122 -36.96 -34.72 -8.25
N LEU I 123 -38.02 -35.51 -8.15
CA LEU I 123 -37.85 -36.98 -8.21
C LEU I 123 -37.43 -37.56 -9.56
N GLY I 124 -37.37 -36.70 -10.59
CA GLY I 124 -36.85 -37.08 -11.89
C GLY I 124 -37.80 -37.60 -12.93
N PHE I 125 -39.11 -37.35 -12.75
CA PHE I 125 -40.14 -37.80 -13.69
C PHE I 125 -40.63 -36.58 -14.47
N GLY I 126 -39.81 -36.14 -15.40
CA GLY I 126 -40.04 -34.93 -16.20
C GLY I 126 -41.25 -34.94 -17.10
N ALA I 127 -41.61 -36.13 -17.59
CA ALA I 127 -42.81 -36.28 -18.41
C ALA I 127 -44.06 -36.33 -17.53
N VAL I 128 -43.90 -36.71 -16.25
CA VAL I 128 -45.02 -36.77 -15.27
C VAL I 128 -45.43 -35.36 -14.96
N ALA I 129 -44.50 -34.59 -14.45
CA ALA I 129 -44.78 -33.20 -14.16
C ALA I 129 -45.28 -32.44 -15.40
N GLN I 130 -44.74 -32.78 -16.57
CA GLN I 130 -45.19 -32.16 -17.81
C GLN I 130 -46.70 -32.41 -18.01
N ALA I 131 -47.12 -33.67 -17.90
CA ALA I 131 -48.55 -34.00 -18.09
C ALA I 131 -49.43 -33.39 -16.99
N ILE I 132 -49.00 -33.46 -15.73
CA ILE I 132 -49.79 -32.91 -14.64
C ILE I 132 -50.24 -31.50 -14.97
N ALA I 133 -49.34 -30.74 -15.59
CA ALA I 133 -49.61 -29.38 -16.01
C ALA I 133 -50.42 -29.26 -17.32
N GLU I 134 -50.64 -30.35 -18.02
CA GLU I 134 -51.46 -30.31 -19.24
C GLU I 134 -52.90 -30.67 -18.92
N GLU I 135 -53.09 -31.57 -17.95
CA GLU I 135 -54.43 -31.97 -17.55
C GLU I 135 -55.12 -30.75 -16.91
N LEU I 136 -54.44 -30.14 -15.95
CA LEU I 136 -54.95 -28.92 -15.33
C LEU I 136 -54.99 -27.81 -16.39
N GLY I 137 -54.06 -27.88 -17.32
CA GLY I 137 -54.07 -26.93 -18.40
C GLY I 137 -55.40 -26.91 -19.12
N THR I 138 -55.91 -28.09 -19.50
CA THR I 138 -57.18 -28.20 -20.24
C THR I 138 -58.43 -28.05 -19.40
N PHE I 139 -58.39 -28.63 -18.21
CA PHE I 139 -59.49 -28.55 -17.25
C PHE I 139 -59.94 -27.05 -17.08
N LEU I 140 -58.97 -26.15 -17.21
CA LEU I 140 -59.21 -24.70 -17.18
C LEU I 140 -59.73 -24.15 -18.54
N GLN I 141 -59.43 -24.83 -19.63
CA GLN I 141 -59.90 -24.39 -20.94
C GLN I 141 -61.34 -24.78 -21.12
N ARG I 142 -61.84 -25.66 -20.25
CA ARG I 142 -63.24 -26.11 -20.32
C ARG I 142 -64.13 -25.34 -19.31
N LEU I 143 -63.50 -24.85 -18.22
CA LEU I 143 -64.18 -24.11 -17.15
C LEU I 143 -63.36 -22.89 -16.70
N PRO I 144 -63.08 -21.96 -17.66
CA PRO I 144 -62.27 -20.74 -17.45
C PRO I 144 -62.61 -19.95 -16.20
N ALA I 145 -63.90 -19.80 -15.93
CA ALA I 145 -64.30 -19.10 -14.73
C ALA I 145 -63.47 -19.60 -13.56
N LEU I 146 -63.10 -20.90 -13.54
CA LEU I 146 -62.26 -21.44 -12.46
C LEU I 146 -61.00 -20.64 -12.10
N ARG I 147 -60.54 -19.77 -13.02
CA ARG I 147 -59.38 -18.88 -12.74
C ARG I 147 -59.79 -17.72 -11.81
N GLU I 148 -60.85 -17.02 -12.21
CA GLU I 148 -61.38 -15.88 -11.46
C GLU I 148 -62.09 -16.21 -10.15
N LEU I 149 -62.46 -17.47 -9.91
CA LEU I 149 -63.13 -17.86 -8.66
C LEU I 149 -62.20 -17.86 -7.48
N ALA I 150 -62.79 -17.84 -6.29
CA ALA I 150 -62.04 -17.90 -5.03
C ALA I 150 -62.76 -18.77 -3.99
N PHE I 151 -62.08 -19.15 -2.91
CA PHE I 151 -62.69 -19.99 -1.84
C PHE I 151 -63.57 -19.10 -0.93
N SER I 152 -63.98 -19.62 0.24
CA SER I 152 -64.78 -18.83 1.21
C SER I 152 -64.02 -17.58 1.62
N ASP I 153 -62.79 -17.81 2.07
CA ASP I 153 -61.88 -16.77 2.57
C ASP I 153 -61.13 -15.94 1.47
N GLY I 154 -61.80 -15.61 0.37
CA GLY I 154 -61.20 -14.81 -0.70
C GLY I 154 -59.91 -15.31 -1.34
N SER I 155 -59.38 -16.45 -0.90
CA SER I 155 -58.16 -17.02 -1.49
C SER I 155 -58.52 -17.58 -2.85
N PRO I 156 -57.67 -17.37 -3.88
CA PRO I 156 -58.01 -17.80 -5.22
C PRO I 156 -57.72 -19.25 -5.49
N PHE I 157 -58.47 -19.84 -6.40
CA PHE I 157 -58.22 -21.20 -6.81
C PHE I 157 -56.87 -21.18 -7.51
N LEU I 158 -56.74 -20.24 -8.45
CA LEU I 158 -55.55 -20.10 -9.29
C LEU I 158 -54.65 -18.94 -8.85
N SER I 159 -53.56 -19.23 -8.13
CA SER I 159 -52.65 -18.16 -7.67
C SER I 159 -51.83 -17.72 -8.85
N PRO I 160 -51.42 -16.46 -8.88
CA PRO I 160 -50.61 -16.00 -10.01
C PRO I 160 -49.31 -16.79 -10.09
N GLU I 161 -48.83 -17.28 -8.93
CA GLU I 161 -47.66 -18.11 -8.87
C GLU I 161 -47.96 -19.39 -9.63
N CYS I 162 -49.10 -19.97 -9.28
CA CYS I 162 -49.57 -21.22 -9.86
C CYS I 162 -49.92 -21.06 -11.34
N SER I 163 -50.32 -19.85 -11.74
CA SER I 163 -50.68 -19.58 -13.12
C SER I 163 -49.46 -19.47 -14.03
N ARG I 164 -48.42 -18.78 -13.60
CA ARG I 164 -47.22 -18.65 -14.45
C ARG I 164 -46.78 -20.09 -14.83
N TRP I 165 -46.83 -20.96 -13.81
CA TRP I 165 -46.55 -22.40 -13.96
C TRP I 165 -47.24 -23.05 -15.17
N LEU I 166 -48.17 -22.35 -15.86
CA LEU I 166 -48.88 -22.91 -17.03
C LEU I 166 -48.92 -21.98 -18.27
N GLY I 180 -37.92 -9.49 -23.12
CA GLY I 180 -38.83 -10.55 -22.69
C GLY I 180 -39.79 -10.16 -21.58
N LEU I 181 -39.29 -9.38 -20.60
CA LEU I 181 -40.09 -8.87 -19.46
C LEU I 181 -40.48 -7.41 -19.65
N ALA I 182 -39.58 -6.61 -20.17
CA ALA I 182 -39.92 -5.22 -20.48
C ALA I 182 -41.02 -5.20 -21.51
N GLU I 183 -40.82 -5.99 -22.56
CA GLU I 183 -41.78 -6.17 -23.65
C GLU I 183 -43.18 -6.43 -23.07
N GLU I 184 -43.24 -7.33 -22.08
CA GLU I 184 -44.49 -7.78 -21.39
C GLU I 184 -45.16 -6.82 -20.46
N VAL I 185 -44.37 -5.99 -19.81
CA VAL I 185 -44.89 -4.99 -18.91
C VAL I 185 -45.41 -3.81 -19.70
N ALA I 186 -44.76 -3.40 -20.78
CA ALA I 186 -45.33 -2.32 -21.60
C ALA I 186 -46.67 -2.79 -22.18
N GLN I 187 -46.79 -4.11 -22.40
CA GLN I 187 -48.06 -4.74 -22.80
C GLN I 187 -49.12 -4.36 -21.73
N ARG I 188 -48.99 -4.99 -20.55
CA ARG I 188 -49.91 -4.84 -19.42
C ARG I 188 -50.19 -3.37 -19.15
N HIS I 189 -49.16 -2.56 -19.11
CA HIS I 189 -49.31 -1.10 -18.95
C HIS I 189 -50.28 -0.55 -20.00
N GLY I 190 -50.10 -0.96 -21.26
CA GLY I 190 -50.97 -0.50 -22.32
C GLY I 190 -52.40 -1.02 -22.23
N GLU I 191 -52.55 -2.32 -21.92
CA GLU I 191 -53.88 -2.98 -21.84
C GLU I 191 -54.60 -2.61 -20.54
N GLN I 192 -54.24 -3.24 -19.41
CA GLN I 192 -54.75 -2.75 -18.14
C GLN I 192 -54.13 -1.33 -17.95
N GLY I 193 -53.77 -0.94 -16.71
CA GLY I 193 -53.13 0.37 -16.52
C GLY I 193 -51.79 0.33 -15.81
N ILE I 194 -51.21 1.50 -15.61
CA ILE I 194 -49.99 1.59 -14.86
C ILE I 194 -50.12 0.89 -13.50
N ALA I 195 -51.31 0.93 -12.94
CA ALA I 195 -51.57 0.23 -11.70
C ALA I 195 -51.20 -1.21 -11.83
N ALA I 196 -51.76 -1.81 -12.88
CA ALA I 196 -51.63 -3.24 -13.15
C ALA I 196 -50.34 -3.67 -13.76
N ALA I 197 -49.54 -2.73 -14.24
CA ALA I 197 -48.22 -3.06 -14.76
C ALA I 197 -47.36 -3.39 -13.53
N LEU I 198 -47.36 -2.44 -12.58
CA LEU I 198 -46.65 -2.56 -11.31
C LEU I 198 -47.09 -3.81 -10.56
N ALA I 199 -48.34 -4.16 -10.71
CA ALA I 199 -48.85 -5.33 -10.05
C ALA I 199 -48.04 -6.54 -10.44
N LEU I 200 -47.92 -6.69 -11.76
CA LEU I 200 -47.20 -7.80 -12.42
C LEU I 200 -45.75 -7.81 -11.99
N LEU I 201 -45.11 -6.67 -12.31
CA LEU I 201 -43.74 -6.44 -12.02
C LEU I 201 -43.42 -6.82 -10.59
N ASP I 202 -44.45 -6.90 -9.74
CA ASP I 202 -44.26 -7.33 -8.38
C ASP I 202 -44.07 -8.84 -8.34
N GLU I 203 -45.14 -9.58 -8.56
CA GLU I 203 -45.05 -11.04 -8.47
C GLU I 203 -43.95 -11.64 -9.36
N ARG I 204 -43.49 -10.88 -10.37
CA ARG I 204 -42.33 -11.32 -11.16
C ARG I 204 -41.12 -11.34 -10.25
N ILE I 205 -40.74 -10.15 -9.81
CA ILE I 205 -39.61 -10.01 -8.91
C ILE I 205 -39.65 -10.97 -7.76
N ALA I 206 -40.82 -11.19 -7.18
CA ALA I 206 -40.96 -12.15 -6.08
C ALA I 206 -40.17 -13.44 -6.38
N GLN I 207 -40.18 -13.86 -7.64
CA GLN I 207 -39.47 -15.07 -8.00
C GLN I 207 -38.32 -14.86 -9.01
N LEU I 208 -37.65 -13.72 -8.93
CA LEU I 208 -36.44 -13.49 -9.71
C LEU I 208 -35.35 -13.36 -8.68
N LYS I 209 -34.52 -14.39 -8.55
CA LYS I 209 -33.49 -14.41 -7.52
C LYS I 209 -32.12 -13.91 -7.94
N GLU I 210 -31.78 -13.97 -9.23
CA GLU I 210 -30.46 -13.48 -9.67
C GLU I 210 -30.41 -11.96 -9.79
N PRO I 211 -29.46 -11.33 -9.09
CA PRO I 211 -29.33 -9.88 -9.07
C PRO I 211 -29.37 -9.16 -10.43
N ARG I 212 -28.90 -9.79 -11.48
CA ARG I 212 -28.94 -9.15 -12.78
C ARG I 212 -30.38 -9.06 -13.33
N ASP I 213 -31.18 -10.05 -12.92
CA ASP I 213 -32.57 -10.11 -13.33
C ASP I 213 -33.24 -8.97 -12.56
N ARG I 214 -33.22 -9.09 -11.23
CA ARG I 214 -33.79 -8.12 -10.33
C ARG I 214 -33.49 -6.75 -10.83
N PHE I 215 -32.22 -6.51 -11.13
CA PHE I 215 -31.77 -5.20 -11.60
C PHE I 215 -32.54 -4.77 -12.86
N HIS I 216 -32.76 -5.67 -13.81
CA HIS I 216 -33.54 -5.29 -15.01
C HIS I 216 -34.95 -4.82 -14.68
N ALA I 217 -35.61 -5.53 -13.78
CA ALA I 217 -36.95 -5.18 -13.37
C ALA I 217 -37.02 -3.73 -12.91
N LEU I 218 -36.00 -3.28 -12.21
CA LEU I 218 -35.99 -1.92 -11.72
C LEU I 218 -35.87 -1.01 -12.93
N LEU I 219 -34.97 -1.36 -13.84
CA LEU I 219 -34.80 -0.59 -15.07
C LEU I 219 -36.13 -0.47 -15.81
N VAL I 220 -36.93 -1.53 -15.77
CA VAL I 220 -38.27 -1.52 -16.38
C VAL I 220 -39.15 -0.53 -15.63
N GLN I 221 -39.32 -0.79 -14.33
CA GLN I 221 -40.10 0.07 -13.48
C GLN I 221 -39.81 1.52 -13.82
N ALA I 222 -38.54 1.84 -14.00
CA ALA I 222 -38.13 3.17 -14.40
C ALA I 222 -38.81 3.59 -15.72
N GLU I 223 -38.55 2.81 -16.75
CA GLU I 223 -39.09 3.07 -18.08
C GLU I 223 -40.59 3.19 -17.97
N LEU I 224 -41.20 2.27 -17.23
CA LEU I 224 -42.65 2.23 -17.04
C LEU I 224 -43.09 3.59 -16.52
N LEU I 225 -42.46 4.00 -15.42
CA LEU I 225 -42.75 5.28 -14.78
C LEU I 225 -42.74 6.38 -15.79
N ALA I 226 -41.68 6.41 -16.61
CA ALA I 226 -41.51 7.44 -17.64
C ALA I 226 -42.50 7.29 -18.78
N GLN I 227 -42.79 6.04 -19.17
CA GLN I 227 -43.76 5.78 -20.23
C GLN I 227 -45.08 6.44 -19.86
N GLU I 228 -45.35 6.54 -18.55
CA GLU I 228 -46.56 7.21 -18.03
C GLU I 228 -46.46 8.74 -18.28
N GLY I 229 -45.30 9.30 -17.92
CA GLY I 229 -44.97 10.76 -18.03
C GLY I 229 -44.30 11.37 -16.78
N MET I 230 -43.78 10.50 -15.90
CA MET I 230 -43.19 10.89 -14.64
C MET I 230 -41.67 10.95 -14.75
N GLU I 231 -41.22 11.79 -15.68
CA GLU I 231 -39.79 12.00 -15.99
C GLU I 231 -38.84 11.86 -14.81
N ALA I 232 -39.10 12.66 -13.79
CA ALA I 232 -38.25 12.77 -12.62
C ALA I 232 -38.06 11.52 -11.79
N LEU I 233 -39.14 10.93 -11.29
CA LEU I 233 -38.99 9.78 -10.44
C LEU I 233 -38.24 8.66 -11.22
N ALA I 234 -38.29 8.76 -12.55
CA ALA I 234 -37.55 7.84 -13.42
C ALA I 234 -36.07 8.21 -13.41
N ARG I 235 -35.76 9.42 -13.93
CA ARG I 235 -34.38 9.90 -13.95
C ARG I 235 -33.73 9.66 -12.62
N GLN I 236 -34.46 9.90 -11.52
CA GLN I 236 -33.92 9.64 -10.19
C GLN I 236 -33.67 8.13 -9.99
N HIS I 237 -34.38 7.29 -10.75
CA HIS I 237 -34.17 5.83 -10.73
C HIS I 237 -33.06 5.39 -11.69
N TYR I 238 -32.95 6.03 -12.86
CA TYR I 238 -31.84 5.76 -13.78
C TYR I 238 -30.49 6.07 -13.08
N GLN I 239 -30.38 7.31 -12.60
CA GLN I 239 -29.22 7.77 -11.85
C GLN I 239 -28.80 6.67 -10.90
N HIS I 240 -29.69 6.27 -10.00
CA HIS I 240 -29.37 5.21 -9.05
C HIS I 240 -28.86 3.92 -9.68
N LEU I 241 -29.30 3.64 -10.90
CA LEU I 241 -28.82 2.45 -11.60
C LEU I 241 -27.40 2.70 -12.14
N TRP I 242 -27.24 3.75 -12.96
CA TRP I 242 -25.95 4.13 -13.57
C TRP I 242 -24.76 4.10 -12.60
N GLN I 243 -25.02 4.33 -11.32
CA GLN I 243 -23.99 4.24 -10.30
C GLN I 243 -23.90 2.80 -9.79
N GLU I 244 -25.03 2.21 -9.41
CA GLU I 244 -25.03 0.81 -9.00
C GLU I 244 -24.39 -0.06 -10.10
N ALA I 245 -24.44 0.39 -11.35
CA ALA I 245 -23.81 -0.36 -12.42
C ALA I 245 -22.34 -0.17 -12.26
N SER I 246 -21.93 1.09 -12.24
CA SER I 246 -20.52 1.44 -12.07
C SER I 246 -19.96 0.70 -10.86
N ARG I 247 -20.51 0.95 -9.68
CA ARG I 247 -20.12 0.27 -8.44
C ARG I 247 -19.74 -1.23 -8.64
N LEU I 248 -20.46 -1.93 -9.51
CA LEU I 248 -20.23 -3.38 -9.76
C LEU I 248 -19.27 -3.71 -10.93
N GLY I 249 -18.92 -2.71 -11.73
CA GLY I 249 -17.96 -2.86 -12.85
C GLY I 249 -18.50 -3.32 -14.19
N LEU I 250 -19.70 -2.85 -14.54
CA LEU I 250 -20.35 -3.32 -15.75
C LEU I 250 -19.93 -2.69 -17.08
N SER I 251 -18.94 -1.79 -17.07
CA SER I 251 -18.41 -1.34 -18.36
C SER I 251 -17.48 -2.46 -18.80
N HIS I 252 -16.79 -3.06 -17.84
CA HIS I 252 -15.87 -4.17 -18.11
C HIS I 252 -16.69 -5.48 -18.15
N TRP I 253 -17.83 -5.44 -18.85
CA TRP I 253 -18.79 -6.56 -19.03
C TRP I 253 -20.17 -5.98 -19.32
N GLU I 254 -20.62 -6.02 -20.57
CA GLU I 254 -21.94 -5.49 -20.88
C GLU I 254 -22.02 -3.96 -20.70
N PRO I 255 -21.21 -3.19 -21.46
CA PRO I 255 -21.12 -1.74 -21.39
C PRO I 255 -22.20 -0.96 -22.12
N GLY I 256 -23.03 -1.64 -22.91
CA GLY I 256 -24.13 -0.97 -23.61
C GLY I 256 -25.23 -0.58 -22.64
N LEU I 257 -25.53 -1.51 -21.71
CA LEU I 257 -26.47 -1.25 -20.64
C LEU I 257 -26.02 0.02 -19.94
N VAL I 258 -24.77 0.03 -19.50
CA VAL I 258 -24.17 1.16 -18.77
C VAL I 258 -24.15 2.49 -19.55
N ASN I 259 -23.98 2.46 -20.87
CA ASN I 259 -23.99 3.72 -21.63
C ASN I 259 -25.39 4.32 -21.78
N ARG I 260 -26.44 3.51 -21.87
CA ARG I 260 -27.78 4.09 -21.98
C ARG I 260 -28.10 4.73 -20.64
N LEU I 261 -27.95 3.96 -19.56
CA LEU I 261 -28.22 4.48 -18.22
C LEU I 261 -27.66 5.86 -18.02
N GLU I 262 -26.53 6.13 -18.65
CA GLU I 262 -25.88 7.43 -18.57
C GLU I 262 -26.62 8.49 -19.40
N SER I 263 -26.92 8.17 -20.67
CA SER I 263 -27.62 9.11 -21.55
C SER I 263 -29.06 9.27 -21.07
N LEU I 264 -29.52 8.31 -20.27
CA LEU I 264 -30.87 8.38 -19.68
C LEU I 264 -30.83 9.28 -18.45
N ALA I 265 -29.97 8.94 -17.49
CA ALA I 265 -29.82 9.70 -16.25
C ALA I 265 -29.20 11.12 -16.37
N ALA I 266 -29.37 11.79 -17.52
CA ALA I 266 -28.83 13.14 -17.72
C ALA I 266 -29.45 13.79 -18.95
N SER J 20 -47.09 -61.79 -17.10
CA SER J 20 -47.49 -62.48 -18.37
C SER J 20 -48.72 -63.40 -18.08
N SER J 21 -48.71 -64.01 -16.90
CA SER J 21 -49.77 -64.91 -16.40
C SER J 21 -50.99 -64.09 -15.86
N ASN J 22 -50.68 -63.10 -15.01
CA ASN J 22 -51.66 -62.19 -14.42
C ASN J 22 -51.65 -60.83 -15.14
N ASP J 23 -50.68 -60.63 -16.05
CA ASP J 23 -50.56 -59.37 -16.83
C ASP J 23 -51.27 -59.44 -18.16
N ARG J 24 -52.32 -60.25 -18.23
CA ARG J 24 -53.20 -60.34 -19.38
C ARG J 24 -54.40 -59.50 -18.96
N ALA J 25 -55.02 -59.91 -17.85
CA ALA J 25 -56.18 -59.22 -17.27
C ALA J 25 -55.86 -57.74 -17.14
N TRP J 26 -54.66 -57.45 -16.65
CA TRP J 26 -54.23 -56.08 -16.44
C TRP J 26 -54.10 -55.28 -17.74
N ARG J 27 -53.91 -55.98 -18.86
CA ARG J 27 -53.89 -55.38 -20.19
C ARG J 27 -55.34 -55.35 -20.72
N GLN J 28 -56.12 -56.36 -20.33
CA GLN J 28 -57.54 -56.42 -20.69
C GLN J 28 -58.24 -55.27 -19.97
N THR J 29 -58.09 -55.24 -18.64
CA THR J 29 -58.68 -54.22 -17.78
C THR J 29 -58.50 -52.87 -18.42
N GLN J 30 -57.25 -52.50 -18.60
CA GLN J 30 -56.94 -51.20 -19.17
C GLN J 30 -57.79 -50.95 -20.42
N LEU J 31 -58.00 -51.98 -21.23
CA LEU J 31 -58.75 -51.78 -22.45
C LEU J 31 -60.18 -51.38 -22.22
N LYS J 32 -60.98 -52.22 -21.54
CA LYS J 32 -62.38 -51.84 -21.24
C LYS J 32 -62.42 -50.41 -20.67
N VAL J 33 -61.64 -50.20 -19.61
CA VAL J 33 -61.60 -48.91 -18.95
C VAL J 33 -61.37 -47.79 -19.95
N ALA J 34 -60.65 -48.07 -21.03
CA ALA J 34 -60.47 -47.07 -22.09
C ALA J 34 -61.71 -47.10 -22.98
N GLU J 35 -62.19 -48.31 -23.29
CA GLU J 35 -63.39 -48.47 -24.11
C GLU J 35 -64.55 -47.64 -23.51
N LEU J 36 -64.86 -47.89 -22.22
CA LEU J 36 -65.92 -47.18 -21.50
C LEU J 36 -65.62 -45.68 -21.49
N LEU J 37 -64.35 -45.32 -21.28
CA LEU J 37 -63.92 -43.91 -21.31
C LEU J 37 -64.12 -43.22 -22.65
N ILE J 38 -64.13 -44.00 -23.72
CA ILE J 38 -64.27 -43.46 -25.06
C ILE J 38 -65.74 -43.45 -25.47
N GLU J 39 -66.47 -44.47 -25.04
CA GLU J 39 -67.90 -44.56 -25.31
C GLU J 39 -68.52 -43.37 -24.59
N ARG J 40 -68.24 -43.27 -23.28
CA ARG J 40 -68.71 -42.16 -22.47
C ARG J 40 -68.32 -40.83 -23.09
N GLN J 41 -67.07 -40.68 -23.51
CA GLN J 41 -66.61 -39.40 -24.07
C GLN J 41 -65.60 -39.54 -25.21
N PRO J 42 -66.08 -39.62 -26.47
CA PRO J 42 -65.16 -39.72 -27.60
C PRO J 42 -64.31 -38.47 -27.88
N GLU J 43 -64.67 -37.35 -27.24
CA GLU J 43 -63.91 -36.09 -27.39
C GLU J 43 -62.74 -36.00 -26.40
N VAL J 44 -62.87 -36.74 -25.31
CA VAL J 44 -61.89 -36.79 -24.25
C VAL J 44 -60.82 -37.83 -24.56
N ALA J 45 -59.56 -37.40 -24.58
CA ALA J 45 -58.45 -38.28 -24.95
C ALA J 45 -57.99 -39.25 -23.87
N VAL J 46 -58.02 -38.89 -22.60
CA VAL J 46 -57.54 -39.81 -21.53
C VAL J 46 -57.89 -41.32 -21.72
N GLY J 47 -58.98 -41.62 -22.42
CA GLY J 47 -59.36 -43.02 -22.70
C GLY J 47 -58.49 -43.62 -23.79
N TYR J 48 -58.41 -42.89 -24.90
CA TYR J 48 -57.57 -43.25 -26.03
C TYR J 48 -56.16 -43.49 -25.47
N ARG J 49 -55.67 -42.55 -24.63
CA ARG J 49 -54.32 -42.64 -24.03
C ARG J 49 -54.10 -43.89 -23.14
N LEU J 50 -55.15 -44.38 -22.51
CA LEU J 50 -55.02 -45.57 -21.69
C LEU J 50 -54.97 -46.82 -22.54
N ARG J 51 -55.56 -46.76 -23.73
CA ARG J 51 -55.52 -47.91 -24.65
C ARG J 51 -54.06 -48.23 -24.98
N ARG J 52 -53.36 -47.22 -25.52
CA ARG J 52 -51.96 -47.38 -25.87
C ARG J 52 -51.13 -47.98 -24.74
N HIS J 53 -51.34 -47.57 -23.50
CA HIS J 53 -50.54 -48.14 -22.41
C HIS J 53 -50.83 -49.64 -22.27
N ALA J 54 -52.00 -50.09 -22.71
CA ALA J 54 -52.31 -51.50 -22.61
C ALA J 54 -51.63 -52.31 -23.71
N VAL J 55 -51.41 -51.67 -24.85
CA VAL J 55 -50.76 -52.30 -25.99
C VAL J 55 -49.22 -52.20 -25.84
N TRP J 56 -48.72 -50.98 -25.69
CA TRP J 56 -47.29 -50.70 -25.73
C TRP J 56 -46.41 -50.79 -24.50
N ALA J 57 -46.97 -50.80 -23.30
CA ALA J 57 -46.10 -50.89 -22.11
C ALA J 57 -45.62 -52.30 -21.85
N GLY J 58 -46.21 -53.27 -22.53
CA GLY J 58 -45.75 -54.65 -22.43
C GLY J 58 -44.37 -54.73 -23.05
N ILE J 59 -44.25 -54.15 -24.24
CA ILE J 59 -43.03 -54.14 -25.07
C ILE J 59 -41.84 -53.41 -24.45
N THR J 60 -40.88 -54.18 -23.92
CA THR J 60 -39.67 -53.64 -23.27
C THR J 60 -38.52 -53.30 -24.25
N ALA J 61 -38.29 -54.14 -25.25
CA ALA J 61 -37.25 -53.91 -26.27
C ALA J 61 -37.77 -54.37 -27.65
N VAL J 62 -37.36 -53.65 -28.70
CA VAL J 62 -37.81 -53.87 -30.10
C VAL J 62 -37.92 -55.31 -30.58
N PRO J 63 -38.41 -55.52 -31.82
CA PRO J 63 -38.40 -56.87 -32.40
C PRO J 63 -37.08 -57.17 -33.14
N MET J 64 -36.56 -58.38 -32.97
CA MET J 64 -35.34 -58.82 -33.65
C MET J 64 -35.59 -58.84 -35.17
N SER J 65 -34.62 -58.31 -35.93
CA SER J 65 -34.75 -58.20 -37.41
C SER J 65 -33.51 -58.66 -38.18
N GLY J 66 -33.61 -59.82 -38.80
CA GLY J 66 -32.49 -60.38 -39.57
C GLY J 66 -32.10 -59.59 -40.81
N ALA J 67 -32.09 -60.29 -41.95
CA ALA J 67 -31.68 -59.74 -43.26
C ALA J 67 -32.16 -58.32 -43.65
N GLY J 68 -31.34 -57.33 -43.33
CA GLY J 68 -31.58 -55.92 -43.68
C GLY J 68 -32.75 -55.26 -42.99
N ASN J 69 -32.81 -55.39 -41.66
CA ASN J 69 -33.89 -54.79 -40.85
C ASN J 69 -35.29 -55.18 -41.30
N LYS J 70 -35.61 -56.47 -41.17
CA LYS J 70 -36.97 -56.96 -41.44
C LYS J 70 -37.37 -57.86 -40.29
N THR J 71 -38.42 -57.45 -39.58
CA THR J 71 -38.93 -58.22 -38.47
C THR J 71 -39.81 -59.34 -39.05
N PRO J 72 -39.90 -60.47 -38.31
CA PRO J 72 -40.75 -61.60 -38.75
C PRO J 72 -42.27 -61.27 -38.74
N LEU J 73 -42.63 -60.17 -38.05
CA LEU J 73 -44.01 -59.72 -37.83
C LEU J 73 -44.83 -59.46 -39.09
N ALA J 74 -46.01 -60.06 -39.14
CA ALA J 74 -46.93 -59.93 -40.27
C ALA J 74 -47.52 -58.52 -40.34
N PRO J 75 -47.46 -57.88 -41.53
CA PRO J 75 -48.01 -56.53 -41.73
C PRO J 75 -49.52 -56.56 -41.85
N MET J 76 -50.13 -55.38 -41.86
CA MET J 76 -51.59 -55.28 -41.98
C MET J 76 -52.08 -55.63 -43.38
N SER J 77 -52.94 -56.64 -43.40
CA SER J 77 -53.58 -57.16 -44.60
C SER J 77 -53.87 -55.98 -45.54
N ALA J 78 -53.25 -55.98 -46.72
CA ALA J 78 -53.41 -54.89 -47.69
C ALA J 78 -54.85 -54.56 -48.05
N ASP J 79 -55.73 -55.56 -48.09
CA ASP J 79 -57.15 -55.34 -48.42
C ASP J 79 -57.94 -54.65 -47.28
N MET J 80 -57.57 -54.97 -46.05
CA MET J 80 -58.21 -54.38 -44.86
C MET J 80 -57.80 -52.90 -44.73
N VAL J 81 -56.57 -52.56 -45.16
CA VAL J 81 -56.04 -51.16 -45.14
C VAL J 81 -56.53 -50.38 -46.37
N ASP J 82 -56.93 -51.10 -47.42
CA ASP J 82 -57.51 -50.48 -48.60
C ASP J 82 -58.88 -49.94 -48.20
N GLU J 83 -59.61 -50.67 -47.36
CA GLU J 83 -60.92 -50.21 -46.88
C GLU J 83 -60.78 -48.85 -46.21
N TYR J 84 -59.90 -48.80 -45.21
CA TYR J 84 -59.71 -47.61 -44.39
C TYR J 84 -59.35 -46.36 -45.18
N ARG J 85 -58.56 -46.48 -46.24
CA ARG J 85 -58.23 -45.32 -47.10
C ARG J 85 -59.41 -44.99 -48.04
N ALA J 86 -60.23 -45.98 -48.36
CA ALA J 86 -61.40 -45.77 -49.23
C ALA J 86 -62.45 -44.93 -48.52
N ALA J 87 -62.86 -45.38 -47.34
CA ALA J 87 -63.88 -44.69 -46.55
C ALA J 87 -63.47 -43.29 -46.08
N MET J 88 -62.18 -43.05 -45.86
CA MET J 88 -61.64 -41.75 -45.38
C MET J 88 -62.26 -40.45 -45.93
N ASN J 89 -62.62 -40.43 -47.22
CA ASN J 89 -63.24 -39.24 -47.80
C ASN J 89 -64.65 -38.99 -47.25
N ALA J 90 -65.29 -40.03 -46.71
CA ALA J 90 -66.63 -39.96 -46.07
C ALA J 90 -66.65 -40.87 -44.83
N PRO J 91 -66.22 -40.32 -43.65
CA PRO J 91 -66.07 -41.06 -42.38
C PRO J 91 -67.05 -40.82 -41.23
N ASP J 92 -67.14 -41.82 -40.36
CA ASP J 92 -68.02 -41.74 -39.20
C ASP J 92 -67.42 -42.44 -37.98
N GLN J 93 -68.10 -42.31 -36.85
CA GLN J 93 -67.74 -42.94 -35.55
C GLN J 93 -67.59 -44.47 -35.63
N GLY J 94 -68.25 -45.10 -36.59
CA GLY J 94 -68.07 -46.52 -36.78
C GLY J 94 -66.64 -46.76 -37.24
N LEU J 95 -66.33 -46.26 -38.43
CA LEU J 95 -65.01 -46.42 -39.06
C LEU J 95 -63.86 -46.31 -38.09
N TRP J 96 -63.84 -45.20 -37.37
CA TRP J 96 -62.78 -44.87 -36.42
C TRP J 96 -62.58 -45.95 -35.37
N GLN J 97 -63.64 -46.64 -34.97
CA GLN J 97 -63.53 -47.71 -33.97
C GLN J 97 -62.90 -48.97 -34.54
N ARG J 98 -63.24 -49.30 -35.77
CA ARG J 98 -62.66 -50.48 -36.39
C ARG J 98 -61.17 -50.21 -36.60
N ILE J 99 -60.83 -49.00 -37.02
CA ILE J 99 -59.43 -48.64 -37.18
C ILE J 99 -58.78 -48.80 -35.82
N GLU J 100 -59.33 -48.11 -34.84
CA GLU J 100 -58.81 -48.14 -33.47
C GLU J 100 -58.78 -49.54 -32.86
N GLN J 101 -59.68 -50.41 -33.30
CA GLN J 101 -59.65 -51.78 -32.86
C GLN J 101 -58.42 -52.44 -33.46
N SER J 102 -58.24 -52.29 -34.78
CA SER J 102 -57.13 -52.91 -35.51
C SER J 102 -55.78 -52.63 -34.88
N LEU J 103 -55.58 -51.39 -34.43
CA LEU J 103 -54.29 -50.99 -33.88
C LEU J 103 -54.01 -51.43 -32.43
N THR J 104 -54.87 -52.30 -31.91
CA THR J 104 -54.67 -52.96 -30.62
C THR J 104 -54.12 -54.35 -30.86
N LEU J 105 -54.37 -54.84 -32.08
CA LEU J 105 -53.97 -56.17 -32.52
C LEU J 105 -52.61 -56.09 -33.24
N ALA J 106 -52.41 -54.99 -33.97
CA ALA J 106 -51.20 -54.74 -34.74
C ALA J 106 -50.37 -53.62 -34.08
N PRO J 107 -49.81 -53.89 -32.89
CA PRO J 107 -49.11 -52.81 -32.21
C PRO J 107 -48.28 -51.92 -33.13
N TYR J 108 -47.40 -52.55 -33.89
CA TYR J 108 -46.42 -51.81 -34.71
C TYR J 108 -46.94 -51.12 -35.98
N TRP J 109 -48.21 -51.30 -36.33
CA TRP J 109 -48.78 -50.61 -37.50
C TRP J 109 -48.93 -49.12 -37.20
N PHE J 110 -47.85 -48.37 -37.39
CA PHE J 110 -47.89 -46.94 -37.11
C PHE J 110 -48.56 -46.12 -38.20
N GLU J 111 -48.89 -46.72 -39.34
CA GLU J 111 -49.63 -45.98 -40.39
C GLU J 111 -51.12 -45.87 -39.99
N GLY J 112 -51.55 -46.75 -39.09
CA GLY J 112 -52.92 -46.75 -38.53
C GLY J 112 -53.14 -45.65 -37.49
N HIS J 113 -52.14 -45.37 -36.66
CA HIS J 113 -52.26 -44.28 -35.74
C HIS J 113 -52.40 -42.99 -36.53
N ARG J 114 -51.70 -42.87 -37.66
CA ARG J 114 -51.87 -41.68 -38.48
C ARG J 114 -53.30 -41.63 -39.01
N LEU J 115 -53.78 -42.73 -39.58
CA LEU J 115 -55.15 -42.72 -40.09
C LEU J 115 -56.15 -42.42 -38.98
N SER J 116 -56.07 -43.14 -37.86
CA SER J 116 -56.99 -42.89 -36.74
C SER J 116 -57.03 -41.42 -36.35
N ALA J 117 -55.90 -40.73 -36.47
CA ALA J 117 -55.85 -39.33 -36.15
C ALA J 117 -56.60 -38.49 -37.17
N GLU J 118 -56.46 -38.80 -38.47
CA GLU J 118 -57.18 -38.02 -39.49
C GLU J 118 -58.70 -38.26 -39.37
N VAL J 119 -59.10 -39.44 -38.93
CA VAL J 119 -60.53 -39.74 -38.73
C VAL J 119 -61.04 -38.84 -37.61
N ALA J 120 -60.33 -38.83 -36.48
CA ALA J 120 -60.67 -37.93 -35.40
C ALA J 120 -60.69 -36.49 -35.92
N GLU J 121 -59.64 -36.11 -36.66
CA GLU J 121 -59.50 -34.76 -37.19
C GLU J 121 -60.69 -34.32 -38.02
N LYS J 122 -61.28 -35.21 -38.82
CA LYS J 122 -62.45 -34.81 -39.62
C LYS J 122 -63.76 -34.95 -38.86
N LEU J 123 -63.74 -35.67 -37.75
CA LEU J 123 -64.90 -35.77 -36.85
C LEU J 123 -64.69 -34.82 -35.67
N GLY J 124 -64.15 -33.63 -35.98
CA GLY J 124 -63.97 -32.58 -35.00
C GLY J 124 -62.99 -32.77 -33.85
N PHE J 125 -62.83 -33.99 -33.35
CA PHE J 125 -62.00 -34.23 -32.16
C PHE J 125 -60.52 -33.91 -32.31
N GLY J 126 -60.20 -32.62 -32.36
CA GLY J 126 -58.82 -32.17 -32.45
C GLY J 126 -58.01 -32.61 -31.25
N ALA J 127 -58.54 -32.36 -30.05
CA ALA J 127 -57.86 -32.70 -28.78
C ALA J 127 -57.36 -34.14 -28.73
N VAL J 128 -58.18 -35.05 -29.23
CA VAL J 128 -57.83 -36.47 -29.28
C VAL J 128 -56.76 -36.63 -30.34
N ALA J 129 -57.03 -36.19 -31.57
CA ALA J 129 -56.06 -36.28 -32.65
C ALA J 129 -54.64 -35.99 -32.13
N GLN J 130 -54.49 -34.82 -31.52
CA GLN J 130 -53.22 -34.39 -30.97
C GLN J 130 -52.66 -35.38 -29.95
N ALA J 131 -53.52 -35.85 -29.04
CA ALA J 131 -53.12 -36.79 -27.98
C ALA J 131 -52.63 -38.14 -28.48
N ILE J 132 -52.99 -38.50 -29.72
CA ILE J 132 -52.51 -39.75 -30.32
C ILE J 132 -51.05 -39.57 -30.72
N ALA J 133 -50.81 -38.55 -31.54
CA ALA J 133 -49.49 -38.20 -32.02
C ALA J 133 -48.54 -38.19 -30.84
N GLU J 134 -48.90 -37.44 -29.81
CA GLU J 134 -48.09 -37.32 -28.59
C GLU J 134 -47.81 -38.68 -27.94
N GLU J 135 -48.78 -39.59 -27.96
CA GLU J 135 -48.55 -40.92 -27.42
C GLU J 135 -47.64 -41.77 -28.35
N LEU J 136 -47.77 -41.60 -29.66
CA LEU J 136 -46.94 -42.34 -30.62
C LEU J 136 -45.51 -41.92 -30.35
N GLY J 137 -45.30 -40.61 -30.40
CA GLY J 137 -44.00 -40.00 -30.14
C GLY J 137 -43.43 -40.50 -28.84
N THR J 138 -44.25 -40.51 -27.78
CA THR J 138 -43.86 -40.99 -26.43
C THR J 138 -43.24 -42.39 -26.47
N PHE J 139 -43.75 -43.23 -27.36
CA PHE J 139 -43.28 -44.60 -27.55
C PHE J 139 -41.96 -44.61 -28.33
N LEU J 140 -41.94 -43.89 -29.46
CA LEU J 140 -40.73 -43.78 -30.30
C LEU J 140 -39.59 -43.10 -29.57
N GLN J 141 -39.91 -42.26 -28.60
CA GLN J 141 -38.91 -41.62 -27.75
C GLN J 141 -38.43 -42.62 -26.69
N ARG J 142 -39.06 -43.79 -26.64
CA ARG J 142 -38.62 -44.82 -25.72
C ARG J 142 -37.72 -45.81 -26.45
N LEU J 143 -38.21 -46.34 -27.55
CA LEU J 143 -37.46 -47.33 -28.31
C LEU J 143 -37.27 -46.76 -29.70
N PRO J 144 -36.32 -45.82 -29.85
CA PRO J 144 -36.12 -45.14 -31.13
C PRO J 144 -35.87 -46.10 -32.27
N ALA J 145 -35.33 -47.28 -31.92
CA ALA J 145 -35.03 -48.35 -32.87
C ALA J 145 -36.21 -48.69 -33.83
N LEU J 146 -37.43 -48.33 -33.43
CA LEU J 146 -38.62 -48.60 -34.23
C LEU J 146 -38.76 -47.73 -35.47
N ARG J 147 -38.07 -46.59 -35.50
CA ARG J 147 -38.21 -45.64 -36.60
C ARG J 147 -37.76 -46.11 -37.99
N GLU J 148 -36.95 -47.19 -38.04
CA GLU J 148 -36.40 -47.71 -39.30
C GLU J 148 -36.72 -49.19 -39.63
N LEU J 149 -37.27 -49.96 -38.69
CA LEU J 149 -37.60 -51.38 -38.93
C LEU J 149 -38.69 -51.56 -39.97
N ALA J 150 -38.89 -52.81 -40.43
CA ALA J 150 -39.90 -53.12 -41.45
C ALA J 150 -40.60 -54.44 -41.22
N PHE J 151 -41.82 -54.55 -41.73
CA PHE J 151 -42.61 -55.78 -41.58
C PHE J 151 -41.98 -56.86 -42.45
N SER J 152 -42.28 -58.12 -42.14
CA SER J 152 -41.74 -59.24 -42.92
C SER J 152 -41.89 -59.02 -44.44
N ASP J 153 -42.94 -58.31 -44.88
CA ASP J 153 -43.14 -58.03 -46.31
C ASP J 153 -42.32 -56.85 -46.84
N GLY J 154 -41.43 -56.29 -46.01
CA GLY J 154 -40.60 -55.18 -46.46
C GLY J 154 -41.18 -53.80 -46.23
N SER J 155 -42.50 -53.64 -46.32
CA SER J 155 -43.12 -52.34 -46.06
C SER J 155 -42.70 -51.90 -44.66
N PRO J 156 -42.15 -50.67 -44.52
CA PRO J 156 -41.63 -50.18 -43.23
C PRO J 156 -42.66 -49.76 -42.18
N PHE J 157 -42.38 -50.08 -40.92
CA PHE J 157 -43.20 -49.69 -39.76
C PHE J 157 -43.63 -48.23 -39.81
N LEU J 158 -42.72 -47.34 -40.22
CA LEU J 158 -42.96 -45.90 -40.24
C LEU J 158 -42.68 -45.30 -41.60
N SER J 159 -43.73 -44.94 -42.31
CA SER J 159 -43.56 -44.32 -43.62
C SER J 159 -43.02 -42.89 -43.44
N PRO J 160 -42.25 -42.38 -44.43
CA PRO J 160 -41.84 -40.96 -44.41
C PRO J 160 -43.05 -39.99 -44.40
N GLU J 161 -44.18 -40.41 -44.96
CA GLU J 161 -45.41 -39.63 -44.88
C GLU J 161 -45.76 -39.54 -43.39
N CYS J 162 -45.81 -40.70 -42.75
CA CYS J 162 -46.11 -40.82 -41.33
C CYS J 162 -45.03 -40.23 -40.38
N SER J 163 -43.75 -40.28 -40.79
CA SER J 163 -42.66 -39.75 -39.94
C SER J 163 -42.60 -38.22 -39.94
N ARG J 164 -43.13 -37.61 -41.00
CA ARG J 164 -43.20 -36.16 -41.11
C ARG J 164 -44.36 -35.69 -40.23
N TRP J 165 -45.45 -36.46 -40.26
CA TRP J 165 -46.64 -36.24 -39.43
C TRP J 165 -46.30 -35.74 -38.02
N LEU J 166 -45.18 -36.15 -37.45
CA LEU J 166 -44.74 -35.65 -36.15
C LEU J 166 -43.60 -34.63 -36.36
N GLY J 180 -31.58 -18.82 -29.97
CA GLY J 180 -30.32 -18.27 -29.48
C GLY J 180 -29.12 -18.78 -30.26
N LEU J 181 -28.02 -18.99 -29.55
CA LEU J 181 -26.79 -19.50 -30.17
C LEU J 181 -26.43 -20.91 -29.68
N ALA J 182 -26.70 -21.22 -28.40
CA ALA J 182 -26.44 -22.56 -27.83
C ALA J 182 -27.31 -23.62 -28.50
N GLU J 183 -28.42 -23.17 -29.08
CA GLU J 183 -29.34 -24.02 -29.82
C GLU J 183 -28.84 -24.17 -31.29
N GLU J 184 -28.37 -23.07 -31.90
CA GLU J 184 -27.92 -23.05 -33.32
C GLU J 184 -26.54 -23.67 -33.62
N VAL J 185 -25.55 -23.35 -32.79
CA VAL J 185 -24.20 -23.87 -32.97
C VAL J 185 -24.12 -25.34 -32.55
N ALA J 186 -24.89 -25.75 -31.53
CA ALA J 186 -24.96 -27.17 -31.13
C ALA J 186 -25.84 -27.95 -32.13
N GLN J 187 -26.61 -27.23 -32.96
CA GLN J 187 -27.47 -27.80 -34.01
C GLN J 187 -26.57 -28.28 -35.16
N ARG J 188 -25.84 -27.32 -35.74
CA ARG J 188 -24.93 -27.57 -36.87
C ARG J 188 -23.90 -28.69 -36.61
N HIS J 189 -23.53 -28.93 -35.35
CA HIS J 189 -22.63 -30.04 -34.98
C HIS J 189 -23.35 -31.39 -35.15
N GLY J 190 -24.65 -31.42 -34.90
CA GLY J 190 -25.47 -32.62 -35.08
C GLY J 190 -25.76 -32.94 -36.55
N GLU J 191 -25.78 -31.90 -37.39
CA GLU J 191 -26.05 -32.00 -38.85
C GLU J 191 -24.74 -32.16 -39.65
N GLN J 192 -24.13 -31.05 -40.08
CA GLN J 192 -22.88 -31.10 -40.85
C GLN J 192 -21.74 -31.39 -39.87
N GLY J 193 -20.48 -31.20 -40.27
CA GLY J 193 -19.37 -31.47 -39.35
C GLY J 193 -19.15 -30.45 -38.24
N ILE J 194 -18.30 -30.82 -37.28
CA ILE J 194 -17.89 -29.92 -36.18
C ILE J 194 -17.16 -28.65 -36.73
N ALA J 195 -16.26 -28.82 -37.69
CA ALA J 195 -15.52 -27.69 -38.31
C ALA J 195 -16.47 -26.59 -38.85
N ALA J 196 -17.68 -26.98 -39.23
CA ALA J 196 -18.70 -26.03 -39.71
C ALA J 196 -19.36 -25.36 -38.50
N ALA J 197 -19.48 -26.11 -37.40
CA ALA J 197 -20.01 -25.61 -36.12
C ALA J 197 -19.12 -24.49 -35.56
N LEU J 198 -17.80 -24.65 -35.73
CA LEU J 198 -16.82 -23.64 -35.30
C LEU J 198 -16.76 -22.49 -36.32
N ALA J 199 -16.89 -22.83 -37.61
CA ALA J 199 -16.94 -21.84 -38.70
C ALA J 199 -18.17 -20.97 -38.47
N LEU J 200 -19.22 -21.60 -37.92
CA LEU J 200 -20.47 -20.92 -37.53
C LEU J 200 -20.26 -20.04 -36.31
N LEU J 201 -19.68 -20.60 -35.26
CA LEU J 201 -19.41 -19.84 -34.04
C LEU J 201 -18.49 -18.67 -34.39
N ASP J 202 -17.64 -18.84 -35.39
CA ASP J 202 -16.69 -17.82 -35.82
C ASP J 202 -17.33 -16.56 -36.46
N GLU J 203 -18.13 -16.78 -37.50
CA GLU J 203 -18.81 -15.68 -38.20
C GLU J 203 -19.71 -14.82 -37.28
N ARG J 204 -20.32 -15.47 -36.28
CA ARG J 204 -21.18 -14.82 -35.27
C ARG J 204 -20.36 -13.87 -34.39
N ILE J 205 -19.22 -14.37 -33.90
CA ILE J 205 -18.33 -13.62 -33.02
C ILE J 205 -17.73 -12.33 -33.61
N ALA J 206 -17.65 -12.22 -34.93
CA ALA J 206 -17.18 -10.99 -35.57
C ALA J 206 -18.27 -9.92 -35.44
N GLN J 207 -19.49 -10.37 -35.15
CA GLN J 207 -20.67 -9.51 -34.98
C GLN J 207 -21.13 -9.45 -33.49
N LEU J 208 -20.18 -9.28 -32.56
CA LEU J 208 -20.48 -9.17 -31.11
C LEU J 208 -19.41 -8.28 -30.43
N LYS J 209 -19.83 -7.14 -29.86
CA LYS J 209 -18.93 -6.16 -29.21
C LYS J 209 -18.99 -6.12 -27.69
N GLU J 210 -20.09 -6.58 -27.10
CA GLU J 210 -20.21 -6.64 -25.66
C GLU J 210 -19.69 -7.98 -25.16
N PRO J 211 -18.62 -7.96 -24.34
CA PRO J 211 -17.94 -9.18 -23.87
C PRO J 211 -18.79 -10.11 -23.02
N ARG J 212 -19.95 -9.66 -22.59
CA ARG J 212 -20.87 -10.57 -21.96
C ARG J 212 -21.30 -11.59 -23.02
N ASP J 213 -21.59 -11.09 -24.24
CA ASP J 213 -22.03 -11.92 -25.39
C ASP J 213 -20.95 -12.95 -25.78
N ARG J 214 -19.73 -12.43 -25.91
CA ARG J 214 -18.57 -13.19 -26.32
C ARG J 214 -18.16 -14.18 -25.25
N PHE J 215 -18.34 -13.81 -23.99
CA PHE J 215 -18.05 -14.75 -22.93
C PHE J 215 -18.98 -15.93 -23.09
N HIS J 216 -20.27 -15.67 -23.32
CA HIS J 216 -21.24 -16.75 -23.56
C HIS J 216 -20.88 -17.50 -24.84
N ALA J 217 -20.42 -16.75 -25.85
CA ALA J 217 -19.96 -17.34 -27.12
C ALA J 217 -18.87 -18.39 -26.83
N LEU J 218 -17.88 -18.01 -26.03
CA LEU J 218 -16.82 -18.93 -25.65
C LEU J 218 -17.39 -20.01 -24.74
N LEU J 219 -18.47 -19.68 -24.04
CA LEU J 219 -19.11 -20.65 -23.17
C LEU J 219 -19.71 -21.78 -24.01
N VAL J 220 -20.26 -21.41 -25.18
CA VAL J 220 -20.84 -22.35 -26.15
C VAL J 220 -19.82 -23.40 -26.63
N GLN J 221 -18.60 -22.93 -26.90
CA GLN J 221 -17.48 -23.78 -27.32
C GLN J 221 -17.07 -24.82 -26.21
N ALA J 222 -17.43 -24.55 -24.96
CA ALA J 222 -17.17 -25.47 -23.83
C ALA J 222 -18.13 -26.67 -23.88
N GLU J 223 -19.35 -26.39 -24.33
CA GLU J 223 -20.42 -27.38 -24.45
C GLU J 223 -20.29 -28.16 -25.77
N LEU J 224 -20.12 -27.45 -26.89
CA LEU J 224 -19.95 -28.04 -28.24
C LEU J 224 -18.81 -29.07 -28.28
N LEU J 225 -17.72 -28.75 -27.60
CA LEU J 225 -16.56 -29.62 -27.53
C LEU J 225 -16.77 -30.74 -26.50
N ALA J 226 -17.41 -30.43 -25.37
CA ALA J 226 -17.64 -31.45 -24.34
C ALA J 226 -18.60 -32.56 -24.76
N GLN J 227 -19.50 -32.22 -25.71
CA GLN J 227 -20.50 -33.16 -26.28
C GLN J 227 -19.94 -33.87 -27.54
N GLU J 228 -18.70 -33.53 -27.91
CA GLU J 228 -17.98 -34.12 -29.05
C GLU J 228 -17.25 -35.39 -28.64
N GLY J 229 -16.78 -35.40 -27.40
CA GLY J 229 -16.01 -36.52 -26.82
C GLY J 229 -14.83 -36.00 -26.01
N MET J 230 -14.36 -34.81 -26.38
CA MET J 230 -13.22 -34.15 -25.72
C MET J 230 -13.55 -33.59 -24.33
N GLU J 231 -13.14 -34.35 -23.30
CA GLU J 231 -13.38 -34.03 -21.89
C GLU J 231 -12.21 -33.18 -21.31
N ALA J 232 -11.03 -33.25 -21.93
CA ALA J 232 -9.84 -32.51 -21.44
C ALA J 232 -9.71 -31.07 -21.96
N LEU J 233 -9.67 -30.86 -23.27
CA LEU J 233 -9.57 -29.51 -23.85
C LEU J 233 -10.81 -28.63 -23.54
N ALA J 234 -11.94 -29.25 -23.20
CA ALA J 234 -13.13 -28.50 -22.80
C ALA J 234 -12.91 -28.03 -21.36
N ARG J 235 -12.56 -28.95 -20.47
CA ARG J 235 -12.28 -28.66 -19.04
C ARG J 235 -11.32 -27.48 -18.85
N GLN J 236 -10.44 -27.25 -19.84
CA GLN J 236 -9.51 -26.11 -19.82
C GLN J 236 -10.10 -24.91 -20.61
N HIS J 237 -11.40 -24.68 -20.39
CA HIS J 237 -12.12 -23.48 -20.82
C HIS J 237 -13.08 -23.11 -19.69
N TYR J 238 -13.54 -24.12 -18.95
CA TYR J 238 -14.33 -23.90 -17.74
C TYR J 238 -13.39 -23.27 -16.71
N GLN J 239 -12.09 -23.54 -16.82
CA GLN J 239 -11.12 -22.94 -15.94
C GLN J 239 -10.86 -21.50 -16.36
N HIS J 240 -10.60 -21.26 -17.65
CA HIS J 240 -10.35 -19.90 -18.20
C HIS J 240 -11.58 -19.00 -18.34
N LEU J 241 -12.69 -19.45 -17.76
CA LEU J 241 -13.95 -18.71 -17.69
C LEU J 241 -14.38 -18.56 -16.21
N TRP J 242 -14.39 -19.64 -15.44
CA TRP J 242 -14.69 -19.60 -13.99
C TRP J 242 -13.75 -18.67 -13.24
N GLN J 243 -12.49 -18.62 -13.64
CA GLN J 243 -11.53 -17.66 -13.08
C GLN J 243 -11.92 -16.32 -13.65
N GLU J 244 -11.92 -16.20 -14.97
CA GLU J 244 -12.28 -14.96 -15.68
C GLU J 244 -13.59 -14.31 -15.19
N ALA J 245 -14.55 -15.11 -14.72
CA ALA J 245 -15.79 -14.56 -14.20
C ALA J 245 -15.56 -14.08 -12.75
N SER J 246 -15.38 -15.02 -11.81
CA SER J 246 -15.11 -14.64 -10.41
C SER J 246 -14.22 -13.39 -10.33
N ARG J 247 -13.19 -13.35 -11.18
CA ARG J 247 -12.25 -12.20 -11.36
C ARG J 247 -12.96 -10.92 -11.85
N LEU J 248 -14.02 -11.07 -12.65
CA LEU J 248 -14.87 -9.96 -13.10
C LEU J 248 -15.94 -9.61 -12.06
N GLY J 249 -16.03 -10.45 -11.01
CA GLY J 249 -16.97 -10.27 -9.91
C GLY J 249 -18.42 -10.60 -10.21
N LEU J 250 -18.66 -11.56 -11.09
CA LEU J 250 -20.04 -11.91 -11.45
C LEU J 250 -20.61 -12.88 -10.42
N SER J 251 -19.88 -13.11 -9.36
CA SER J 251 -20.43 -13.86 -8.26
C SER J 251 -21.47 -12.95 -7.56
N HIS J 252 -21.33 -11.63 -7.75
CA HIS J 252 -22.21 -10.63 -7.17
C HIS J 252 -23.14 -10.04 -8.25
N TRP J 253 -23.68 -10.89 -9.12
CA TRP J 253 -24.58 -10.49 -10.27
C TRP J 253 -24.50 -11.62 -11.28
N GLU J 254 -25.51 -12.48 -11.32
CA GLU J 254 -25.52 -13.62 -12.23
C GLU J 254 -24.66 -14.82 -11.78
N PRO J 255 -24.72 -15.18 -10.49
CA PRO J 255 -23.97 -16.28 -9.92
C PRO J 255 -24.49 -17.70 -10.27
N GLY J 256 -25.56 -17.80 -11.06
CA GLY J 256 -25.97 -19.12 -11.53
C GLY J 256 -24.85 -19.53 -12.47
N LEU J 257 -24.57 -18.64 -13.43
CA LEU J 257 -23.49 -18.81 -14.40
C LEU J 257 -22.24 -19.31 -13.73
N VAL J 258 -21.73 -18.51 -12.81
CA VAL J 258 -20.49 -18.82 -12.11
C VAL J 258 -20.53 -20.14 -11.34
N ASN J 259 -21.58 -20.38 -10.56
CA ASN J 259 -21.62 -21.61 -9.79
C ASN J 259 -21.74 -22.88 -10.63
N ARG J 260 -22.29 -22.76 -11.84
CA ARG J 260 -22.33 -23.91 -12.75
C ARG J 260 -20.99 -24.00 -13.51
N LEU J 261 -20.36 -22.88 -13.80
CA LEU J 261 -19.02 -22.93 -14.39
C LEU J 261 -18.11 -23.69 -13.44
N GLU J 262 -18.23 -23.39 -12.15
CA GLU J 262 -17.40 -24.02 -11.12
C GLU J 262 -17.38 -25.55 -11.13
N SER J 263 -18.49 -26.18 -10.72
CA SER J 263 -18.54 -27.64 -10.66
C SER J 263 -18.10 -28.38 -11.96
N LEU J 264 -18.12 -27.67 -13.10
CA LEU J 264 -17.68 -28.19 -14.40
C LEU J 264 -16.15 -28.21 -14.59
N ALA J 265 -15.47 -27.12 -14.25
CA ALA J 265 -14.03 -27.07 -14.36
C ALA J 265 -13.42 -28.13 -13.41
N ALA J 266 -13.91 -28.20 -12.17
CA ALA J 266 -13.46 -29.18 -11.16
C ALA J 266 -11.95 -29.44 -11.14
#